data_4WSV
#
_entry.id   4WSV
#
_cell.length_a   186.438
_cell.length_b   99.584
_cell.length_c   134.216
_cell.angle_alpha   90.00
_cell.angle_beta   125.96
_cell.angle_gamma   90.00
#
_symmetry.space_group_name_H-M   'C 1 2 1'
#
loop_
_entity.id
_entity.type
_entity.pdbx_description
1 polymer 'Hemagglutinin HA1 chain'
2 polymer 'Hemagglutinin HA2 chain'
3 non-polymer 2-acetamido-2-deoxy-beta-D-glucopyranose
4 non-polymer 'N-acetyl-alpha-neuraminic acid'
#
loop_
_entity_poly.entity_id
_entity_poly.type
_entity_poly.pdbx_seq_one_letter_code
_entity_poly.pdbx_strand_id
1 'polypeptide(L)'
;ADLGSDKICIGYHANNSTTQVDTLLEKNVTVTHSVELLENQKEKRFCKIMNKAPLDLKDCTIEGWILGNPKCDLLLGDQS
WSYIVERPNAQNGICYPGVLNELEELKAFIGSGERVERFEMFPKSTWAGVDTSRGVTNACPSYTIDSSFYRNLVWIVKTD
SATYPVIKGTYNNTGTQPILYFWGVHHPLDTTVQDNLYGSGDKYVRMGTESMNFAKSPEIAARPAVNGQRSRIDYYWSVL
RPGETLNVESNGNLIAPWYAYKFVSTNKKGAVFKSDLPIENCDATCQTITGVLRTNKTFQNVSPLWIGECPKYVKSESLR
LATGLRNVPQIATR
;
A,C,E
2 'polypeptide(L)'
;GIFGAIAGFIEGGWTGMIDGWYGYHHENSQGSGYAADRESTQKAIDGITNKVNSIINKMNTQFEAVDHEFSNLERRIGNL
NKRMEDGFLDVWTYNAELLVLLENERTLDLHDANVKNLYEKVKSQLRDNANDLGNGCFEFWHKCDNECMESVKNGTYDYP
KYQKESKLNRQGIESGRLVPR
;
B,D,F
#
loop_
_chem_comp.id
_chem_comp.type
_chem_comp.name
_chem_comp.formula
NAG D-saccharide, beta linking 2-acetamido-2-deoxy-beta-D-glucopyranose 'C8 H15 N O6'
SIA D-saccharide, alpha linking 'N-acetyl-alpha-neuraminic acid' 'C11 H19 N O9'
#
# COMPACT_ATOMS: atom_id res chain seq x y z
N SER A 5 -52.66 35.34 24.69
CA SER A 5 -52.51 33.94 25.08
C SER A 5 -51.05 33.56 25.29
N ASP A 6 -50.81 32.64 26.22
CA ASP A 6 -49.45 32.25 26.56
C ASP A 6 -48.87 31.26 25.55
N LYS A 7 -47.62 31.50 25.17
CA LYS A 7 -46.97 30.73 24.11
C LYS A 7 -45.69 30.06 24.62
N ILE A 8 -45.47 28.80 24.23
CA ILE A 8 -44.17 28.17 24.39
C ILE A 8 -43.75 27.47 23.11
N CYS A 9 -42.52 27.73 22.67
CA CYS A 9 -42.05 27.16 21.42
C CYS A 9 -40.80 26.31 21.60
N ILE A 10 -40.64 25.32 20.74
CA ILE A 10 -39.42 24.53 20.73
C ILE A 10 -38.55 25.02 19.57
N GLY A 11 -37.25 25.07 19.78
CA GLY A 11 -36.34 25.58 18.77
C GLY A 11 -34.89 25.25 19.02
N TYR A 12 -34.01 25.92 18.28
CA TYR A 12 -32.60 25.58 18.27
C TYR A 12 -31.71 26.80 18.08
N HIS A 13 -30.43 26.64 18.44
CA HIS A 13 -29.46 27.72 18.47
C HIS A 13 -29.15 28.32 17.10
N ALA A 14 -28.73 29.58 17.11
CA ALA A 14 -28.21 30.26 15.95
C ALA A 14 -27.23 31.32 16.40
N ASN A 15 -26.43 31.76 15.44
CA ASN A 15 -25.41 32.75 15.69
C ASN A 15 -24.99 33.41 14.40
N ASN A 16 -23.98 34.27 14.48
CA ASN A 16 -23.47 35.03 13.32
C ASN A 16 -22.39 34.39 12.56
N SER A 17 -22.23 33.09 12.77
CA SER A 17 -21.30 32.23 12.08
C SER A 17 -21.56 32.16 10.59
N THR A 18 -20.49 32.14 9.82
CA THR A 18 -20.62 31.90 8.40
C THR A 18 -19.76 30.72 7.93
N THR A 19 -19.21 29.96 8.87
CA THR A 19 -18.36 28.82 8.55
C THR A 19 -19.20 27.69 7.97
N GLN A 20 -18.79 27.19 6.81
CA GLN A 20 -19.56 26.17 6.10
C GLN A 20 -18.86 24.81 6.09
N VAL A 21 -19.67 23.76 5.96
CA VAL A 21 -19.15 22.40 5.80
C VAL A 21 -19.81 21.73 4.60
N ASP A 22 -19.29 20.57 4.22
CA ASP A 22 -19.90 19.79 3.15
C ASP A 22 -20.43 18.47 3.69
N THR A 23 -21.54 18.02 3.11
CA THR A 23 -22.07 16.69 3.38
C THR A 23 -22.27 15.98 2.05
N LEU A 24 -22.47 14.67 2.11
CA LEU A 24 -22.82 13.89 0.94
C LEU A 24 -24.04 14.47 0.22
N LEU A 25 -24.94 15.05 1.00
CA LEU A 25 -26.24 15.47 0.49
C LEU A 25 -26.28 16.94 0.07
N GLU A 26 -25.32 17.72 0.56
CA GLU A 26 -25.38 19.17 0.38
C GLU A 26 -24.02 19.82 0.57
N LYS A 27 -23.60 20.59 -0.42
CA LYS A 27 -22.32 21.31 -0.34
C LYS A 27 -22.56 22.69 0.24
N ASN A 28 -21.49 23.37 0.65
CA ASN A 28 -21.58 24.69 1.25
C ASN A 28 -22.72 24.85 2.27
N VAL A 29 -22.65 24.17 3.40
CA VAL A 29 -23.69 24.27 4.43
C VAL A 29 -23.22 25.04 5.65
N THR A 30 -23.87 26.17 5.94
CA THR A 30 -23.48 26.98 7.10
C THR A 30 -23.91 26.29 8.39
N VAL A 31 -22.99 26.22 9.34
CA VAL A 31 -23.29 25.63 10.65
C VAL A 31 -22.82 26.52 11.79
N THR A 32 -23.34 26.25 12.99
CA THR A 32 -23.10 27.11 14.14
C THR A 32 -21.73 26.87 14.76
N HIS A 33 -21.26 25.63 14.71
CA HIS A 33 -19.97 25.28 15.26
C HIS A 33 -19.33 24.19 14.41
N SER A 34 -18.03 24.33 14.15
CA SER A 34 -17.28 23.29 13.45
C SER A 34 -15.85 23.23 13.93
N VAL A 35 -15.09 22.27 13.42
CA VAL A 35 -13.70 22.12 13.80
C VAL A 35 -12.88 21.72 12.57
N GLU A 36 -11.73 22.37 12.40
CA GLU A 36 -10.84 22.04 11.29
C GLU A 36 -9.84 21.00 11.76
N LEU A 37 -9.74 19.91 10.99
CA LEU A 37 -8.89 18.79 11.38
C LEU A 37 -7.56 18.80 10.63
N LEU A 38 -7.41 19.75 9.71
CA LEU A 38 -6.26 19.76 8.82
C LEU A 38 -5.43 21.03 8.96
N GLU A 39 -4.13 20.85 9.16
CA GLU A 39 -3.20 21.96 9.27
C GLU A 39 -2.59 22.28 7.90
N ASN A 40 -2.49 23.57 7.59
CA ASN A 40 -1.79 23.99 6.37
C ASN A 40 -0.89 25.19 6.62
N GLN A 41 -0.42 25.33 7.86
CA GLN A 41 0.54 26.39 8.19
C GLN A 41 1.87 25.82 8.62
N LYS A 42 2.92 26.59 8.34
CA LYS A 42 4.29 26.10 8.47
C LYS A 42 5.26 27.27 8.63
N GLU A 43 6.11 27.22 9.64
CA GLU A 43 7.26 28.12 9.66
C GLU A 43 8.27 27.57 8.66
N LYS A 44 8.73 28.42 7.75
CA LYS A 44 9.58 27.96 6.66
C LYS A 44 11.05 28.01 7.04
N ARG A 45 11.47 27.00 7.81
CA ARG A 45 12.81 26.93 8.35
C ARG A 45 13.08 25.54 8.91
N PHE A 46 14.31 25.31 9.34
CA PHE A 46 14.66 24.04 9.96
C PHE A 46 15.02 24.29 11.41
N CYS A 47 14.47 23.48 12.30
CA CYS A 47 14.67 23.68 13.72
C CYS A 47 15.27 22.41 14.29
N LYS A 48 15.77 22.44 15.53
CA LYS A 48 16.31 21.22 16.11
C LYS A 48 15.18 20.30 16.58
N ILE A 49 15.54 19.04 16.78
CA ILE A 49 14.59 18.01 17.20
C ILE A 49 15.19 17.12 18.29
N MET A 50 14.43 16.92 19.36
CA MET A 50 14.87 16.32 20.62
C MET A 50 16.05 17.15 21.16
N ASN A 51 15.93 18.45 20.85
CA ASN A 51 16.86 19.57 21.01
C ASN A 51 18.22 19.35 20.34
N LYS A 52 18.41 18.18 19.73
CA LYS A 52 19.55 17.98 18.84
C LYS A 52 19.35 18.72 17.51
N ALA A 53 20.39 19.39 17.07
CA ALA A 53 20.35 20.23 15.88
C ALA A 53 20.66 19.46 14.61
N PRO A 54 20.20 19.97 13.45
CA PRO A 54 20.52 19.26 12.21
C PRO A 54 21.95 19.50 11.77
N LEU A 55 22.39 18.78 10.74
CA LEU A 55 23.72 19.00 10.18
C LEU A 55 23.62 19.66 8.81
N ASP A 56 24.08 20.91 8.74
CA ASP A 56 24.07 21.66 7.49
C ASP A 56 25.32 21.36 6.69
N LEU A 57 25.17 20.69 5.56
CA LEU A 57 26.31 20.33 4.71
C LEU A 57 26.75 21.50 3.83
N LYS A 58 26.02 22.60 3.93
CA LYS A 58 26.43 23.89 3.36
C LYS A 58 26.72 23.83 1.85
N ASP A 59 27.99 23.91 1.48
CA ASP A 59 28.36 23.80 0.07
C ASP A 59 29.03 22.48 -0.26
N CYS A 60 28.78 21.47 0.58
CA CYS A 60 29.21 20.10 0.31
C CYS A 60 28.05 19.16 0.00
N THR A 61 28.35 18.07 -0.72
CA THR A 61 27.43 16.93 -0.78
C THR A 61 27.84 15.88 0.25
N ILE A 62 26.96 14.94 0.54
CA ILE A 62 27.26 13.83 1.44
C ILE A 62 28.56 13.15 1.04
N GLU A 63 28.71 12.88 -0.26
CA GLU A 63 29.94 12.33 -0.81
C GLU A 63 31.15 13.14 -0.39
N GLY A 64 31.12 14.44 -0.67
CA GLY A 64 32.20 15.34 -0.30
C GLY A 64 32.51 15.31 1.18
N TRP A 65 31.47 15.47 1.99
CA TRP A 65 31.60 15.43 3.45
C TRP A 65 32.29 14.16 3.95
N ILE A 66 31.78 13.01 3.51
CA ILE A 66 32.16 11.74 4.12
C ILE A 66 33.45 11.15 3.52
N LEU A 67 33.86 11.66 2.36
CA LEU A 67 35.14 11.27 1.76
C LEU A 67 36.26 12.17 2.24
N GLY A 68 35.89 13.39 2.65
CA GLY A 68 36.87 14.35 3.13
C GLY A 68 37.48 15.18 2.03
N ASN A 69 36.64 15.66 1.13
CA ASN A 69 37.05 16.68 0.16
C ASN A 69 37.70 17.84 0.90
N PRO A 70 38.84 18.33 0.39
CA PRO A 70 39.56 19.44 1.02
C PRO A 70 38.68 20.67 1.26
N LYS A 71 37.85 21.04 0.28
CA LYS A 71 36.95 22.19 0.44
C LYS A 71 35.83 21.95 1.46
N CYS A 72 35.81 20.76 2.06
CA CYS A 72 34.80 20.42 3.06
C CYS A 72 35.38 20.30 4.46
N ASP A 73 36.40 21.11 4.75
CA ASP A 73 37.10 21.04 6.02
C ASP A 73 36.22 21.51 7.17
N LEU A 74 35.35 22.49 6.86
CA LEU A 74 34.32 22.97 7.77
C LEU A 74 33.60 21.87 8.53
N LEU A 75 33.39 20.73 7.86
CA LEU A 75 32.59 19.64 8.39
C LEU A 75 33.45 18.54 9.02
N LEU A 76 34.76 18.71 8.98
CA LEU A 76 35.70 17.69 9.41
C LEU A 76 35.60 17.42 10.92
N GLY A 77 35.74 16.16 11.30
CA GLY A 77 35.72 15.77 12.70
C GLY A 77 34.43 15.10 13.14
N ASP A 78 34.13 15.18 14.44
CA ASP A 78 32.93 14.56 14.98
C ASP A 78 31.70 15.35 14.59
N GLN A 79 30.56 14.67 14.45
CA GLN A 79 29.32 15.32 14.10
C GLN A 79 28.12 14.65 14.75
N SER A 80 27.25 15.45 15.36
CA SER A 80 25.96 14.96 15.85
C SER A 80 24.83 15.66 15.10
N TRP A 81 23.75 14.93 14.82
CA TRP A 81 22.64 15.52 14.09
C TRP A 81 21.32 14.79 14.33
N SER A 82 20.24 15.58 14.36
CA SER A 82 18.90 15.03 14.43
C SER A 82 18.46 14.65 13.02
N TYR A 83 18.92 15.44 12.05
CA TYR A 83 18.76 15.11 10.64
C TYR A 83 19.82 15.84 9.81
N ILE A 84 19.73 15.70 8.50
CA ILE A 84 20.78 16.22 7.62
C ILE A 84 20.21 17.07 6.49
N VAL A 85 20.74 18.27 6.35
CA VAL A 85 20.27 19.20 5.33
C VAL A 85 21.30 19.37 4.22
N GLU A 86 21.00 18.80 3.06
CA GLU A 86 21.87 18.92 1.90
C GLU A 86 21.27 20.00 1.01
N ARG A 87 22.06 20.99 0.62
CA ARG A 87 21.52 22.07 -0.17
C ARG A 87 21.64 21.67 -1.65
N PRO A 88 20.69 22.10 -2.50
CA PRO A 88 20.45 21.46 -3.80
C PRO A 88 21.55 21.57 -4.86
N ASN A 89 22.31 22.66 -4.82
CA ASN A 89 23.39 22.91 -5.76
C ASN A 89 24.77 23.13 -5.13
N ALA A 90 25.01 22.32 -4.10
CA ALA A 90 26.28 22.21 -3.42
C ALA A 90 27.26 21.56 -4.40
N GLN A 91 28.46 22.13 -4.47
CA GLN A 91 29.39 21.79 -5.53
C GLN A 91 30.56 20.91 -5.10
N ASN A 92 30.82 20.83 -3.80
CA ASN A 92 31.96 20.03 -3.37
C ASN A 92 31.56 18.60 -3.02
N GLY A 93 31.83 17.70 -3.96
CA GLY A 93 31.58 16.28 -3.79
C GLY A 93 32.80 15.46 -4.17
N ILE A 94 32.64 14.60 -5.17
CA ILE A 94 33.75 13.80 -5.67
C ILE A 94 34.60 14.61 -6.64
N CYS A 95 35.69 15.17 -6.13
CA CYS A 95 36.58 16.01 -6.92
C CYS A 95 37.27 15.24 -8.06
N TYR A 96 37.97 14.17 -7.70
CA TYR A 96 38.67 13.35 -8.69
C TYR A 96 37.68 12.37 -9.31
N PRO A 97 37.48 12.44 -10.63
CA PRO A 97 36.37 11.74 -11.30
C PRO A 97 36.36 10.24 -11.04
N GLY A 98 35.17 9.70 -10.79
CA GLY A 98 35.01 8.31 -10.48
C GLY A 98 33.66 8.00 -9.85
N VAL A 99 33.32 6.73 -9.76
CA VAL A 99 32.04 6.32 -9.21
C VAL A 99 32.18 5.84 -7.77
N LEU A 100 31.31 6.34 -6.89
CA LEU A 100 31.22 5.86 -5.52
C LEU A 100 30.25 4.68 -5.45
N ASN A 101 30.79 3.48 -5.27
CA ASN A 101 29.99 2.26 -5.25
C ASN A 101 28.87 2.26 -4.22
N GLU A 102 27.69 1.80 -4.65
CA GLU A 102 26.51 1.70 -3.80
C GLU A 102 26.21 3.03 -3.11
N LEU A 103 26.29 4.11 -3.90
CA LEU A 103 26.11 5.47 -3.39
C LEU A 103 24.77 5.66 -2.66
N GLU A 104 23.72 5.06 -3.20
CA GLU A 104 22.38 5.22 -2.65
C GLU A 104 22.24 4.50 -1.31
N GLU A 105 22.82 3.31 -1.23
CA GLU A 105 22.81 2.55 0.01
C GLU A 105 23.69 3.23 1.07
N LEU A 106 24.69 3.98 0.62
CA LEU A 106 25.53 4.76 1.53
C LEU A 106 24.81 5.98 2.06
N LYS A 107 24.20 6.75 1.15
CA LYS A 107 23.42 7.92 1.54
C LYS A 107 22.30 7.52 2.50
N ALA A 108 21.83 6.29 2.38
CA ALA A 108 20.78 5.77 3.24
C ALA A 108 21.31 5.29 4.59
N PHE A 109 22.48 4.64 4.58
CA PHE A 109 23.08 4.15 5.83
C PHE A 109 23.48 5.31 6.73
N ILE A 110 24.00 6.36 6.13
CA ILE A 110 24.39 7.55 6.87
C ILE A 110 23.17 8.20 7.50
N GLY A 111 22.08 8.29 6.73
CA GLY A 111 20.80 8.75 7.24
C GLY A 111 20.33 8.06 8.52
N SER A 112 20.62 6.76 8.63
CA SER A 112 20.21 5.98 9.79
C SER A 112 21.04 6.24 11.04
N GLY A 113 21.90 7.26 11.01
CA GLY A 113 22.77 7.55 12.13
C GLY A 113 22.51 8.88 12.80
N GLU A 114 23.18 9.10 13.93
CA GLU A 114 23.02 10.36 14.66
C GLU A 114 24.35 10.97 15.14
N ARG A 115 25.39 10.15 15.24
CA ARG A 115 26.73 10.72 15.47
C ARG A 115 27.81 9.92 14.72
N VAL A 116 28.93 10.57 14.43
CA VAL A 116 30.12 9.92 13.92
C VAL A 116 31.33 10.45 14.67
N GLU A 117 32.32 9.59 14.89
CA GLU A 117 33.58 10.05 15.45
C GLU A 117 34.70 9.73 14.49
N ARG A 118 35.37 10.77 13.99
CA ARG A 118 36.47 10.59 13.05
C ARG A 118 37.69 10.07 13.82
N PHE A 119 38.46 9.20 13.19
CA PHE A 119 39.63 8.62 13.85
C PHE A 119 40.56 7.99 12.82
N GLU A 120 41.86 8.07 13.08
CA GLU A 120 42.85 7.49 12.18
C GLU A 120 42.79 5.97 12.24
N MET A 121 42.27 5.37 11.19
CA MET A 121 42.11 3.92 11.12
C MET A 121 43.39 3.25 10.65
N PHE A 122 44.03 3.86 9.65
CA PHE A 122 45.30 3.37 9.13
C PHE A 122 46.30 4.51 8.99
N PRO A 123 47.26 4.60 9.92
CA PRO A 123 48.33 5.61 9.79
C PRO A 123 49.12 5.41 8.50
N LYS A 124 49.74 6.46 7.98
CA LYS A 124 50.55 6.35 6.77
C LYS A 124 51.72 5.40 7.04
N SER A 125 52.10 5.33 8.31
CA SER A 125 53.02 4.32 8.83
C SER A 125 52.74 2.90 8.35
N THR A 126 51.46 2.55 8.25
CA THR A 126 51.02 1.17 8.01
C THR A 126 51.64 0.56 6.76
N TRP A 127 51.90 1.39 5.76
CA TRP A 127 52.27 0.91 4.43
C TRP A 127 53.78 0.99 4.19
N ALA A 128 54.42 -0.18 4.15
CA ALA A 128 55.88 -0.26 4.06
C ALA A 128 56.39 -0.15 2.63
N GLY A 129 57.46 0.64 2.45
CA GLY A 129 58.19 0.68 1.19
C GLY A 129 57.45 1.43 0.09
N VAL A 130 56.72 2.47 0.47
CA VAL A 130 55.91 3.21 -0.48
C VAL A 130 55.87 4.68 -0.10
N ASP A 131 55.60 5.54 -1.08
CA ASP A 131 55.62 6.97 -0.83
C ASP A 131 54.20 7.48 -0.60
N THR A 132 53.91 7.84 0.64
CA THR A 132 52.60 8.32 1.04
C THR A 132 52.58 9.85 1.10
N SER A 133 53.62 10.47 0.58
CA SER A 133 53.79 11.91 0.71
C SER A 133 53.41 12.62 -0.58
N ARG A 134 53.55 11.92 -1.70
CA ARG A 134 52.84 12.29 -2.91
C ARG A 134 51.46 11.63 -2.86
N GLY A 135 50.61 11.94 -3.83
CA GLY A 135 49.26 11.41 -3.84
C GLY A 135 48.29 12.56 -3.69
N VAL A 136 48.36 13.46 -4.65
CA VAL A 136 47.81 14.81 -4.55
C VAL A 136 47.55 15.22 -5.99
N THR A 137 46.55 16.06 -6.24
CA THR A 137 46.11 16.33 -7.61
C THR A 137 45.27 17.61 -7.69
N ASN A 138 45.38 18.36 -8.80
CA ASN A 138 44.65 19.63 -8.97
C ASN A 138 43.15 19.45 -9.32
N ALA A 139 42.72 18.23 -9.52
CA ALA A 139 41.28 17.94 -9.61
C ALA A 139 40.61 18.04 -8.25
N CYS A 140 41.46 18.09 -7.22
CA CYS A 140 41.01 18.06 -5.84
C CYS A 140 41.64 19.16 -4.97
N PRO A 141 41.43 20.43 -5.35
CA PRO A 141 42.10 21.54 -4.64
C PRO A 141 41.48 21.85 -3.29
N SER A 142 42.25 22.47 -2.40
CA SER A 142 41.70 23.14 -1.22
C SER A 142 41.37 24.59 -1.58
N TYR A 143 40.94 25.36 -0.58
CA TYR A 143 40.74 26.79 -0.78
C TYR A 143 42.06 27.57 -0.73
N THR A 144 43.15 26.89 -0.39
CA THR A 144 44.45 27.54 -0.27
C THR A 144 45.54 26.85 -1.09
N ILE A 145 45.30 25.58 -1.44
CA ILE A 145 46.27 24.84 -2.24
C ILE A 145 45.56 24.15 -3.41
N ASP A 146 45.74 24.69 -4.61
CA ASP A 146 45.03 24.23 -5.79
C ASP A 146 45.50 22.85 -6.26
N SER A 147 46.12 22.10 -5.36
CA SER A 147 46.45 20.70 -5.61
C SER A 147 46.46 19.93 -4.29
N SER A 148 45.39 19.18 -4.02
CA SER A 148 45.27 18.45 -2.76
C SER A 148 44.63 17.08 -2.97
N PHE A 149 44.15 16.47 -1.88
CA PHE A 149 43.47 15.18 -1.96
C PHE A 149 42.57 14.96 -0.75
N TYR A 150 41.67 13.98 -0.84
CA TYR A 150 40.72 13.68 0.21
C TYR A 150 41.40 13.46 1.57
N ARG A 151 40.72 13.88 2.63
CA ARG A 151 41.31 13.87 3.97
C ARG A 151 41.18 12.53 4.67
N ASN A 152 40.30 11.67 4.15
CA ASN A 152 40.12 10.34 4.73
C ASN A 152 40.77 9.23 3.90
N LEU A 153 41.53 9.62 2.89
CA LEU A 153 42.17 8.65 2.01
C LEU A 153 43.63 8.99 1.75
N VAL A 154 44.41 7.99 1.33
CA VAL A 154 45.79 8.20 0.95
C VAL A 154 46.07 7.60 -0.43
N TRP A 155 46.53 8.44 -1.35
CA TRP A 155 46.93 7.98 -2.68
C TRP A 155 48.38 7.50 -2.63
N ILE A 156 48.56 6.20 -2.42
CA ILE A 156 49.88 5.61 -2.28
C ILE A 156 50.56 5.35 -3.62
N VAL A 157 51.78 5.82 -3.79
CA VAL A 157 52.57 5.52 -4.98
C VAL A 157 53.95 4.96 -4.63
N LYS A 158 54.59 4.34 -5.63
CA LYS A 158 55.98 3.90 -5.53
C LYS A 158 56.97 5.04 -5.26
N THR A 159 58.02 4.75 -4.48
CA THR A 159 59.17 5.65 -4.33
C THR A 159 60.05 5.71 -5.58
N ASP A 160 60.74 6.83 -5.77
CA ASP A 160 61.66 7.07 -6.90
C ASP A 160 62.43 5.81 -7.30
N SER A 161 63.11 5.22 -6.34
CA SER A 161 63.92 4.00 -6.45
C SER A 161 63.29 2.68 -6.90
N ALA A 162 62.41 2.20 -6.04
CA ALA A 162 62.18 0.78 -5.81
C ALA A 162 61.10 0.20 -6.67
N THR A 163 60.58 -0.92 -6.20
CA THR A 163 59.43 -1.56 -6.79
C THR A 163 58.28 -1.36 -5.82
N TYR A 164 57.06 -1.26 -6.33
CA TYR A 164 55.90 -1.13 -5.47
C TYR A 164 55.73 -2.47 -4.77
N PRO A 165 56.12 -2.55 -3.48
CA PRO A 165 56.14 -3.84 -2.80
C PRO A 165 54.75 -4.27 -2.38
N VAL A 166 54.59 -5.53 -2.01
CA VAL A 166 53.37 -5.95 -1.35
C VAL A 166 53.22 -5.11 -0.09
N ILE A 167 52.04 -4.55 0.12
CA ILE A 167 51.80 -3.78 1.33
C ILE A 167 50.61 -4.37 2.07
N LYS A 168 50.70 -4.35 3.39
CA LYS A 168 49.68 -4.95 4.23
C LYS A 168 49.26 -4.02 5.35
N GLY A 169 48.02 -4.20 5.80
CA GLY A 169 47.47 -3.44 6.90
C GLY A 169 46.36 -4.22 7.55
N THR A 170 46.21 -4.06 8.85
CA THR A 170 45.14 -4.74 9.57
C THR A 170 44.57 -3.84 10.66
N TYR A 171 43.27 -3.99 10.92
CA TYR A 171 42.62 -3.29 12.01
C TYR A 171 41.56 -4.17 12.64
N ASN A 172 41.70 -4.40 13.94
CA ASN A 172 40.75 -5.17 14.73
C ASN A 172 39.79 -4.21 15.43
N ASN A 173 38.53 -4.18 15.01
CA ASN A 173 37.53 -3.37 15.68
C ASN A 173 37.18 -3.94 17.04
N THR A 174 37.90 -3.48 18.06
CA THR A 174 37.70 -3.96 19.42
C THR A 174 36.66 -3.13 20.18
N GLY A 175 36.21 -2.04 19.55
CA GLY A 175 35.23 -1.16 20.14
C GLY A 175 33.80 -1.64 20.12
N THR A 176 32.90 -0.82 20.66
CA THR A 176 31.48 -1.15 20.74
C THR A 176 30.70 -0.68 19.53
N GLN A 177 31.33 0.15 18.69
CA GLN A 177 30.64 0.81 17.60
C GLN A 177 31.09 0.30 16.24
N PRO A 178 30.16 0.22 15.29
CA PRO A 178 30.53 -0.12 13.90
C PRO A 178 31.37 0.99 13.29
N ILE A 179 32.24 0.64 12.35
CA ILE A 179 33.09 1.64 11.72
C ILE A 179 32.78 1.79 10.22
N LEU A 180 32.43 3.00 9.82
CA LEU A 180 32.25 3.31 8.42
C LEU A 180 33.58 3.76 7.84
N TYR A 181 34.04 3.08 6.79
CA TYR A 181 35.33 3.42 6.20
C TYR A 181 35.30 3.37 4.68
N PHE A 182 36.36 3.87 4.07
CA PHE A 182 36.39 4.09 2.63
C PHE A 182 37.74 3.76 2.02
N TRP A 183 37.72 3.30 0.78
CA TRP A 183 38.94 3.12 0.01
C TRP A 183 38.66 3.31 -1.47
N GLY A 184 39.68 3.10 -2.30
CA GLY A 184 39.51 3.19 -3.73
C GLY A 184 40.55 2.41 -4.52
N VAL A 185 40.38 2.42 -5.83
CA VAL A 185 41.32 1.75 -6.74
C VAL A 185 41.55 2.68 -7.93
N HIS A 186 42.82 2.99 -8.19
CA HIS A 186 43.14 3.94 -9.25
C HIS A 186 43.14 3.29 -10.62
N HIS A 187 42.48 3.94 -11.58
CA HIS A 187 42.48 3.49 -12.96
C HIS A 187 43.13 4.55 -13.85
N PRO A 188 44.45 4.43 -14.09
CA PRO A 188 45.23 5.35 -14.93
C PRO A 188 44.73 5.40 -16.37
N LEU A 189 45.00 6.52 -17.05
CA LEU A 189 44.53 6.72 -18.42
C LEU A 189 45.33 5.93 -19.46
N ASP A 190 46.55 5.52 -19.11
CA ASP A 190 47.38 4.75 -20.02
C ASP A 190 48.47 3.95 -19.30
N THR A 191 49.25 3.19 -20.07
CA THR A 191 50.27 2.32 -19.52
C THR A 191 51.45 3.11 -18.95
N THR A 192 51.75 4.24 -19.59
CA THR A 192 52.88 5.08 -19.17
C THR A 192 52.75 5.53 -17.72
N VAL A 193 51.54 5.95 -17.34
CA VAL A 193 51.30 6.48 -16.01
C VAL A 193 51.19 5.35 -14.99
N GLN A 194 50.60 4.23 -15.41
CA GLN A 194 50.63 2.99 -14.63
C GLN A 194 52.05 2.65 -14.16
N ASP A 195 53.01 2.72 -15.08
CA ASP A 195 54.39 2.36 -14.76
C ASP A 195 55.12 3.39 -13.91
N ASN A 196 54.90 4.68 -14.19
CA ASN A 196 55.45 5.73 -13.35
C ASN A 196 55.04 5.58 -11.89
N LEU A 197 53.76 5.29 -11.66
CA LEU A 197 53.18 5.35 -10.31
C LEU A 197 53.33 4.06 -9.51
N TYR A 198 53.10 2.93 -10.16
CA TYR A 198 53.02 1.65 -9.44
C TYR A 198 53.97 0.60 -10.00
N GLY A 199 54.48 0.82 -11.21
CA GLY A 199 55.39 -0.15 -11.79
C GLY A 199 54.77 -1.22 -12.67
N SER A 200 55.63 -2.05 -13.23
CA SER A 200 55.17 -3.19 -14.03
C SER A 200 54.44 -4.23 -13.19
N GLY A 201 53.79 -5.17 -13.86
CA GLY A 201 53.20 -6.30 -13.16
C GLY A 201 51.68 -6.25 -13.14
N ASP A 202 51.03 -7.41 -13.02
CA ASP A 202 49.59 -7.42 -12.83
C ASP A 202 49.30 -6.98 -11.40
N LYS A 203 48.62 -5.85 -11.24
CA LYS A 203 48.41 -5.27 -9.93
C LYS A 203 47.08 -5.67 -9.33
N TYR A 204 46.97 -5.57 -8.01
CA TYR A 204 45.73 -5.93 -7.33
C TYR A 204 45.50 -5.12 -6.06
N VAL A 205 44.23 -5.06 -5.65
CA VAL A 205 43.85 -4.53 -4.36
C VAL A 205 42.89 -5.53 -3.73
N ARG A 206 43.29 -6.09 -2.59
CA ARG A 206 42.47 -7.11 -1.94
C ARG A 206 42.18 -6.71 -0.51
N MET A 207 40.95 -6.96 -0.08
CA MET A 207 40.57 -6.69 1.28
C MET A 207 39.80 -7.86 1.85
N GLY A 208 39.74 -7.92 3.18
CA GLY A 208 39.14 -9.06 3.83
C GLY A 208 38.64 -8.72 5.20
N THR A 209 37.55 -9.39 5.57
CA THR A 209 36.89 -9.21 6.83
C THR A 209 36.26 -10.58 7.08
N GLU A 210 35.95 -10.91 8.33
CA GLU A 210 35.30 -12.17 8.65
C GLU A 210 34.07 -12.42 7.77
N SER A 211 33.41 -11.34 7.34
CA SER A 211 32.16 -11.44 6.62
C SER A 211 32.18 -10.98 5.16
N MET A 212 33.26 -10.36 4.71
CA MET A 212 33.32 -9.90 3.32
C MET A 212 34.71 -10.03 2.70
N ASN A 213 34.75 -10.19 1.39
CA ASN A 213 36.00 -10.18 0.65
C ASN A 213 35.90 -9.23 -0.55
N PHE A 214 36.92 -8.42 -0.74
CA PHE A 214 36.98 -7.52 -1.88
C PHE A 214 38.27 -7.77 -2.66
N ALA A 215 38.18 -7.69 -3.98
CA ALA A 215 39.34 -7.85 -4.83
C ALA A 215 39.10 -7.20 -6.18
N LYS A 216 40.10 -6.45 -6.64
CA LYS A 216 39.99 -5.76 -7.91
C LYS A 216 41.36 -5.42 -8.50
N SER A 217 41.38 -5.23 -9.81
CA SER A 217 42.61 -4.97 -10.54
C SER A 217 42.40 -3.70 -11.37
N PRO A 218 43.48 -2.96 -11.66
CA PRO A 218 43.32 -1.69 -12.37
C PRO A 218 42.80 -1.84 -13.80
N GLU A 219 41.89 -0.95 -14.18
CA GLU A 219 41.27 -0.98 -15.50
C GLU A 219 41.81 0.21 -16.31
N ILE A 220 42.86 -0.03 -17.06
CA ILE A 220 43.61 1.09 -17.66
C ILE A 220 43.04 1.54 -19.00
N ALA A 221 42.63 2.80 -19.06
CA ALA A 221 42.05 3.40 -20.27
C ALA A 221 41.85 4.90 -20.11
N ALA A 222 41.99 5.64 -21.20
CA ALA A 222 41.70 7.07 -21.20
C ALA A 222 40.21 7.30 -21.37
N ARG A 223 39.63 8.09 -20.47
CA ARG A 223 38.20 8.36 -20.46
C ARG A 223 38.02 9.88 -20.53
N PRO A 224 36.78 10.35 -20.81
CA PRO A 224 36.61 11.81 -20.98
C PRO A 224 37.10 12.62 -19.79
N ALA A 225 37.68 13.78 -20.07
CA ALA A 225 38.32 14.58 -19.04
C ALA A 225 37.30 15.23 -18.11
N VAL A 226 37.49 14.99 -16.82
CA VAL A 226 36.63 15.60 -15.79
C VAL A 226 37.55 16.21 -14.74
N ASN A 227 37.41 17.51 -14.53
CA ASN A 227 38.37 18.27 -13.73
C ASN A 227 39.81 18.01 -14.19
N GLY A 228 40.00 18.02 -15.50
CA GLY A 228 41.29 17.75 -16.12
C GLY A 228 41.89 16.39 -15.88
N GLN A 229 41.06 15.42 -15.50
CA GLN A 229 41.50 14.03 -15.36
C GLN A 229 40.81 13.09 -16.34
N ARG A 230 41.63 12.37 -17.08
CA ARG A 230 41.14 11.35 -17.99
C ARG A 230 41.39 9.97 -17.38
N SER A 231 41.94 9.96 -16.17
CA SER A 231 42.00 8.78 -15.33
C SER A 231 40.75 8.71 -14.46
N ARG A 232 40.62 7.66 -13.64
CA ARG A 232 39.50 7.53 -12.73
C ARG A 232 39.89 6.85 -11.42
N ILE A 233 39.06 7.04 -10.41
CA ILE A 233 39.11 6.25 -9.19
C ILE A 233 37.76 5.64 -8.88
N ASP A 234 37.71 4.33 -8.67
CA ASP A 234 36.50 3.71 -8.17
C ASP A 234 36.52 3.76 -6.65
N TYR A 235 35.55 4.44 -6.06
CA TYR A 235 35.49 4.56 -4.61
C TYR A 235 34.60 3.47 -4.05
N TYR A 236 34.92 3.04 -2.84
CA TYR A 236 34.14 2.01 -2.16
C TYR A 236 33.96 2.35 -0.70
N TRP A 237 32.92 1.79 -0.09
CA TRP A 237 32.70 1.95 1.34
C TRP A 237 32.31 0.63 1.96
N SER A 238 32.38 0.56 3.29
CA SER A 238 31.91 -0.60 4.02
C SER A 238 31.75 -0.29 5.49
N VAL A 239 31.20 -1.24 6.23
CA VAL A 239 31.02 -1.09 7.66
C VAL A 239 31.70 -2.25 8.39
N LEU A 240 32.83 -1.97 9.03
CA LEU A 240 33.50 -2.95 9.86
C LEU A 240 32.74 -3.08 11.17
N ARG A 241 32.10 -4.22 11.36
CA ARG A 241 31.24 -4.43 12.52
C ARG A 241 32.07 -4.73 13.78
N PRO A 242 31.48 -4.49 14.96
CA PRO A 242 32.23 -4.72 16.21
C PRO A 242 32.69 -6.16 16.37
N GLY A 243 33.97 -6.34 16.72
CA GLY A 243 34.53 -7.67 16.84
C GLY A 243 35.25 -8.11 15.58
N GLU A 244 34.87 -7.54 14.44
CA GLU A 244 35.49 -7.93 13.18
C GLU A 244 36.85 -7.27 12.96
N THR A 245 37.62 -7.87 12.06
CA THR A 245 38.96 -7.38 11.73
C THR A 245 39.04 -7.18 10.23
N LEU A 246 39.77 -6.17 9.80
CA LEU A 246 39.93 -5.89 8.37
C LEU A 246 41.37 -6.06 7.94
N ASN A 247 41.59 -6.85 6.88
CA ASN A 247 42.92 -7.01 6.32
C ASN A 247 43.01 -6.37 4.94
N VAL A 248 44.00 -5.51 4.76
CA VAL A 248 44.25 -4.90 3.46
C VAL A 248 45.52 -5.50 2.89
N GLU A 249 45.55 -5.67 1.56
CA GLU A 249 46.74 -6.16 0.89
C GLU A 249 46.71 -5.83 -0.59
N SER A 250 47.77 -5.17 -1.05
CA SER A 250 47.86 -4.73 -2.43
C SER A 250 49.31 -4.70 -2.89
N ASN A 251 49.51 -4.64 -4.20
CA ASN A 251 50.83 -4.42 -4.76
C ASN A 251 50.82 -3.25 -5.74
N GLY A 252 49.82 -2.39 -5.59
CA GLY A 252 49.66 -1.25 -6.48
C GLY A 252 48.23 -0.76 -6.63
N ASN A 253 48.09 0.52 -6.99
CA ASN A 253 46.82 1.13 -7.37
C ASN A 253 45.83 1.27 -6.23
N LEU A 254 46.31 1.16 -5.00
CA LEU A 254 45.43 1.28 -3.84
C LEU A 254 45.32 2.72 -3.37
N ILE A 255 44.09 3.21 -3.28
CA ILE A 255 43.83 4.42 -2.51
C ILE A 255 43.40 3.92 -1.13
N ALA A 256 44.31 4.04 -0.17
CA ALA A 256 44.15 3.35 1.10
C ALA A 256 43.27 4.13 2.07
N PRO A 257 42.57 3.41 2.95
CA PRO A 257 41.88 4.09 4.05
C PRO A 257 42.90 4.75 4.98
N TRP A 258 42.53 5.89 5.54
CA TRP A 258 43.39 6.64 6.43
C TRP A 258 42.63 6.99 7.69
N TYR A 259 41.57 7.79 7.51
CA TYR A 259 40.62 8.04 8.58
C TYR A 259 39.29 7.36 8.29
N ALA A 260 38.52 7.15 9.35
CA ALA A 260 37.22 6.48 9.24
C ALA A 260 36.32 6.97 10.37
N TYR A 261 35.07 6.54 10.34
CA TYR A 261 34.10 7.04 11.31
C TYR A 261 33.57 5.94 12.21
N LYS A 262 33.64 6.17 13.53
CA LYS A 262 32.92 5.32 14.45
C LYS A 262 31.46 5.73 14.38
N PHE A 263 30.62 4.80 13.95
CA PHE A 263 29.25 5.14 13.59
C PHE A 263 28.28 4.59 14.64
N VAL A 264 27.43 5.46 15.16
CA VAL A 264 26.41 5.07 16.12
C VAL A 264 25.08 5.31 15.46
N SER A 265 24.28 4.26 15.31
CA SER A 265 23.06 4.41 14.57
C SER A 265 21.88 4.67 15.45
N THR A 266 20.97 5.46 14.92
CA THR A 266 19.82 5.86 15.70
C THR A 266 18.81 4.73 15.51
N ASN A 267 17.95 4.50 16.48
CA ASN A 267 16.83 3.62 16.21
C ASN A 267 15.57 4.47 16.21
N LYS A 268 15.78 5.77 16.05
CA LYS A 268 14.73 6.58 15.49
C LYS A 268 14.76 6.20 14.02
N LYS A 269 14.37 7.12 13.17
CA LYS A 269 14.79 7.03 11.80
C LYS A 269 15.20 8.45 11.49
N GLY A 270 16.30 8.60 10.76
CA GLY A 270 16.84 9.90 10.45
C GLY A 270 16.28 10.37 9.13
N ALA A 271 16.71 11.54 8.69
CA ALA A 271 16.27 12.06 7.41
C ALA A 271 17.38 12.84 6.73
N VAL A 272 17.28 12.93 5.41
CA VAL A 272 18.22 13.69 4.61
C VAL A 272 17.43 14.64 3.73
N PHE A 273 17.41 15.91 4.12
CA PHE A 273 16.60 16.91 3.44
C PHE A 273 17.38 17.71 2.41
N LYS A 274 16.91 17.68 1.16
CA LYS A 274 17.46 18.52 0.10
C LYS A 274 16.63 19.79 -0.08
N SER A 275 17.08 20.88 0.54
CA SER A 275 16.28 22.11 0.65
C SER A 275 17.09 23.41 0.75
N ASP A 276 16.42 24.52 0.48
CA ASP A 276 17.01 25.87 0.55
C ASP A 276 16.74 26.60 1.86
N LEU A 277 15.97 25.99 2.74
CA LEU A 277 15.46 26.69 3.92
C LEU A 277 16.53 26.93 4.98
N PRO A 278 16.45 28.08 5.67
CA PRO A 278 17.43 28.42 6.70
C PRO A 278 17.31 27.53 7.94
N ILE A 279 18.44 27.29 8.60
CA ILE A 279 18.43 26.64 9.90
C ILE A 279 18.53 27.71 10.98
N GLU A 280 17.61 27.67 11.94
CA GLU A 280 17.53 28.69 12.98
C GLU A 280 17.47 28.08 14.38
N ASN A 281 17.69 28.91 15.39
CA ASN A 281 17.83 28.41 16.76
C ASN A 281 16.48 28.25 17.42
N CYS A 282 15.76 27.21 17.01
CA CYS A 282 14.44 26.92 17.54
C CYS A 282 14.29 25.43 17.79
N ASP A 283 13.37 25.08 18.68
CA ASP A 283 13.02 23.68 18.90
C ASP A 283 11.83 23.32 18.03
N ALA A 284 11.42 22.05 18.05
CA ALA A 284 10.30 21.57 17.24
C ALA A 284 10.00 20.11 17.55
N THR A 285 8.75 19.70 17.36
CA THR A 285 8.38 18.30 17.49
C THR A 285 8.05 17.69 16.13
N CYS A 286 7.78 18.55 15.15
CA CYS A 286 7.49 18.10 13.79
C CYS A 286 8.18 18.98 12.75
N GLN A 287 9.11 18.38 11.99
CA GLN A 287 9.88 19.13 11.00
C GLN A 287 9.77 18.50 9.61
N THR A 288 9.16 19.21 8.67
CA THR A 288 9.01 18.72 7.30
C THR A 288 10.00 19.38 6.34
N ILE A 289 10.29 18.67 5.24
CA ILE A 289 11.17 19.16 4.17
C ILE A 289 10.88 20.62 3.75
N THR A 290 9.63 21.05 3.90
CA THR A 290 9.25 22.40 3.51
C THR A 290 8.97 23.30 4.72
N GLY A 291 9.12 22.75 5.93
CA GLY A 291 9.00 23.57 7.11
C GLY A 291 8.50 22.85 8.35
N VAL A 292 8.74 23.45 9.51
CA VAL A 292 8.23 22.93 10.78
C VAL A 292 6.73 23.19 10.92
N LEU A 293 6.02 22.24 11.52
CA LEU A 293 4.61 22.42 11.81
C LEU A 293 4.39 22.55 13.31
N ARG A 294 3.59 23.53 13.73
CA ARG A 294 3.17 23.63 15.11
C ARG A 294 1.65 23.54 15.23
N THR A 295 1.19 22.38 15.64
CA THR A 295 -0.24 22.09 15.66
C THR A 295 -0.58 20.83 16.43
N ASN A 296 -1.85 20.74 16.82
CA ASN A 296 -2.40 19.53 17.42
C ASN A 296 -3.31 18.82 16.43
N LYS A 297 -3.56 19.48 15.31
CA LYS A 297 -4.40 18.93 14.24
C LYS A 297 -3.87 17.60 13.75
N THR A 298 -4.77 16.71 13.37
CA THR A 298 -4.38 15.33 13.05
C THR A 298 -4.09 15.15 11.56
N PHE A 299 -4.47 16.13 10.75
CA PHE A 299 -4.17 16.09 9.33
C PHE A 299 -3.33 17.30 8.90
N GLN A 300 -2.69 17.17 7.75
CA GLN A 300 -1.85 18.25 7.22
C GLN A 300 -1.55 18.03 5.74
N ASN A 301 -1.57 19.11 4.96
CA ASN A 301 -1.35 19.01 3.52
C ASN A 301 -0.05 19.67 3.07
N VAL A 302 0.87 19.84 4.00
CA VAL A 302 2.15 20.48 3.70
C VAL A 302 3.08 19.54 2.94
N SER A 303 3.52 18.46 3.60
CA SER A 303 4.46 17.54 2.99
C SER A 303 4.47 16.16 3.65
N PRO A 304 4.74 15.10 2.85
CA PRO A 304 4.82 13.72 3.36
C PRO A 304 6.21 13.34 3.90
N LEU A 305 7.17 14.26 3.82
CA LEU A 305 8.52 13.98 4.31
C LEU A 305 8.80 14.75 5.60
N TRP A 306 9.10 14.04 6.67
CA TRP A 306 9.39 14.67 7.95
C TRP A 306 10.18 13.77 8.91
N ILE A 307 10.55 14.32 10.06
CA ILE A 307 10.90 13.53 11.23
C ILE A 307 10.26 14.15 12.48
N GLY A 308 10.13 13.38 13.55
CA GLY A 308 9.39 13.82 14.72
C GLY A 308 7.94 13.43 14.59
N GLU A 309 7.08 13.84 15.53
CA GLU A 309 5.67 13.48 15.41
C GLU A 309 4.91 14.54 14.65
N CYS A 310 4.55 14.19 13.42
CA CYS A 310 3.78 15.05 12.55
C CYS A 310 2.37 14.47 12.36
N PRO A 311 1.42 15.29 11.90
CA PRO A 311 0.10 14.77 11.54
C PRO A 311 0.13 13.99 10.21
N LYS A 312 -0.88 13.16 10.00
CA LYS A 312 -1.06 12.43 8.75
C LYS A 312 -1.11 13.37 7.55
N TYR A 313 -0.37 13.04 6.51
CA TYR A 313 -0.35 13.88 5.30
C TYR A 313 -1.44 13.44 4.31
N VAL A 314 -2.19 14.43 3.81
CA VAL A 314 -3.25 14.19 2.84
C VAL A 314 -3.27 15.31 1.81
N LYS A 315 -4.00 15.12 0.71
CA LYS A 315 -4.04 16.12 -0.34
C LYS A 315 -5.26 17.04 -0.25
N SER A 316 -5.97 16.97 0.87
CA SER A 316 -7.13 17.83 1.07
C SER A 316 -6.67 19.26 1.36
N GLU A 317 -7.47 20.23 0.94
CA GLU A 317 -7.20 21.62 1.32
C GLU A 317 -7.94 21.97 2.60
N SER A 318 -9.02 21.26 2.87
CA SER A 318 -9.71 21.40 4.14
C SER A 318 -10.40 20.11 4.55
N LEU A 319 -10.44 19.88 5.86
CA LEU A 319 -11.20 18.78 6.43
C LEU A 319 -11.93 19.30 7.65
N ARG A 320 -13.08 19.92 7.43
CA ARG A 320 -13.82 20.56 8.51
C ARG A 320 -15.05 19.77 8.91
N LEU A 321 -15.01 19.31 10.15
CA LEU A 321 -16.05 18.47 10.73
C LEU A 321 -17.09 19.35 11.41
N ALA A 322 -18.36 19.08 11.17
CA ALA A 322 -19.43 19.85 11.80
C ALA A 322 -19.69 19.35 13.22
N THR A 323 -19.78 20.27 14.17
CA THR A 323 -20.10 19.91 15.54
C THR A 323 -21.46 20.45 15.94
N GLY A 324 -21.76 21.69 15.54
CA GLY A 324 -23.04 22.28 15.83
C GLY A 324 -24.09 21.97 14.78
N LEU A 325 -25.17 22.74 14.78
CA LEU A 325 -26.28 22.54 13.86
C LEU A 325 -26.28 23.56 12.73
N ARG A 326 -27.18 23.39 11.77
CA ARG A 326 -27.36 24.34 10.67
C ARG A 326 -27.71 25.75 11.16
N ASN A 327 -27.05 26.75 10.60
CA ASN A 327 -27.26 28.12 11.09
C ASN A 327 -28.30 28.88 10.27
N VAL A 328 -29.40 29.22 10.92
CA VAL A 328 -30.48 29.96 10.27
C VAL A 328 -30.90 31.11 11.20
N PRO A 329 -30.39 32.32 10.91
CA PRO A 329 -30.34 33.37 11.94
C PRO A 329 -31.39 34.47 11.74
N SER B 5 -58.21 -0.22 35.39
CA SER B 5 -58.48 -0.21 33.96
C SER B 5 -57.29 -0.80 33.18
N ASP B 6 -57.59 -1.27 31.98
CA ASP B 6 -56.67 -2.06 31.17
C ASP B 6 -55.52 -1.30 30.54
N LYS B 7 -54.36 -1.95 30.55
CA LYS B 7 -53.11 -1.36 30.11
C LYS B 7 -52.45 -2.16 28.99
N ILE B 8 -51.90 -1.46 28.00
CA ILE B 8 -50.99 -2.05 27.04
C ILE B 8 -49.77 -1.14 26.85
N CYS B 9 -48.59 -1.72 26.92
CA CYS B 9 -47.35 -0.95 26.82
C CYS B 9 -46.47 -1.47 25.70
N ILE B 10 -45.67 -0.58 25.12
CA ILE B 10 -44.65 -0.99 24.16
C ILE B 10 -43.31 -0.99 24.86
N GLY B 11 -42.46 -1.95 24.53
CA GLY B 11 -41.17 -2.05 25.19
C GLY B 11 -40.17 -2.96 24.48
N TYR B 12 -39.07 -3.26 25.16
CA TYR B 12 -37.96 -3.95 24.54
C TYR B 12 -37.21 -4.88 25.50
N HIS B 13 -36.44 -5.79 24.92
CA HIS B 13 -35.77 -6.87 25.66
C HIS B 13 -34.70 -6.36 26.64
N ALA B 14 -34.46 -7.16 27.68
CA ALA B 14 -33.35 -6.94 28.59
C ALA B 14 -32.88 -8.28 29.18
N ASN B 15 -31.67 -8.31 29.74
CA ASN B 15 -31.10 -9.56 30.27
C ASN B 15 -29.97 -9.32 31.27
N ASN B 16 -29.30 -10.39 31.69
CA ASN B 16 -28.24 -10.26 32.69
C ASN B 16 -26.86 -9.98 32.09
N SER B 17 -26.84 -9.64 30.80
CA SER B 17 -25.62 -9.26 30.10
C SER B 17 -24.92 -8.03 30.72
N THR B 18 -23.59 -8.07 30.74
CA THR B 18 -22.80 -6.91 31.12
C THR B 18 -21.76 -6.60 30.04
N THR B 19 -21.89 -7.25 28.89
CA THR B 19 -20.97 -7.05 27.78
C THR B 19 -21.17 -5.67 27.13
N GLN B 20 -20.09 -4.92 27.00
CA GLN B 20 -20.17 -3.55 26.50
C GLN B 20 -19.55 -3.36 25.11
N VAL B 21 -20.04 -2.36 24.39
CA VAL B 21 -19.47 -1.97 23.10
C VAL B 21 -19.19 -0.48 23.07
N ASP B 22 -18.48 -0.03 22.03
CA ASP B 22 -18.24 1.39 21.83
C ASP B 22 -18.91 1.91 20.57
N THR B 23 -19.37 3.16 20.62
CA THR B 23 -19.89 3.85 19.45
C THR B 23 -19.16 5.18 19.31
N LEU B 24 -19.32 5.82 18.14
CA LEU B 24 -18.79 7.16 17.95
C LEU B 24 -19.29 8.14 19.01
N LEU B 25 -20.52 7.94 19.48
CA LEU B 25 -21.16 8.87 20.39
C LEU B 25 -20.98 8.50 21.86
N GLU B 26 -20.60 7.25 22.12
CA GLU B 26 -20.59 6.79 23.50
C GLU B 26 -19.73 5.55 23.70
N LYS B 27 -18.81 5.64 24.65
CA LYS B 27 -17.95 4.51 24.98
C LYS B 27 -18.57 3.68 26.10
N ASN B 28 -18.06 2.47 26.30
CA ASN B 28 -18.57 1.54 27.31
C ASN B 28 -20.10 1.46 27.37
N VAL B 29 -20.74 0.96 26.33
CA VAL B 29 -22.19 0.85 26.32
C VAL B 29 -22.66 -0.60 26.45
N THR B 30 -23.38 -0.91 27.52
CA THR B 30 -23.86 -2.27 27.75
C THR B 30 -24.97 -2.61 26.77
N VAL B 31 -24.87 -3.77 26.13
CA VAL B 31 -25.89 -4.22 25.20
C VAL B 31 -26.31 -5.66 25.50
N THR B 32 -27.44 -6.08 24.93
CA THR B 32 -28.03 -7.37 25.24
C THR B 32 -27.33 -8.52 24.51
N HIS B 33 -26.85 -8.23 23.30
CA HIS B 33 -26.15 -9.23 22.50
C HIS B 33 -25.04 -8.56 21.69
N SER B 34 -23.89 -9.21 21.62
CA SER B 34 -22.80 -8.72 20.78
C SER B 34 -21.98 -9.87 20.22
N VAL B 35 -21.03 -9.54 19.37
CA VAL B 35 -20.14 -10.53 18.79
C VAL B 35 -18.72 -9.99 18.67
N GLU B 36 -17.75 -10.82 19.06
CA GLU B 36 -16.34 -10.44 18.95
C GLU B 36 -15.79 -10.92 17.61
N LEU B 37 -15.16 -10.00 16.88
CA LEU B 37 -14.67 -10.30 15.53
C LEU B 37 -13.18 -10.58 15.51
N LEU B 38 -12.52 -10.44 16.66
CA LEU B 38 -11.07 -10.51 16.72
C LEU B 38 -10.57 -11.64 17.62
N GLU B 39 -9.70 -12.48 17.07
CA GLU B 39 -9.08 -13.57 17.80
C GLU B 39 -7.76 -13.11 18.41
N ASN B 40 -7.50 -13.48 19.66
CA ASN B 40 -6.19 -13.20 20.23
C ASN B 40 -5.57 -14.36 21.03
N GLN B 41 -5.99 -15.58 20.77
CA GLN B 41 -5.36 -16.73 21.43
C GLN B 41 -4.77 -17.71 20.43
N LYS B 42 -3.73 -18.41 20.88
CA LYS B 42 -2.84 -19.15 20.01
C LYS B 42 -2.16 -20.29 20.75
N GLU B 43 -2.18 -21.48 20.19
CA GLU B 43 -1.30 -22.53 20.70
C GLU B 43 0.11 -22.23 20.24
N LYS B 44 1.02 -22.22 21.20
CA LYS B 44 2.38 -21.78 20.95
C LYS B 44 3.24 -22.95 20.50
N ARG B 45 3.10 -23.32 19.23
CA ARG B 45 3.76 -24.48 18.65
C ARG B 45 3.64 -24.46 17.14
N PHE B 46 4.30 -25.41 16.49
CA PHE B 46 4.21 -25.56 15.04
C PHE B 46 3.54 -26.87 14.71
N CYS B 47 2.60 -26.81 13.77
CA CYS B 47 1.75 -27.94 13.44
C CYS B 47 1.83 -28.29 11.96
N LYS B 48 1.14 -29.37 11.60
CA LYS B 48 1.07 -29.82 10.22
C LYS B 48 0.20 -28.84 9.44
N ILE B 49 0.43 -28.72 8.13
CA ILE B 49 -0.34 -27.83 7.25
C ILE B 49 -0.62 -28.58 5.95
N MET B 50 -1.90 -28.67 5.59
CA MET B 50 -2.35 -29.55 4.51
C MET B 50 -1.83 -30.95 4.77
N ASN B 51 -1.71 -31.27 6.05
CA ASN B 51 -1.08 -32.50 6.53
C ASN B 51 0.27 -32.85 5.91
N LYS B 52 1.04 -31.81 5.57
CA LYS B 52 2.46 -31.98 5.34
C LYS B 52 3.16 -31.26 6.50
N ALA B 53 4.18 -31.90 7.04
CA ALA B 53 4.83 -31.39 8.23
C ALA B 53 5.92 -30.39 7.88
N PRO B 54 6.28 -29.52 8.84
CA PRO B 54 7.35 -28.57 8.53
C PRO B 54 8.70 -29.24 8.52
N LEU B 55 9.73 -28.51 8.11
CA LEU B 55 11.08 -29.05 8.18
C LEU B 55 11.85 -28.37 9.29
N ASP B 56 12.20 -29.13 10.32
CA ASP B 56 12.94 -28.60 11.45
C ASP B 56 14.43 -28.63 11.09
N LEU B 57 15.04 -27.46 10.88
CA LEU B 57 16.45 -27.39 10.50
C LEU B 57 17.42 -27.54 11.68
N LYS B 58 17.14 -28.45 12.62
CA LYS B 58 18.13 -28.85 13.64
C LYS B 58 18.79 -27.73 14.44
N ASP B 59 20.10 -27.73 14.34
CA ASP B 59 21.11 -26.77 14.74
C ASP B 59 21.72 -26.23 13.44
N CYS B 60 20.89 -26.24 12.39
CA CYS B 60 21.28 -25.71 11.07
C CYS B 60 20.74 -24.39 10.70
N THR B 61 21.55 -23.76 9.88
CA THR B 61 21.08 -22.67 9.07
C THR B 61 20.75 -23.31 7.72
N ILE B 62 19.95 -22.64 6.91
CA ILE B 62 19.63 -23.10 5.57
C ILE B 62 20.92 -23.41 4.80
N GLU B 63 21.89 -22.50 4.94
CA GLU B 63 23.21 -22.66 4.38
C GLU B 63 23.83 -24.02 4.68
N GLY B 64 23.91 -24.36 5.97
CA GLY B 64 24.44 -25.64 6.40
C GLY B 64 23.71 -26.83 5.78
N TRP B 65 22.38 -26.81 5.91
CA TRP B 65 21.53 -27.84 5.33
C TRP B 65 21.78 -28.05 3.85
N ILE B 66 21.71 -26.97 3.08
CA ILE B 66 21.63 -27.08 1.63
C ILE B 66 23.00 -27.22 0.96
N LEU B 67 24.08 -26.90 1.67
CA LEU B 67 25.41 -27.14 1.13
C LEU B 67 25.94 -28.51 1.56
N GLY B 68 25.38 -29.02 2.65
CA GLY B 68 25.78 -30.32 3.16
C GLY B 68 26.94 -30.34 4.14
N ASN B 69 26.91 -29.42 5.11
CA ASN B 69 27.81 -29.47 6.26
C ASN B 69 27.75 -30.87 6.86
N PRO B 70 28.93 -31.44 7.19
CA PRO B 70 28.99 -32.78 7.79
C PRO B 70 28.11 -32.91 9.03
N LYS B 71 28.12 -31.92 9.90
CA LYS B 71 27.28 -31.94 11.08
C LYS B 71 25.76 -31.81 10.77
N CYS B 72 25.39 -31.70 9.49
CA CYS B 72 23.99 -31.65 9.06
C CYS B 72 23.53 -32.95 8.41
N ASP B 73 24.07 -34.08 8.84
CA ASP B 73 23.74 -35.34 8.16
C ASP B 73 22.29 -35.79 8.40
N LEU B 74 21.79 -35.51 9.59
CA LEU B 74 20.38 -35.72 9.93
C LEU B 74 19.41 -35.28 8.82
N LEU B 75 19.76 -34.19 8.13
CA LEU B 75 18.87 -33.58 7.16
C LEU B 75 19.18 -34.02 5.73
N LEU B 76 20.19 -34.87 5.59
CA LEU B 76 20.67 -35.29 4.26
C LEU B 76 19.62 -36.12 3.52
N GLY B 77 19.52 -35.91 2.22
CA GLY B 77 18.61 -36.68 1.37
C GLY B 77 17.38 -35.90 0.93
N ASP B 78 16.31 -36.63 0.64
CA ASP B 78 15.05 -36.02 0.20
C ASP B 78 14.34 -35.35 1.37
N GLN B 79 13.59 -34.29 1.08
CA GLN B 79 12.85 -33.58 2.11
C GLN B 79 11.54 -32.99 1.60
N SER B 80 10.45 -33.21 2.32
CA SER B 80 9.20 -32.53 2.05
C SER B 80 8.83 -31.63 3.21
N TRP B 81 8.24 -30.48 2.92
CA TRP B 81 7.86 -29.55 3.98
C TRP B 81 6.74 -28.60 3.57
N SER B 82 5.87 -28.28 4.51
CA SER B 82 4.83 -27.28 4.31
C SER B 82 5.44 -25.91 4.56
N TYR B 83 6.39 -25.87 5.48
CA TYR B 83 7.19 -24.68 5.71
C TYR B 83 8.50 -25.07 6.39
N ILE B 84 9.31 -24.09 6.74
CA ILE B 84 10.64 -24.37 7.26
C ILE B 84 10.91 -23.63 8.57
N VAL B 85 11.33 -24.38 9.58
CA VAL B 85 11.61 -23.79 10.89
C VAL B 85 13.11 -23.81 11.17
N GLU B 86 13.70 -22.62 11.11
CA GLU B 86 15.13 -22.45 11.40
C GLU B 86 15.28 -21.89 12.80
N ARG B 87 16.14 -22.51 13.60
CA ARG B 87 16.26 -22.08 14.98
C ARG B 87 17.27 -20.94 15.07
N PRO B 88 17.03 -20.01 16.02
CA PRO B 88 17.70 -18.71 16.03
C PRO B 88 19.17 -18.82 16.38
N ASN B 89 19.53 -19.86 17.12
CA ASN B 89 20.92 -20.04 17.53
C ASN B 89 21.51 -21.32 16.98
N ALA B 90 21.19 -21.59 15.72
CA ALA B 90 21.72 -22.76 15.02
C ALA B 90 23.21 -22.59 14.74
N GLN B 91 23.99 -23.65 14.93
CA GLN B 91 25.44 -23.48 14.95
C GLN B 91 26.17 -23.97 13.71
N ASN B 92 25.57 -24.91 12.99
CA ASN B 92 26.22 -25.47 11.82
C ASN B 92 25.73 -24.83 10.53
N GLY B 93 26.54 -23.96 9.96
CA GLY B 93 26.23 -23.33 8.69
C GLY B 93 27.40 -23.45 7.75
N ILE B 94 27.95 -22.31 7.33
CA ILE B 94 29.14 -22.31 6.48
C ILE B 94 30.38 -22.52 7.35
N CYS B 95 30.85 -23.76 7.42
CA CYS B 95 32.01 -24.11 8.24
C CYS B 95 33.29 -23.43 7.77
N TYR B 96 33.62 -23.63 6.49
CA TYR B 96 34.82 -23.02 5.91
C TYR B 96 34.49 -21.60 5.48
N PRO B 97 35.19 -20.61 6.06
CA PRO B 97 34.80 -19.20 5.94
C PRO B 97 34.69 -18.73 4.50
N GLY B 98 33.65 -17.96 4.21
CA GLY B 98 33.40 -17.47 2.87
C GLY B 98 31.98 -16.96 2.71
N VAL B 99 31.74 -16.25 1.62
CA VAL B 99 30.42 -15.67 1.37
C VAL B 99 29.61 -16.51 0.40
N LEU B 100 28.36 -16.79 0.76
CA LEU B 100 27.43 -17.45 -0.14
C LEU B 100 26.71 -16.38 -0.96
N ASN B 101 27.09 -16.26 -2.22
CA ASN B 101 26.57 -15.23 -3.12
C ASN B 101 25.05 -15.27 -3.25
N GLU B 102 24.42 -14.10 -3.22
CA GLU B 102 22.96 -13.97 -3.33
C GLU B 102 22.24 -14.85 -2.31
N LEU B 103 22.73 -14.81 -1.08
CA LEU B 103 22.19 -15.62 0.01
C LEU B 103 20.70 -15.39 0.25
N GLU B 104 20.28 -14.14 0.15
CA GLU B 104 18.89 -13.77 0.43
C GLU B 104 17.95 -14.29 -0.65
N GLU B 105 18.38 -14.20 -1.90
CA GLU B 105 17.59 -14.74 -3.01
C GLU B 105 17.54 -16.26 -2.96
N LEU B 106 18.56 -16.87 -2.36
CA LEU B 106 18.58 -18.32 -2.18
C LEU B 106 17.64 -18.75 -1.05
N LYS B 107 17.76 -18.08 0.10
CA LYS B 107 16.89 -18.35 1.24
C LYS B 107 15.42 -18.16 0.85
N ALA B 108 15.18 -17.27 -0.11
CA ALA B 108 13.84 -17.03 -0.62
C ALA B 108 13.38 -18.06 -1.66
N PHE B 109 14.30 -18.48 -2.54
CA PHE B 109 13.98 -19.46 -3.56
C PHE B 109 13.64 -20.81 -2.93
N ILE B 110 14.39 -21.17 -1.89
CA ILE B 110 14.16 -22.40 -1.16
C ILE B 110 12.79 -22.38 -0.49
N GLY B 111 12.46 -21.24 0.13
CA GLY B 111 11.14 -21.02 0.67
C GLY B 111 10.00 -21.31 -0.29
N SER B 112 10.21 -20.99 -1.57
CA SER B 112 9.20 -21.18 -2.59
C SER B 112 8.99 -22.64 -3.01
N GLY B 113 9.62 -23.57 -2.29
CA GLY B 113 9.53 -24.97 -2.63
C GLY B 113 8.84 -25.82 -1.59
N GLU B 114 8.59 -27.09 -1.93
CA GLU B 114 7.95 -28.01 -1.00
C GLU B 114 8.64 -29.37 -0.92
N ARG B 115 9.40 -29.75 -1.95
CA ARG B 115 10.29 -30.91 -1.82
C ARG B 115 11.58 -30.71 -2.61
N VAL B 116 12.62 -31.44 -2.18
CA VAL B 116 13.87 -31.55 -2.92
C VAL B 116 14.26 -33.02 -2.97
N GLU B 117 14.88 -33.43 -4.07
CA GLU B 117 15.48 -34.77 -4.15
C GLU B 117 16.97 -34.68 -4.44
N ARG B 118 17.76 -35.18 -3.50
CA ARG B 118 19.21 -35.16 -3.62
C ARG B 118 19.65 -36.19 -4.65
N PHE B 119 20.69 -35.86 -5.40
CA PHE B 119 21.18 -36.74 -6.45
C PHE B 119 22.58 -36.35 -6.89
N GLU B 120 23.39 -37.35 -7.22
CA GLU B 120 24.75 -37.11 -7.68
C GLU B 120 24.73 -36.46 -9.07
N MET B 121 25.06 -35.18 -9.12
CA MET B 121 25.03 -34.42 -10.37
C MET B 121 26.33 -34.59 -11.13
N PHE B 122 27.44 -34.55 -10.40
CA PHE B 122 28.76 -34.76 -10.99
C PHE B 122 29.55 -35.76 -10.14
N PRO B 123 29.68 -37.00 -10.63
CA PRO B 123 30.52 -37.96 -9.92
C PRO B 123 31.96 -37.48 -9.87
N LYS B 124 32.73 -37.90 -8.87
CA LYS B 124 34.13 -37.49 -8.79
C LYS B 124 34.91 -38.00 -9.99
N SER B 125 34.42 -39.10 -10.57
CA SER B 125 34.86 -39.60 -11.88
C SER B 125 35.00 -38.50 -12.94
N THR B 126 34.08 -37.54 -12.90
CA THR B 126 33.94 -36.52 -13.95
C THR B 126 35.24 -35.77 -14.22
N TRP B 127 36.05 -35.60 -13.16
CA TRP B 127 37.20 -34.72 -13.21
C TRP B 127 38.50 -35.50 -13.43
N ALA B 128 39.06 -35.35 -14.62
CA ALA B 128 40.23 -36.12 -15.05
C ALA B 128 41.55 -35.54 -14.58
N GLY B 129 42.44 -36.42 -14.12
CA GLY B 129 43.82 -36.05 -13.82
C GLY B 129 43.94 -35.18 -12.59
N VAL B 130 43.07 -35.43 -11.61
CA VAL B 130 43.00 -34.61 -10.41
C VAL B 130 42.60 -35.47 -9.22
N ASP B 131 42.95 -35.01 -8.02
CA ASP B 131 42.67 -35.78 -6.81
C ASP B 131 41.40 -35.29 -6.12
N THR B 132 40.38 -36.13 -6.12
CA THR B 132 39.09 -35.80 -5.54
C THR B 132 38.83 -36.35 -4.12
N SER B 133 39.82 -36.99 -3.50
CA SER B 133 39.59 -37.62 -2.19
C SER B 133 40.29 -36.88 -1.05
N ARG B 134 41.37 -36.15 -1.37
CA ARG B 134 41.79 -35.12 -0.44
C ARG B 134 40.83 -33.99 -0.75
N GLY B 135 40.87 -32.93 0.03
CA GLY B 135 39.89 -31.87 -0.15
C GLY B 135 39.02 -31.87 1.08
N VAL B 136 39.68 -31.61 2.19
CA VAL B 136 39.15 -31.93 3.51
C VAL B 136 39.82 -30.97 4.50
N THR B 137 39.15 -30.64 5.60
CA THR B 137 39.66 -29.56 6.46
C THR B 137 39.08 -29.55 7.87
N ASN B 138 39.89 -29.12 8.83
CA ASN B 138 39.49 -29.11 10.23
C ASN B 138 38.49 -28.00 10.58
N ALA B 139 38.30 -27.06 9.65
CA ALA B 139 37.26 -26.05 9.81
C ALA B 139 35.88 -26.64 9.61
N CYS B 140 35.85 -27.84 9.04
CA CYS B 140 34.60 -28.45 8.62
C CYS B 140 34.48 -29.89 9.13
N PRO B 141 34.52 -30.07 10.46
CA PRO B 141 34.54 -31.42 11.02
C PRO B 141 33.20 -32.15 10.98
N SER B 142 33.27 -33.47 11.06
CA SER B 142 32.09 -34.27 11.37
C SER B 142 31.97 -34.39 12.89
N TYR B 143 30.99 -35.16 13.34
CA TYR B 143 30.89 -35.50 14.76
C TYR B 143 31.85 -36.63 15.11
N THR B 144 32.47 -37.21 14.09
CA THR B 144 33.38 -38.34 14.30
C THR B 144 34.75 -38.15 13.63
N ILE B 145 34.83 -37.24 12.67
CA ILE B 145 36.10 -36.97 11.99
C ILE B 145 36.34 -35.47 12.03
N ASP B 146 37.25 -35.03 12.88
CA ASP B 146 37.45 -33.59 13.11
C ASP B 146 38.13 -32.88 11.94
N SER B 147 38.07 -33.49 10.76
CA SER B 147 38.50 -32.85 9.52
C SER B 147 37.72 -33.44 8.35
N SER B 148 36.72 -32.72 7.86
CA SER B 148 35.85 -33.20 6.78
C SER B 148 35.53 -32.08 5.80
N PHE B 149 34.50 -32.26 4.99
CA PHE B 149 34.08 -31.24 4.02
C PHE B 149 32.62 -31.42 3.63
N TYR B 150 32.04 -30.40 3.02
CA TYR B 150 30.64 -30.41 2.61
C TYR B 150 30.28 -31.63 1.78
N ARG B 151 29.06 -32.13 1.95
CA ARG B 151 28.65 -33.37 1.31
C ARG B 151 28.15 -33.18 -0.12
N ASN B 152 27.86 -31.95 -0.49
CA ASN B 152 27.40 -31.65 -1.85
C ASN B 152 28.48 -31.02 -2.71
N LEU B 153 29.70 -30.96 -2.19
CA LEU B 153 30.80 -30.32 -2.92
C LEU B 153 32.06 -31.18 -2.87
N VAL B 154 32.96 -30.94 -3.81
CA VAL B 154 34.25 -31.62 -3.82
C VAL B 154 35.38 -30.60 -3.96
N TRP B 155 36.28 -30.60 -2.98
CA TRP B 155 37.46 -29.75 -3.02
C TRP B 155 38.54 -30.46 -3.83
N ILE B 156 38.58 -30.15 -5.13
CA ILE B 156 39.51 -30.81 -6.03
C ILE B 156 40.89 -30.17 -5.98
N VAL B 157 41.90 -31.01 -5.77
CA VAL B 157 43.28 -30.57 -5.84
C VAL B 157 44.09 -31.45 -6.81
N LYS B 158 45.23 -30.92 -7.27
CA LYS B 158 46.17 -31.66 -8.10
C LYS B 158 46.76 -32.87 -7.38
N THR B 159 47.08 -33.91 -8.15
CA THR B 159 47.83 -35.03 -7.61
C THR B 159 49.25 -34.62 -7.28
N ASP B 160 49.84 -35.35 -6.34
CA ASP B 160 51.19 -35.15 -5.82
C ASP B 160 52.30 -34.65 -6.77
N SER B 161 52.49 -35.27 -7.94
CA SER B 161 53.61 -34.84 -8.76
C SER B 161 53.24 -34.24 -10.11
N ALA B 162 51.98 -34.29 -10.49
CA ALA B 162 51.62 -33.71 -11.76
C ALA B 162 51.17 -32.26 -11.68
N THR B 163 50.63 -31.80 -12.79
CA THR B 163 50.11 -30.45 -12.91
C THR B 163 48.60 -30.49 -12.98
N TYR B 164 47.95 -29.47 -12.44
CA TYR B 164 46.49 -29.38 -12.44
C TYR B 164 46.01 -29.16 -13.87
N PRO B 165 45.48 -30.23 -14.50
CA PRO B 165 45.11 -30.16 -15.92
C PRO B 165 43.80 -29.41 -16.10
N VAL B 166 43.50 -29.02 -17.33
CA VAL B 166 42.16 -28.56 -17.65
C VAL B 166 41.19 -29.68 -17.30
N ILE B 167 40.14 -29.37 -16.55
CA ILE B 167 39.12 -30.36 -16.22
C ILE B 167 37.76 -29.86 -16.69
N LYS B 168 36.96 -30.77 -17.22
CA LYS B 168 35.67 -30.38 -17.78
C LYS B 168 34.57 -31.34 -17.33
N GLY B 169 33.35 -30.84 -17.29
CA GLY B 169 32.21 -31.64 -16.91
C GLY B 169 30.96 -31.04 -17.51
N THR B 170 29.99 -31.89 -17.83
CA THR B 170 28.74 -31.41 -18.40
C THR B 170 27.56 -32.19 -17.83
N TYR B 171 26.43 -31.52 -17.72
CA TYR B 171 25.20 -32.18 -17.30
C TYR B 171 24.00 -31.58 -18.02
N ASN B 172 23.27 -32.44 -18.72
CA ASN B 172 22.05 -32.07 -19.42
C ASN B 172 20.83 -32.41 -18.56
N ASN B 173 20.15 -31.39 -18.06
CA ASN B 173 18.92 -31.61 -17.31
C ASN B 173 17.80 -32.08 -18.22
N THR B 174 17.68 -33.41 -18.34
CA THR B 174 16.68 -34.02 -19.20
C THR B 174 15.38 -34.26 -18.44
N GLY B 175 15.40 -34.03 -17.13
CA GLY B 175 14.23 -34.23 -16.30
C GLY B 175 13.20 -33.12 -16.39
N THR B 176 12.11 -33.26 -15.65
CA THR B 176 11.01 -32.30 -15.67
C THR B 176 11.20 -31.20 -14.62
N GLN B 177 12.15 -31.42 -13.72
CA GLN B 177 12.29 -30.54 -12.55
C GLN B 177 13.54 -29.68 -12.64
N PRO B 178 13.45 -28.44 -12.15
CA PRO B 178 14.63 -27.58 -12.05
C PRO B 178 15.62 -28.15 -11.05
N ILE B 179 16.91 -27.88 -11.26
CA ILE B 179 17.93 -28.37 -10.36
C ILE B 179 18.62 -27.25 -9.63
N LEU B 180 18.58 -27.29 -8.31
CA LEU B 180 19.32 -26.34 -7.48
C LEU B 180 20.69 -26.94 -7.22
N TYR B 181 21.74 -26.22 -7.59
CA TYR B 181 23.09 -26.75 -7.42
C TYR B 181 24.05 -25.69 -6.92
N PHE B 182 25.25 -26.13 -6.54
CA PHE B 182 26.19 -25.27 -5.84
C PHE B 182 27.62 -25.54 -6.27
N TRP B 183 28.45 -24.50 -6.26
CA TRP B 183 29.87 -24.65 -6.46
C TRP B 183 30.61 -23.58 -5.67
N GLY B 184 31.92 -23.54 -5.83
CA GLY B 184 32.71 -22.51 -5.18
C GLY B 184 34.04 -22.26 -5.87
N VAL B 185 34.77 -21.27 -5.36
CA VAL B 185 36.08 -20.93 -5.86
C VAL B 185 37.00 -20.70 -4.67
N HIS B 186 38.11 -21.43 -4.61
CA HIS B 186 38.99 -21.33 -3.46
C HIS B 186 39.92 -20.13 -3.56
N HIS B 187 39.99 -19.37 -2.48
CA HIS B 187 40.92 -18.24 -2.41
C HIS B 187 41.93 -18.47 -1.29
N PRO B 188 43.08 -19.06 -1.64
CA PRO B 188 44.16 -19.35 -0.69
C PRO B 188 44.70 -18.10 -0.01
N LEU B 189 45.28 -18.26 1.17
CA LEU B 189 45.80 -17.15 1.96
C LEU B 189 47.11 -16.59 1.41
N ASP B 190 47.83 -17.40 0.64
CA ASP B 190 49.11 -16.97 0.05
C ASP B 190 49.49 -17.78 -1.18
N THR B 191 50.61 -17.42 -1.79
CA THR B 191 51.06 -18.06 -3.01
C THR B 191 51.53 -19.49 -2.78
N THR B 192 52.13 -19.73 -1.61
CA THR B 192 52.67 -21.03 -1.25
C THR B 192 51.60 -22.13 -1.31
N VAL B 193 50.42 -21.83 -0.78
CA VAL B 193 49.33 -22.81 -0.71
C VAL B 193 48.66 -22.95 -2.07
N GLN B 194 48.56 -21.85 -2.79
CA GLN B 194 48.16 -21.88 -4.20
C GLN B 194 48.97 -22.91 -4.99
N ASP B 195 50.29 -22.91 -4.80
CA ASP B 195 51.17 -23.81 -5.53
C ASP B 195 51.08 -25.25 -5.05
N ASN B 196 50.94 -25.42 -3.74
CA ASN B 196 50.68 -26.74 -3.17
C ASN B 196 49.48 -27.44 -3.79
N LEU B 197 48.37 -26.72 -3.89
CA LEU B 197 47.10 -27.31 -4.21
C LEU B 197 46.82 -27.41 -5.71
N TYR B 198 47.17 -26.36 -6.44
CA TYR B 198 46.75 -26.25 -7.82
C TYR B 198 47.90 -26.04 -8.79
N GLY B 199 49.08 -25.71 -8.26
CA GLY B 199 50.18 -25.42 -9.14
C GLY B 199 50.02 -23.94 -9.43
N SER B 200 50.94 -23.34 -10.19
CA SER B 200 50.79 -21.94 -10.59
C SER B 200 50.75 -21.69 -12.10
N GLY B 201 50.51 -20.42 -12.44
CA GLY B 201 49.87 -20.04 -13.67
C GLY B 201 48.54 -19.40 -13.30
N ASP B 202 47.99 -18.55 -14.16
CA ASP B 202 46.70 -17.92 -13.87
C ASP B 202 45.58 -18.94 -13.99
N LYS B 203 44.90 -19.15 -12.87
CA LYS B 203 43.88 -20.18 -12.76
C LYS B 203 42.51 -19.57 -13.00
N TYR B 204 41.55 -20.41 -13.37
CA TYR B 204 40.20 -19.94 -13.64
C TYR B 204 39.16 -21.00 -13.32
N VAL B 205 37.94 -20.53 -13.10
CA VAL B 205 36.78 -21.41 -12.98
C VAL B 205 35.67 -20.84 -13.86
N ARG B 206 35.26 -21.61 -14.85
CA ARG B 206 34.25 -21.14 -15.79
C ARG B 206 33.07 -22.08 -15.88
N MET B 207 31.87 -21.51 -15.97
CA MET B 207 30.67 -22.29 -16.16
C MET B 207 29.79 -21.67 -17.22
N GLY B 208 28.88 -22.48 -17.75
CA GLY B 208 28.07 -22.07 -18.87
C GLY B 208 26.77 -22.82 -18.90
N THR B 209 25.74 -22.12 -19.36
CA THR B 209 24.39 -22.62 -19.46
C THR B 209 23.82 -21.83 -20.62
N GLU B 210 22.78 -22.34 -21.26
CA GLU B 210 22.11 -21.61 -22.35
C GLU B 210 21.79 -20.16 -21.97
N SER B 211 21.55 -19.91 -20.69
CA SER B 211 21.11 -18.59 -20.24
C SER B 211 22.09 -17.85 -19.31
N MET B 212 23.14 -18.52 -18.85
CA MET B 212 24.09 -17.84 -17.96
C MET B 212 25.53 -18.26 -18.19
N ASN B 213 26.45 -17.35 -17.90
CA ASN B 213 27.87 -17.64 -17.92
C ASN B 213 28.53 -17.13 -16.66
N PHE B 214 29.39 -17.96 -16.08
CA PHE B 214 30.14 -17.59 -14.89
C PHE B 214 31.63 -17.75 -15.17
N ALA B 215 32.42 -16.81 -14.66
CA ALA B 215 33.86 -16.89 -14.79
C ALA B 215 34.53 -16.06 -13.71
N LYS B 216 35.50 -16.67 -13.05
CA LYS B 216 36.24 -15.99 -11.98
C LYS B 216 37.59 -16.63 -11.75
N SER B 217 38.48 -15.87 -11.12
CA SER B 217 39.85 -16.30 -10.91
C SER B 217 40.18 -16.15 -9.42
N PRO B 218 41.14 -16.95 -8.93
CA PRO B 218 41.42 -16.88 -7.49
C PRO B 218 42.03 -15.55 -7.06
N GLU B 219 41.54 -15.05 -5.94
CA GLU B 219 42.00 -13.78 -5.37
C GLU B 219 42.79 -14.08 -4.12
N ILE B 220 44.10 -14.18 -4.26
CA ILE B 220 44.93 -14.72 -3.20
C ILE B 220 45.32 -13.65 -2.19
N ALA B 221 44.95 -13.88 -0.94
CA ALA B 221 45.23 -12.95 0.15
C ALA B 221 44.90 -13.56 1.50
N ALA B 222 45.66 -13.19 2.53
CA ALA B 222 45.38 -13.63 3.88
C ALA B 222 44.32 -12.72 4.51
N ARG B 223 43.28 -13.34 5.05
CA ARG B 223 42.15 -12.62 5.63
C ARG B 223 41.97 -13.09 7.07
N PRO B 224 41.19 -12.37 7.89
CA PRO B 224 41.10 -12.77 9.30
C PRO B 224 40.69 -14.22 9.52
N ALA B 225 41.28 -14.85 10.53
CA ALA B 225 41.08 -16.28 10.76
C ALA B 225 39.67 -16.58 11.25
N VAL B 226 39.00 -17.48 10.55
CA VAL B 226 37.67 -17.94 10.93
C VAL B 226 37.68 -19.46 10.89
N ASN B 227 37.37 -20.07 12.03
CA ASN B 227 37.56 -21.51 12.21
C ASN B 227 38.97 -21.92 11.81
N GLY B 228 39.94 -21.13 12.23
CA GLY B 228 41.35 -21.35 11.91
C GLY B 228 41.71 -21.30 10.44
N GLN B 229 40.88 -20.63 9.63
CA GLN B 229 41.21 -20.47 8.23
C GLN B 229 41.40 -19.00 7.86
N ARG B 230 42.55 -18.67 7.28
CA ARG B 230 42.77 -17.34 6.75
C ARG B 230 42.65 -17.35 5.23
N SER B 231 42.30 -18.51 4.68
CA SER B 231 41.85 -18.60 3.30
C SER B 231 40.34 -18.41 3.26
N ARG B 232 39.77 -18.43 2.05
CA ARG B 232 38.32 -18.31 1.89
C ARG B 232 37.80 -19.14 0.71
N ILE B 233 36.50 -19.41 0.72
CA ILE B 233 35.80 -19.93 -0.45
C ILE B 233 34.62 -19.03 -0.76
N ASP B 234 34.52 -18.57 -2.00
CA ASP B 234 33.30 -17.90 -2.42
C ASP B 234 32.33 -18.96 -2.92
N TYR B 235 31.19 -19.08 -2.27
CA TYR B 235 30.20 -20.07 -2.67
C TYR B 235 29.19 -19.44 -3.61
N TYR B 236 28.67 -20.26 -4.52
CA TYR B 236 27.69 -19.78 -5.48
C TYR B 236 26.58 -20.81 -5.64
N TRP B 237 25.42 -20.35 -6.08
CA TRP B 237 24.33 -21.26 -6.36
C TRP B 237 23.67 -20.86 -7.68
N SER B 238 22.87 -21.76 -8.23
CA SER B 238 22.09 -21.47 -9.43
C SER B 238 21.00 -22.52 -9.62
N VAL B 239 20.15 -22.28 -10.61
CA VAL B 239 19.09 -23.21 -10.94
C VAL B 239 19.14 -23.61 -12.40
N LEU B 240 19.56 -24.85 -12.65
CA LEU B 240 19.52 -25.42 -13.99
C LEU B 240 18.08 -25.83 -14.25
N ARG B 241 17.45 -25.10 -15.16
CA ARG B 241 16.04 -25.21 -15.49
C ARG B 241 15.89 -26.46 -16.36
N PRO B 242 14.66 -27.01 -16.52
CA PRO B 242 14.49 -28.20 -17.37
C PRO B 242 14.86 -28.01 -18.86
N GLY B 243 15.58 -28.98 -19.42
CA GLY B 243 16.00 -28.95 -20.82
C GLY B 243 17.39 -28.44 -21.12
N GLU B 244 17.91 -27.58 -20.25
CA GLU B 244 19.24 -27.01 -20.45
C GLU B 244 20.39 -27.87 -19.92
N THR B 245 21.59 -27.49 -20.36
CA THR B 245 22.84 -28.18 -20.05
C THR B 245 23.82 -27.22 -19.37
N LEU B 246 24.63 -27.76 -18.46
CA LEU B 246 25.63 -26.99 -17.74
C LEU B 246 27.03 -27.47 -18.10
N ASN B 247 27.91 -26.55 -18.46
CA ASN B 247 29.29 -26.90 -18.74
C ASN B 247 30.22 -26.33 -17.69
N VAL B 248 31.03 -27.18 -17.09
CA VAL B 248 32.04 -26.74 -16.13
C VAL B 248 33.43 -26.90 -16.75
N GLU B 249 34.32 -25.96 -16.45
CA GLU B 249 35.70 -26.08 -16.88
C GLU B 249 36.61 -25.19 -16.04
N SER B 250 37.66 -25.78 -15.51
CA SER B 250 38.60 -25.06 -14.67
C SER B 250 40.00 -25.64 -14.84
N ASN B 251 41.00 -24.88 -14.43
CA ASN B 251 42.36 -25.40 -14.38
C ASN B 251 42.94 -25.21 -12.98
N GLY B 252 42.05 -25.07 -12.00
CA GLY B 252 42.45 -24.85 -10.62
C GLY B 252 41.43 -24.09 -9.80
N ASN B 253 41.48 -24.32 -8.49
CA ASN B 253 40.72 -23.54 -7.50
C ASN B 253 39.21 -23.79 -7.53
N LEU B 254 38.79 -24.86 -8.19
CA LEU B 254 37.37 -25.16 -8.27
C LEU B 254 36.91 -26.03 -7.10
N ILE B 255 35.90 -25.56 -6.40
CA ILE B 255 35.14 -26.43 -5.51
C ILE B 255 33.94 -26.88 -6.34
N ALA B 256 34.00 -28.13 -6.78
CA ALA B 256 33.09 -28.61 -7.82
C ALA B 256 31.75 -29.05 -7.23
N PRO B 257 30.69 -28.91 -8.02
CA PRO B 257 29.42 -29.54 -7.63
C PRO B 257 29.57 -31.05 -7.62
N TRP B 258 28.88 -31.72 -6.70
CA TRP B 258 28.93 -33.16 -6.58
C TRP B 258 27.52 -33.70 -6.51
N TYR B 259 26.80 -33.29 -5.47
CA TYR B 259 25.38 -33.56 -5.37
C TYR B 259 24.59 -32.27 -5.54
N ALA B 260 23.32 -32.41 -5.91
CA ALA B 260 22.44 -31.28 -6.14
C ALA B 260 21.01 -31.71 -5.88
N TYR B 261 20.08 -30.76 -5.94
CA TYR B 261 18.70 -31.05 -5.59
C TYR B 261 17.75 -30.86 -6.76
N LYS B 262 16.95 -31.88 -7.04
CA LYS B 262 15.83 -31.71 -7.95
C LYS B 262 14.76 -30.97 -7.17
N PHE B 263 14.44 -29.77 -7.64
CA PHE B 263 13.63 -28.85 -6.86
C PHE B 263 12.23 -28.75 -7.47
N VAL B 264 11.22 -28.96 -6.65
CA VAL B 264 9.84 -28.83 -7.11
C VAL B 264 9.25 -27.66 -6.35
N SER B 265 8.81 -26.65 -7.09
CA SER B 265 8.37 -25.42 -6.46
C SER B 265 6.89 -25.41 -6.22
N THR B 266 6.55 -24.60 -5.21
CA THR B 266 5.23 -24.54 -4.67
C THR B 266 4.27 -23.73 -5.54
N ASN B 267 2.97 -23.97 -5.41
CA ASN B 267 1.97 -23.18 -6.12
C ASN B 267 1.33 -22.19 -5.16
N LYS B 268 1.43 -22.52 -3.87
CA LYS B 268 0.93 -21.66 -2.81
C LYS B 268 1.99 -20.60 -2.55
N LYS B 269 2.14 -20.19 -1.29
CA LYS B 269 3.28 -19.40 -0.86
C LYS B 269 4.05 -20.17 0.21
N GLY B 270 5.37 -20.10 0.19
CA GLY B 270 6.17 -20.81 1.19
C GLY B 270 6.51 -19.91 2.36
N ALA B 271 7.15 -20.47 3.39
CA ALA B 271 7.58 -19.68 4.53
C ALA B 271 8.83 -20.23 5.19
N VAL B 272 9.58 -19.33 5.83
CA VAL B 272 10.77 -19.71 6.60
C VAL B 272 10.70 -19.05 7.97
N PHE B 273 10.37 -19.84 8.99
CA PHE B 273 10.18 -19.30 10.33
C PHE B 273 11.43 -19.43 11.21
N LYS B 274 11.90 -18.30 11.73
CA LYS B 274 12.99 -18.27 12.71
C LYS B 274 12.44 -18.20 14.14
N SER B 275 12.39 -19.34 14.81
CA SER B 275 11.69 -19.47 16.08
C SER B 275 12.20 -20.56 17.02
N ASP B 276 11.82 -20.45 18.29
CA ASP B 276 12.13 -21.43 19.32
C ASP B 276 11.00 -22.42 19.61
N LEU B 277 9.85 -22.26 18.96
CA LEU B 277 8.67 -23.03 19.35
C LEU B 277 8.78 -24.49 18.94
N PRO B 278 8.23 -25.39 19.77
CA PRO B 278 8.29 -26.83 19.49
C PRO B 278 7.43 -27.22 18.30
N ILE B 279 7.87 -28.25 17.57
CA ILE B 279 7.02 -28.86 16.55
C ILE B 279 6.36 -30.09 17.14
N GLU B 280 5.04 -30.16 17.00
CA GLU B 280 4.26 -31.23 17.61
C GLU B 280 3.34 -31.89 16.59
N ASN B 281 2.81 -33.06 16.94
CA ASN B 281 2.05 -33.85 16.00
C ASN B 281 0.59 -33.43 15.93
N CYS B 282 0.35 -32.28 15.30
CA CYS B 282 -1.00 -31.73 15.18
C CYS B 282 -1.21 -31.16 13.78
N ASP B 283 -2.47 -31.06 13.35
CA ASP B 283 -2.81 -30.35 12.12
C ASP B 283 -3.15 -28.91 12.40
N ALA B 284 -3.41 -28.17 11.34
CA ALA B 284 -3.72 -26.75 11.41
C ALA B 284 -4.09 -26.21 10.04
N THR B 285 -4.91 -25.16 10.02
CA THR B 285 -5.23 -24.47 8.79
C THR B 285 -4.59 -23.09 8.77
N CYS B 286 -4.21 -22.61 9.96
CA CYS B 286 -3.55 -21.32 10.10
C CYS B 286 -2.38 -21.39 11.08
N GLN B 287 -1.17 -21.18 10.59
CA GLN B 287 0.03 -21.26 11.42
C GLN B 287 0.85 -19.99 11.34
N THR B 288 0.97 -19.27 12.45
CA THR B 288 1.74 -18.03 12.50
C THR B 288 3.10 -18.25 13.17
N ILE B 289 4.05 -17.38 12.85
CA ILE B 289 5.39 -17.38 13.43
C ILE B 289 5.41 -17.54 14.97
N THR B 290 4.35 -17.09 15.63
CA THR B 290 4.27 -17.18 17.08
C THR B 290 3.26 -18.21 17.56
N GLY B 291 2.59 -18.88 16.62
CA GLY B 291 1.70 -19.98 16.99
C GLY B 291 0.53 -20.20 16.03
N VAL B 292 -0.04 -21.39 16.12
CA VAL B 292 -1.24 -21.73 15.34
C VAL B 292 -2.47 -21.03 15.90
N LEU B 293 -3.37 -20.61 15.02
CA LEU B 293 -4.65 -20.04 15.41
C LEU B 293 -5.76 -21.02 15.07
N ARG B 294 -6.68 -21.22 16.01
CA ARG B 294 -7.86 -22.03 15.76
C ARG B 294 -9.10 -21.18 15.91
N THR B 295 -9.68 -20.73 14.81
CA THR B 295 -10.80 -19.80 14.88
C THR B 295 -11.51 -19.56 13.56
N ASN B 296 -12.75 -19.07 13.65
CA ASN B 296 -13.49 -18.60 12.48
C ASN B 296 -13.53 -17.07 12.45
N LYS B 297 -13.04 -16.45 13.51
CA LYS B 297 -13.00 -14.98 13.58
C LYS B 297 -12.22 -14.40 12.41
N THR B 298 -12.64 -13.23 11.96
CA THR B 298 -12.12 -12.64 10.74
C THR B 298 -10.94 -11.71 11.03
N PHE B 299 -10.76 -11.36 12.30
CA PHE B 299 -9.63 -10.52 12.70
C PHE B 299 -8.76 -11.25 13.72
N GLN B 300 -7.52 -10.79 13.86
CA GLN B 300 -6.58 -11.38 14.81
C GLN B 300 -5.40 -10.44 15.05
N ASN B 301 -4.96 -10.37 16.30
CA ASN B 301 -3.87 -9.45 16.65
C ASN B 301 -2.60 -10.17 17.08
N VAL B 302 -2.48 -11.44 16.69
CA VAL B 302 -1.32 -12.25 17.06
C VAL B 302 -0.08 -11.89 16.24
N SER B 303 -0.13 -12.15 14.95
CA SER B 303 1.03 -11.90 14.08
C SER B 303 0.66 -11.78 12.61
N PRO B 304 1.39 -10.94 11.86
CA PRO B 304 1.18 -10.76 10.42
C PRO B 304 1.93 -11.78 9.55
N LEU B 305 2.69 -12.68 10.16
CA LEU B 305 3.42 -13.69 9.42
C LEU B 305 2.80 -15.06 9.59
N TRP B 306 2.39 -15.69 8.48
CA TRP B 306 1.78 -17.01 8.53
C TRP B 306 1.82 -17.76 7.20
N ILE B 307 1.33 -18.99 7.23
CA ILE B 307 0.87 -19.70 6.03
C ILE B 307 -0.46 -20.40 6.33
N GLY B 308 -1.19 -20.75 5.28
CA GLY B 308 -2.53 -21.28 5.43
C GLY B 308 -3.48 -20.10 5.45
N GLU B 309 -4.77 -20.35 5.65
CA GLU B 309 -5.71 -19.24 5.70
C GLU B 309 -5.96 -18.79 7.12
N CYS B 310 -5.42 -17.62 7.43
CA CYS B 310 -5.52 -16.98 8.71
C CYS B 310 -6.46 -15.78 8.58
N PRO B 311 -6.95 -15.27 9.71
CA PRO B 311 -7.71 -14.02 9.69
C PRO B 311 -6.83 -12.79 9.45
N LYS B 312 -7.45 -11.70 9.03
CA LYS B 312 -6.76 -10.42 8.85
C LYS B 312 -6.07 -9.96 10.14
N TYR B 313 -4.81 -9.54 10.02
CA TYR B 313 -4.07 -9.08 11.19
C TYR B 313 -4.26 -7.58 11.42
N VAL B 314 -4.54 -7.22 12.67
CA VAL B 314 -4.74 -5.83 13.06
C VAL B 314 -4.13 -5.58 14.45
N LYS B 315 -4.01 -4.30 14.83
CA LYS B 315 -3.38 -3.95 16.09
C LYS B 315 -4.44 -3.74 17.19
N SER B 316 -5.68 -4.05 16.88
CA SER B 316 -6.75 -3.89 17.85
C SER B 316 -6.64 -4.97 18.92
N GLU B 317 -7.01 -4.64 20.16
CA GLU B 317 -7.10 -5.67 21.18
C GLU B 317 -8.53 -6.20 21.25
N SER B 318 -9.48 -5.40 20.79
CA SER B 318 -10.86 -5.90 20.67
C SER B 318 -11.61 -5.25 19.51
N LEU B 319 -12.48 -6.02 18.88
CA LEU B 319 -13.38 -5.52 17.85
C LEU B 319 -14.75 -6.16 18.02
N ARG B 320 -15.55 -5.63 18.94
CA ARG B 320 -16.82 -6.28 19.24
C ARG B 320 -18.00 -5.50 18.67
N LEU B 321 -18.74 -6.15 17.77
CA LEU B 321 -19.86 -5.55 17.07
C LEU B 321 -21.15 -5.78 17.86
N ALA B 322 -21.95 -4.73 18.01
CA ALA B 322 -23.22 -4.85 18.73
C ALA B 322 -24.30 -5.43 17.83
N THR B 323 -25.02 -6.42 18.34
CA THR B 323 -26.12 -7.03 17.59
C THR B 323 -27.46 -6.72 18.24
N GLY B 324 -27.51 -6.79 19.57
CA GLY B 324 -28.73 -6.49 20.29
C GLY B 324 -28.88 -5.02 20.62
N LEU B 325 -29.77 -4.72 21.54
CA LEU B 325 -30.05 -3.34 21.93
C LEU B 325 -29.40 -3.01 23.27
N ARG B 326 -29.49 -1.74 23.66
CA ARG B 326 -28.99 -1.29 24.96
C ARG B 326 -29.64 -2.04 26.11
N ASN B 327 -28.84 -2.48 27.07
CA ASN B 327 -29.40 -3.26 28.16
C ASN B 327 -29.78 -2.40 29.35
N VAL B 328 -31.08 -2.36 29.63
CA VAL B 328 -31.57 -1.57 30.75
C VAL B 328 -32.49 -2.45 31.56
N PRO B 329 -31.94 -3.02 32.65
CA PRO B 329 -32.53 -4.18 33.32
C PRO B 329 -33.14 -3.76 34.66
N SER C 5 -66.81 9.23 2.15
CA SER C 5 -66.11 10.42 2.62
C SER C 5 -64.90 10.72 1.75
N ASP C 6 -64.53 11.99 1.64
CA ASP C 6 -63.44 12.37 0.77
C ASP C 6 -62.11 12.03 1.44
N LYS C 7 -61.19 11.44 0.68
CA LYS C 7 -59.93 10.98 1.24
C LYS C 7 -58.73 11.59 0.53
N ILE C 8 -57.71 11.89 1.30
CA ILE C 8 -56.40 12.19 0.74
C ILE C 8 -55.34 11.36 1.48
N CYS C 9 -54.49 10.70 0.69
CA CYS C 9 -53.48 9.82 1.24
C CYS C 9 -52.08 10.24 0.84
N ILE C 10 -51.10 9.93 1.69
CA ILE C 10 -49.71 10.13 1.35
C ILE C 10 -49.11 8.79 0.95
N GLY C 11 -48.22 8.81 -0.04
CA GLY C 11 -47.62 7.59 -0.53
C GLY C 11 -46.38 7.84 -1.36
N TYR C 12 -45.94 6.81 -2.07
CA TYR C 12 -44.65 6.88 -2.74
C TYR C 12 -44.63 6.11 -4.07
N HIS C 13 -43.67 6.43 -4.91
CA HIS C 13 -43.59 5.92 -6.27
C HIS C 13 -43.35 4.41 -6.34
N ALA C 14 -43.80 3.81 -7.43
CA ALA C 14 -43.51 2.42 -7.75
C ALA C 14 -43.50 2.27 -9.28
N ASN C 15 -42.92 1.18 -9.78
CA ASN C 15 -42.81 0.97 -11.22
C ASN C 15 -42.56 -0.50 -11.59
N ASN C 16 -42.27 -0.78 -12.87
CA ASN C 16 -42.06 -2.15 -13.31
C ASN C 16 -40.62 -2.60 -13.15
N SER C 17 -39.83 -1.81 -12.44
CA SER C 17 -38.43 -2.17 -12.17
C SER C 17 -38.28 -3.49 -11.43
N THR C 18 -37.26 -4.24 -11.81
CA THR C 18 -36.87 -5.45 -11.08
C THR C 18 -35.38 -5.39 -10.75
N THR C 19 -34.78 -4.22 -10.96
CA THR C 19 -33.36 -4.02 -10.66
C THR C 19 -33.14 -4.00 -9.15
N GLN C 20 -32.22 -4.82 -8.67
CA GLN C 20 -31.99 -4.97 -7.25
C GLN C 20 -30.65 -4.39 -6.77
N VAL C 21 -30.61 -4.01 -5.50
CA VAL C 21 -29.38 -3.56 -4.86
C VAL C 21 -29.19 -4.31 -3.54
N ASP C 22 -28.00 -4.18 -2.96
CA ASP C 22 -27.72 -4.76 -1.65
C ASP C 22 -27.50 -3.67 -0.62
N THR C 23 -27.92 -3.94 0.61
CA THR C 23 -27.62 -3.08 1.74
C THR C 23 -26.99 -3.95 2.83
N LEU C 24 -26.38 -3.31 3.82
CA LEU C 24 -25.87 -4.03 4.97
C LEU C 24 -26.96 -4.89 5.61
N LEU C 25 -28.20 -4.42 5.55
CA LEU C 25 -29.29 -5.04 6.28
C LEU C 25 -30.06 -6.06 5.46
N GLU C 26 -29.93 -5.98 4.13
CA GLU C 26 -30.79 -6.78 3.26
C GLU C 26 -30.18 -6.93 1.88
N LYS C 27 -30.05 -8.18 1.41
CA LYS C 27 -29.52 -8.43 0.07
C LYS C 27 -30.67 -8.48 -0.92
N ASN C 28 -30.34 -8.42 -2.21
CA ASN C 28 -31.36 -8.44 -3.26
C ASN C 28 -32.60 -7.59 -2.97
N VAL C 29 -32.46 -6.27 -2.93
CA VAL C 29 -33.60 -5.40 -2.67
C VAL C 29 -34.03 -4.66 -3.93
N THR C 30 -35.25 -4.89 -4.37
CA THR C 30 -35.75 -4.24 -5.58
C THR C 30 -35.98 -2.76 -5.31
N VAL C 31 -35.47 -1.92 -6.19
CA VAL C 31 -35.66 -0.48 -6.06
C VAL C 31 -36.16 0.13 -7.37
N THR C 32 -36.67 1.36 -7.28
CA THR C 32 -37.31 2.00 -8.41
C THR C 32 -36.29 2.57 -9.40
N HIS C 33 -35.17 3.05 -8.86
CA HIS C 33 -34.11 3.62 -9.68
C HIS C 33 -32.75 3.31 -9.07
N SER C 34 -31.79 2.96 -9.91
CA SER C 34 -30.42 2.74 -9.45
C SER C 34 -29.41 3.11 -10.52
N VAL C 35 -28.13 3.03 -10.17
CA VAL C 35 -27.06 3.34 -11.11
C VAL C 35 -25.89 2.37 -10.91
N GLU C 36 -25.36 1.86 -12.02
CA GLU C 36 -24.21 0.97 -11.98
C GLU C 36 -22.92 1.79 -12.08
N LEU C 37 -22.01 1.56 -11.15
CA LEU C 37 -20.78 2.34 -11.09
C LEU C 37 -19.58 1.60 -11.66
N LEU C 38 -19.79 0.35 -12.06
CA LEU C 38 -18.69 -0.51 -12.46
C LEU C 38 -18.83 -0.98 -13.91
N GLU C 39 -17.76 -0.78 -14.68
CA GLU C 39 -17.71 -1.21 -16.07
C GLU C 39 -17.09 -2.60 -16.16
N ASN C 40 -17.66 -3.47 -16.97
CA ASN C 40 -17.06 -4.77 -17.25
C ASN C 40 -17.12 -5.13 -18.72
N GLN C 41 -17.15 -4.12 -19.57
CA GLN C 41 -17.11 -4.32 -21.02
C GLN C 41 -15.86 -3.74 -21.63
N LYS C 42 -15.42 -4.37 -22.73
CA LYS C 42 -14.12 -4.09 -23.32
C LYS C 42 -14.10 -4.51 -24.78
N GLU C 43 -13.69 -3.61 -25.67
CA GLU C 43 -13.34 -4.02 -27.02
C GLU C 43 -11.97 -4.69 -26.94
N LYS C 44 -11.87 -5.90 -27.48
CA LYS C 44 -10.65 -6.69 -27.32
C LYS C 44 -9.66 -6.41 -28.43
N ARG C 45 -8.95 -5.29 -28.29
CA ARG C 45 -8.03 -4.83 -29.32
C ARG C 45 -7.16 -3.70 -28.77
N PHE C 46 -6.21 -3.26 -29.58
CA PHE C 46 -5.35 -2.14 -29.21
C PHE C 46 -5.62 -0.97 -30.15
N CYS C 47 -5.78 0.22 -29.60
CA CYS C 47 -6.19 1.40 -30.36
C CYS C 47 -5.21 2.53 -30.19
N LYS C 48 -5.39 3.63 -30.92
CA LYS C 48 -4.55 4.77 -30.65
C LYS C 48 -5.00 5.33 -29.32
N ILE C 49 -4.07 6.02 -28.66
CA ILE C 49 -4.33 6.68 -27.38
C ILE C 49 -3.73 8.08 -27.56
N MET C 50 -4.54 9.11 -27.31
CA MET C 50 -4.22 10.47 -27.66
C MET C 50 -3.88 10.64 -29.12
N ASN C 51 -4.52 9.85 -29.99
CA ASN C 51 -4.18 9.72 -31.41
C ASN C 51 -2.80 9.12 -31.71
N LYS C 52 -1.99 8.93 -30.68
CA LYS C 52 -0.67 8.35 -30.81
C LYS C 52 -0.85 6.83 -31.09
N ALA C 53 -0.10 6.24 -32.03
CA ALA C 53 -0.27 4.81 -32.38
C ALA C 53 0.64 3.94 -31.53
N PRO C 54 0.27 2.66 -31.30
CA PRO C 54 1.20 1.81 -30.56
C PRO C 54 2.32 1.29 -31.47
N LEU C 55 3.34 0.65 -30.89
CA LEU C 55 4.37 0.04 -31.71
C LEU C 55 4.27 -1.48 -31.65
N ASP C 56 3.90 -2.07 -32.79
CA ASP C 56 3.78 -3.51 -32.90
C ASP C 56 5.14 -4.12 -33.24
N LEU C 57 5.72 -4.86 -32.30
CA LEU C 57 7.02 -5.47 -32.53
C LEU C 57 6.87 -6.77 -33.33
N LYS C 58 5.62 -7.13 -33.63
CA LYS C 58 5.30 -8.18 -34.59
C LYS C 58 5.95 -9.53 -34.25
N ASP C 59 6.96 -9.91 -35.03
CA ASP C 59 7.69 -11.14 -34.75
C ASP C 59 9.08 -10.88 -34.18
N CYS C 60 9.25 -9.69 -33.59
CA CYS C 60 10.46 -9.35 -32.85
C CYS C 60 10.21 -9.22 -31.33
N THR C 61 11.27 -9.41 -30.54
CA THR C 61 11.26 -8.98 -29.16
C THR C 61 11.93 -7.62 -29.05
N ILE C 62 11.74 -6.95 -27.91
CA ILE C 62 12.38 -5.66 -27.64
C ILE C 62 13.88 -5.75 -27.89
N GLU C 63 14.48 -6.81 -27.37
CA GLU C 63 15.89 -7.12 -27.59
C GLU C 63 16.22 -7.09 -29.09
N GLY C 64 15.49 -7.89 -29.86
CA GLY C 64 15.68 -7.96 -31.30
C GLY C 64 15.55 -6.62 -31.98
N TRP C 65 14.45 -5.92 -31.69
CA TRP C 65 14.20 -4.59 -32.23
C TRP C 65 15.35 -3.62 -31.98
N ILE C 66 15.75 -3.51 -30.71
CA ILE C 66 16.64 -2.44 -30.29
C ILE C 66 18.11 -2.75 -30.53
N LEU C 67 18.43 -4.02 -30.76
CA LEU C 67 19.79 -4.41 -31.12
C LEU C 67 19.98 -4.39 -32.63
N GLY C 68 18.88 -4.51 -33.36
CA GLY C 68 18.92 -4.49 -34.81
C GLY C 68 19.18 -5.84 -35.42
N ASN C 69 18.49 -6.87 -34.91
CA ASN C 69 18.45 -8.17 -35.56
C ASN C 69 18.09 -7.98 -37.03
N PRO C 70 18.81 -8.66 -37.93
CA PRO C 70 18.54 -8.56 -39.37
C PRO C 70 17.08 -8.85 -39.74
N LYS C 71 16.49 -9.88 -39.16
CA LYS C 71 15.08 -10.20 -39.42
C LYS C 71 14.11 -9.16 -38.85
N CYS C 72 14.64 -8.13 -38.22
CA CYS C 72 13.81 -7.06 -37.65
C CYS C 72 13.94 -5.75 -38.42
N ASP C 73 14.16 -5.83 -39.72
CA ASP C 73 14.37 -4.63 -40.54
C ASP C 73 13.09 -3.81 -40.67
N LEU C 74 11.95 -4.49 -40.70
CA LEU C 74 10.63 -3.87 -40.66
C LEU C 74 10.54 -2.71 -39.66
N LEU C 75 11.23 -2.86 -38.53
CA LEU C 75 11.13 -1.91 -37.43
C LEU C 75 12.28 -0.90 -37.43
N LEU C 76 13.18 -1.03 -38.41
CA LEU C 76 14.38 -0.21 -38.46
C LEU C 76 14.08 1.27 -38.71
N GLY C 77 14.84 2.15 -38.06
CA GLY C 77 14.68 3.58 -38.25
C GLY C 77 13.99 4.28 -37.10
N ASP C 78 13.37 5.42 -37.38
CA ASP C 78 12.67 6.20 -36.37
C ASP C 78 11.36 5.54 -35.98
N GLN C 79 10.94 5.73 -34.73
CA GLN C 79 9.68 5.15 -34.23
C GLN C 79 9.00 6.03 -33.20
N SER C 80 7.70 6.24 -33.37
CA SER C 80 6.87 6.88 -32.36
C SER C 80 5.83 5.88 -31.86
N TRP C 81 5.52 5.92 -30.57
CA TRP C 81 4.57 4.95 -30.04
C TRP C 81 3.86 5.42 -28.77
N SER C 82 2.60 5.00 -28.62
CA SER C 82 1.82 5.28 -27.42
C SER C 82 2.14 4.29 -26.32
N TYR C 83 2.38 3.06 -26.74
CA TYR C 83 2.85 1.98 -25.88
C TYR C 83 3.45 0.94 -26.79
N ILE C 84 3.87 -0.18 -26.22
CA ILE C 84 4.60 -1.15 -27.02
C ILE C 84 3.94 -2.50 -26.87
N VAL C 85 3.60 -3.12 -28.00
CA VAL C 85 2.94 -4.40 -27.95
C VAL C 85 3.90 -5.48 -28.42
N GLU C 86 4.39 -6.25 -27.47
CA GLU C 86 5.28 -7.35 -27.75
C GLU C 86 4.45 -8.62 -27.70
N ARG C 87 4.55 -9.41 -28.76
CA ARG C 87 3.71 -10.59 -28.87
C ARG C 87 4.42 -11.76 -28.20
N PRO C 88 3.64 -12.68 -27.61
CA PRO C 88 4.17 -13.62 -26.60
C PRO C 88 5.12 -14.66 -27.17
N ASN C 89 4.97 -14.98 -28.45
CA ASN C 89 5.85 -15.96 -29.07
C ASN C 89 6.65 -15.37 -30.23
N ALA C 90 7.12 -14.14 -30.05
CA ALA C 90 7.97 -13.50 -31.03
C ALA C 90 9.32 -14.20 -31.02
N GLN C 91 9.88 -14.47 -32.20
CA GLN C 91 11.04 -15.38 -32.26
C GLN C 91 12.36 -14.68 -32.57
N ASN C 92 12.30 -13.46 -33.08
CA ASN C 92 13.53 -12.73 -33.40
C ASN C 92 13.97 -11.82 -32.26
N GLY C 93 14.96 -12.28 -31.50
CA GLY C 93 15.53 -11.51 -30.41
C GLY C 93 17.05 -11.49 -30.48
N ILE C 94 17.68 -12.02 -29.44
CA ILE C 94 19.14 -12.14 -29.41
C ILE C 94 19.55 -13.39 -30.20
N CYS C 95 19.90 -13.19 -31.47
CA CYS C 95 20.28 -14.28 -32.36
C CYS C 95 21.53 -15.00 -31.89
N TYR C 96 22.61 -14.24 -31.72
CA TYR C 96 23.88 -14.81 -31.26
C TYR C 96 23.85 -14.90 -29.75
N PRO C 97 23.96 -16.13 -29.21
CA PRO C 97 23.69 -16.40 -27.79
C PRO C 97 24.53 -15.55 -26.84
N GLY C 98 23.87 -15.08 -25.78
CA GLY C 98 24.53 -14.22 -24.82
C GLY C 98 23.52 -13.49 -23.96
N VAL C 99 24.00 -12.88 -22.89
CA VAL C 99 23.13 -12.17 -21.97
C VAL C 99 23.16 -10.67 -22.21
N LEU C 100 21.98 -10.06 -22.30
CA LEU C 100 21.86 -8.61 -22.37
C LEU C 100 21.80 -8.06 -20.95
N ASN C 101 22.90 -7.46 -20.51
CA ASN C 101 23.03 -6.96 -19.15
C ASN C 101 21.94 -5.96 -18.76
N GLU C 102 21.41 -6.14 -17.55
CA GLU C 102 20.35 -5.27 -17.02
C GLU C 102 19.16 -5.19 -17.97
N LEU C 103 18.77 -6.35 -18.50
CA LEU C 103 17.69 -6.46 -19.47
C LEU C 103 16.38 -5.84 -18.98
N GLU C 104 16.08 -6.05 -17.71
CA GLU C 104 14.82 -5.59 -17.14
C GLU C 104 14.80 -4.07 -16.99
N GLU C 105 15.92 -3.50 -16.58
CA GLU C 105 16.03 -2.05 -16.48
C GLU C 105 16.04 -1.38 -17.85
N LEU C 106 16.48 -2.13 -18.86
CA LEU C 106 16.43 -1.65 -20.24
C LEU C 106 15.00 -1.68 -20.77
N LYS C 107 14.32 -2.81 -20.59
CA LYS C 107 12.93 -2.97 -21.01
C LYS C 107 12.07 -1.93 -20.33
N ALA C 108 12.48 -1.49 -19.15
CA ALA C 108 11.75 -0.47 -18.41
C ALA C 108 12.06 0.93 -18.90
N PHE C 109 13.33 1.19 -19.22
CA PHE C 109 13.74 2.50 -19.71
C PHE C 109 13.13 2.81 -21.07
N ILE C 110 13.08 1.80 -21.93
CA ILE C 110 12.47 1.94 -23.25
C ILE C 110 10.98 2.23 -23.13
N GLY C 111 10.31 1.46 -22.28
CA GLY C 111 8.92 1.71 -21.92
C GLY C 111 8.73 3.15 -21.52
N SER C 112 9.74 3.71 -20.87
CA SER C 112 9.64 5.08 -20.42
C SER C 112 9.72 6.09 -21.59
N GLY C 113 9.74 5.63 -22.84
CA GLY C 113 9.87 6.52 -24.00
C GLY C 113 8.72 6.63 -25.00
N GLU C 114 8.81 7.56 -25.96
CA GLU C 114 7.75 7.65 -26.98
C GLU C 114 8.28 7.78 -28.40
N ARG C 115 9.51 8.27 -28.55
CA ARG C 115 10.16 8.19 -29.86
C ARG C 115 11.66 7.98 -29.75
N VAL C 116 12.23 7.38 -30.79
CA VAL C 116 13.65 7.23 -30.95
C VAL C 116 14.03 7.64 -32.36
N GLU C 117 15.21 8.23 -32.52
CA GLU C 117 15.71 8.49 -33.86
C GLU C 117 17.03 7.76 -34.05
N ARG C 118 17.05 6.85 -35.00
CA ARG C 118 18.24 6.06 -35.28
C ARG C 118 19.27 6.94 -35.99
N PHE C 119 20.55 6.73 -35.68
CA PHE C 119 21.61 7.53 -36.26
C PHE C 119 22.96 6.85 -36.07
N GLU C 120 23.84 7.01 -37.05
CA GLU C 120 25.17 6.42 -37.01
C GLU C 120 26.02 7.11 -35.95
N MET C 121 26.26 6.41 -34.84
CA MET C 121 27.02 6.97 -33.72
C MET C 121 28.52 6.79 -33.94
N PHE C 122 28.90 5.61 -34.42
CA PHE C 122 30.29 5.32 -34.73
C PHE C 122 30.39 4.68 -36.12
N PRO C 123 30.85 5.47 -37.11
CA PRO C 123 31.09 4.90 -38.44
C PRO C 123 32.14 3.81 -38.41
N LYS C 124 32.10 2.88 -39.35
CA LYS C 124 33.10 1.81 -39.40
C LYS C 124 34.48 2.43 -39.61
N SER C 125 34.50 3.60 -40.23
CA SER C 125 35.66 4.47 -40.33
C SER C 125 36.43 4.62 -39.01
N THR C 126 35.68 4.71 -37.91
CA THR C 126 36.23 5.07 -36.60
C THR C 126 37.39 4.17 -36.16
N TRP C 127 37.33 2.90 -36.56
CA TRP C 127 38.23 1.89 -36.04
C TRP C 127 39.38 1.60 -37.01
N ALA C 128 40.59 2.03 -36.63
CA ALA C 128 41.76 1.94 -37.51
C ALA C 128 42.46 0.59 -37.45
N GLY C 129 42.85 0.09 -38.62
CA GLY C 129 43.70 -1.09 -38.71
C GLY C 129 42.99 -2.39 -38.37
N VAL C 130 41.70 -2.47 -38.72
CA VAL C 130 40.88 -3.62 -38.37
C VAL C 130 39.85 -3.89 -39.46
N ASP C 131 39.37 -5.13 -39.52
CA ASP C 131 38.42 -5.51 -40.57
C ASP C 131 36.99 -5.42 -40.04
N THR C 132 36.27 -4.42 -40.52
CA THR C 132 34.89 -4.19 -40.12
C THR C 132 33.92 -4.75 -41.14
N SER C 133 34.44 -5.51 -42.11
CA SER C 133 33.58 -5.95 -43.21
C SER C 133 33.19 -7.42 -43.06
N ARG C 134 34.03 -8.21 -42.41
CA ARG C 134 33.54 -9.46 -41.85
C ARG C 134 33.06 -9.15 -40.44
N GLY C 135 32.49 -10.15 -39.78
CA GLY C 135 31.88 -9.93 -38.47
C GLY C 135 30.41 -10.21 -38.64
N VAL C 136 30.14 -11.46 -38.99
CA VAL C 136 28.87 -11.91 -39.54
C VAL C 136 28.80 -13.38 -39.18
N THR C 137 27.60 -13.93 -39.07
CA THR C 137 27.45 -15.28 -38.53
C THR C 137 26.12 -15.93 -38.89
N ASN C 138 26.12 -17.25 -39.04
CA ASN C 138 24.92 -17.98 -39.43
C ASN C 138 23.91 -18.09 -38.29
N ALA C 139 24.33 -17.72 -37.09
CA ALA C 139 23.41 -17.65 -35.96
C ALA C 139 22.50 -16.45 -36.08
N CYS C 140 22.86 -15.53 -36.97
CA CYS C 140 22.18 -14.26 -37.08
C CYS C 140 21.82 -13.93 -38.53
N PRO C 141 21.03 -14.81 -39.18
CA PRO C 141 20.76 -14.64 -40.61
C PRO C 141 19.78 -13.51 -40.91
N SER C 142 19.83 -13.02 -42.15
CA SER C 142 18.75 -12.20 -42.69
C SER C 142 17.71 -13.11 -43.32
N TYR C 143 16.69 -12.52 -43.93
CA TYR C 143 15.74 -13.28 -44.72
C TYR C 143 16.30 -13.57 -46.12
N THR C 144 17.46 -12.98 -46.43
CA THR C 144 18.07 -13.14 -47.74
C THR C 144 19.53 -13.59 -47.69
N ILE C 145 20.16 -13.42 -46.52
CA ILE C 145 21.54 -13.84 -46.33
C ILE C 145 21.65 -14.67 -45.06
N ASP C 146 21.79 -15.99 -45.19
CA ASP C 146 21.76 -16.86 -44.02
C ASP C 146 23.00 -16.75 -43.13
N SER C 147 23.73 -15.65 -43.27
CA SER C 147 24.82 -15.33 -42.34
C SER C 147 25.02 -13.81 -42.27
N SER C 148 24.51 -13.19 -41.22
CA SER C 148 24.55 -11.73 -41.08
C SER C 148 24.87 -11.33 -39.64
N PHE C 149 24.56 -10.09 -39.28
CA PHE C 149 24.80 -9.60 -37.93
C PHE C 149 23.91 -8.39 -37.60
N TYR C 150 23.82 -8.07 -36.31
CA TYR C 150 22.98 -6.96 -35.84
C TYR C 150 23.28 -5.66 -36.58
N ARG C 151 22.24 -4.86 -36.79
CA ARG C 151 22.37 -3.66 -37.62
C ARG C 151 22.88 -2.46 -36.82
N ASN C 152 22.83 -2.55 -35.50
CA ASN C 152 23.32 -1.46 -34.66
C ASN C 152 24.68 -1.75 -34.04
N LEU C 153 25.30 -2.86 -34.46
CA LEU C 153 26.60 -3.26 -33.91
C LEU C 153 27.57 -3.67 -35.01
N VAL C 154 28.85 -3.65 -34.69
CA VAL C 154 29.88 -4.12 -35.61
C VAL C 154 30.81 -5.11 -34.93
N TRP C 155 30.89 -6.32 -35.49
CA TRP C 155 31.79 -7.33 -34.99
C TRP C 155 33.16 -7.12 -35.64
N ILE C 156 34.03 -6.38 -34.95
CA ILE C 156 35.35 -6.05 -35.46
C ILE C 156 36.35 -7.19 -35.26
N VAL C 157 37.02 -7.57 -36.35
CA VAL C 157 38.08 -8.57 -36.30
C VAL C 157 39.40 -8.11 -36.93
N LYS C 158 40.42 -8.93 -36.70
CA LYS C 158 41.74 -8.81 -37.30
C LYS C 158 41.70 -8.76 -38.84
N THR C 159 42.58 -7.98 -39.46
CA THR C 159 42.84 -8.10 -40.91
C THR C 159 43.65 -9.37 -41.07
N ASP C 160 43.67 -9.96 -42.27
CA ASP C 160 44.33 -11.25 -42.52
C ASP C 160 45.58 -11.60 -41.70
N SER C 161 46.65 -10.80 -41.81
CA SER C 161 47.89 -11.12 -41.09
C SER C 161 48.60 -9.98 -40.30
N ALA C 162 47.92 -8.88 -40.07
CA ALA C 162 48.49 -7.86 -39.20
C ALA C 162 48.04 -8.24 -37.79
N THR C 163 48.28 -7.41 -36.78
CA THR C 163 47.82 -7.74 -35.43
C THR C 163 46.72 -6.76 -35.04
N TYR C 164 45.81 -7.20 -34.19
CA TYR C 164 44.68 -6.36 -33.76
C TYR C 164 45.21 -5.18 -32.93
N PRO C 165 45.26 -3.99 -33.54
CA PRO C 165 45.87 -2.82 -32.91
C PRO C 165 44.96 -2.21 -31.86
N VAL C 166 45.49 -1.35 -31.02
CA VAL C 166 44.64 -0.52 -30.17
C VAL C 166 43.71 0.28 -31.07
N ILE C 167 42.42 0.26 -30.75
CA ILE C 167 41.47 1.04 -31.51
C ILE C 167 40.73 1.99 -30.59
N LYS C 168 40.47 3.20 -31.09
CA LYS C 168 39.84 4.22 -30.28
C LYS C 168 38.68 4.88 -31.01
N GLY C 169 37.73 5.38 -30.22
CA GLY C 169 36.58 6.08 -30.76
C GLY C 169 36.02 7.00 -29.70
N THR C 170 35.47 8.12 -30.13
CA THR C 170 34.87 9.07 -29.21
C THR C 170 33.62 9.69 -29.82
N TYR C 171 32.65 10.02 -28.97
CA TYR C 171 31.46 10.72 -29.42
C TYR C 171 31.00 11.70 -28.36
N ASN C 172 30.89 12.97 -28.77
CA ASN C 172 30.42 14.04 -27.91
C ASN C 172 28.92 14.27 -28.17
N ASN C 173 28.08 13.91 -27.20
CA ASN C 173 26.64 14.19 -27.33
C ASN C 173 26.37 15.67 -27.20
N THR C 174 26.37 16.37 -28.33
CA THR C 174 26.15 17.81 -28.35
C THR C 174 24.67 18.17 -28.50
N GLY C 175 23.84 17.16 -28.73
CA GLY C 175 22.41 17.37 -28.89
C GLY C 175 21.67 17.59 -27.59
N THR C 176 20.36 17.80 -27.69
CA THR C 176 19.51 18.06 -26.53
C THR C 176 18.95 16.76 -25.94
N GLN C 177 19.10 15.67 -26.68
CA GLN C 177 18.45 14.42 -26.32
C GLN C 177 19.44 13.38 -25.84
N PRO C 178 19.03 12.56 -24.85
CA PRO C 178 19.87 11.44 -24.41
C PRO C 178 20.01 10.41 -25.51
N ILE C 179 21.14 9.69 -25.53
CA ILE C 179 21.35 8.67 -26.54
C ILE C 179 21.39 7.28 -25.92
N LEU C 180 20.51 6.41 -26.39
CA LEU C 180 20.54 5.01 -25.98
C LEU C 180 21.43 4.26 -26.96
N TYR C 181 22.46 3.60 -26.45
CA TYR C 181 23.40 2.91 -27.33
C TYR C 181 23.80 1.55 -26.76
N PHE C 182 24.49 0.76 -27.59
CA PHE C 182 24.77 -0.64 -27.26
C PHE C 182 26.16 -1.05 -27.72
N TRP C 183 26.76 -1.97 -26.97
CA TRP C 183 28.01 -2.59 -27.40
C TRP C 183 28.06 -4.00 -26.83
N GLY C 184 29.16 -4.70 -27.06
CA GLY C 184 29.31 -6.04 -26.51
C GLY C 184 30.76 -6.48 -26.39
N VAL C 185 30.95 -7.68 -25.83
CA VAL C 185 32.26 -8.26 -25.69
C VAL C 185 32.19 -9.73 -26.09
N HIS C 186 33.02 -10.13 -27.04
CA HIS C 186 32.97 -11.50 -27.54
C HIS C 186 33.73 -12.47 -26.65
N HIS C 187 33.09 -13.59 -26.34
CA HIS C 187 33.71 -14.66 -25.57
C HIS C 187 33.79 -15.94 -26.40
N PRO C 188 34.92 -16.13 -27.09
CA PRO C 188 35.17 -17.30 -27.93
C PRO C 188 35.12 -18.62 -27.16
N LEU C 189 34.83 -19.72 -27.86
CA LEU C 189 34.70 -21.02 -27.22
C LEU C 189 36.04 -21.64 -26.86
N ASP C 190 37.11 -21.18 -27.50
CA ASP C 190 38.45 -21.71 -27.22
C ASP C 190 39.56 -20.74 -27.63
N THR C 191 40.80 -21.14 -27.37
CA THR C 191 41.96 -20.29 -27.64
C THR C 191 42.21 -20.14 -29.15
N THR C 192 41.94 -21.21 -29.89
CA THR C 192 42.18 -21.23 -31.34
C THR C 192 41.44 -20.11 -32.06
N VAL C 193 40.17 -19.92 -31.69
CA VAL C 193 39.30 -18.94 -32.35
C VAL C 193 39.63 -17.52 -31.86
N GLN C 194 39.97 -17.40 -30.58
CA GLN C 194 40.51 -16.16 -30.04
C GLN C 194 41.63 -15.58 -30.89
N ASP C 195 42.58 -16.44 -31.23
CA ASP C 195 43.76 -16.04 -31.99
C ASP C 195 43.46 -15.78 -33.46
N ASN C 196 42.58 -16.60 -34.03
CA ASN C 196 42.06 -16.36 -35.38
C ASN C 196 41.52 -14.95 -35.56
N LEU C 197 40.71 -14.52 -34.58
CA LEU C 197 39.92 -13.30 -34.70
C LEU C 197 40.65 -12.06 -34.21
N TYR C 198 41.36 -12.17 -33.10
CA TYR C 198 41.91 -11.00 -32.43
C TYR C 198 43.40 -11.08 -32.17
N GLY C 199 43.99 -12.27 -32.30
CA GLY C 199 45.40 -12.45 -32.02
C GLY C 199 45.64 -12.86 -30.58
N SER C 200 46.90 -13.12 -30.23
CA SER C 200 47.22 -13.43 -28.85
C SER C 200 47.41 -12.17 -28.01
N GLY C 201 47.52 -12.38 -26.71
CA GLY C 201 47.76 -11.31 -25.77
C GLY C 201 46.48 -11.16 -24.96
N ASP C 202 46.60 -10.67 -23.73
CA ASP C 202 45.42 -10.43 -22.92
C ASP C 202 44.66 -9.21 -23.44
N LYS C 203 43.43 -9.45 -23.88
CA LYS C 203 42.62 -8.45 -24.57
C LYS C 203 41.69 -7.72 -23.61
N TYR C 204 41.23 -6.55 -24.03
CA TYR C 204 40.34 -5.76 -23.20
C TYR C 204 39.34 -4.95 -24.01
N VAL C 205 38.24 -4.59 -23.37
CA VAL C 205 37.28 -3.65 -23.93
C VAL C 205 36.97 -2.62 -22.85
N ARG C 206 37.28 -1.37 -23.11
CA ARG C 206 37.07 -0.33 -22.10
C ARG C 206 36.19 0.78 -22.66
N MET C 207 35.30 1.27 -21.81
CA MET C 207 34.44 2.36 -22.18
C MET C 207 34.46 3.41 -21.09
N GLY C 208 34.11 4.64 -21.45
CA GLY C 208 34.18 5.73 -20.51
C GLY C 208 33.32 6.92 -20.88
N THR C 209 32.78 7.56 -19.85
CA THR C 209 31.94 8.75 -19.96
C THR C 209 32.17 9.49 -18.67
N GLU C 210 31.82 10.78 -18.65
CA GLU C 210 31.95 11.59 -17.45
C GLU C 210 31.37 10.92 -16.20
N SER C 211 30.35 10.08 -16.37
CA SER C 211 29.65 9.50 -15.23
C SER C 211 29.78 7.98 -15.06
N MET C 212 30.34 7.27 -16.04
CA MET C 212 30.48 5.82 -15.91
C MET C 212 31.77 5.31 -16.56
N ASN C 213 32.25 4.18 -16.05
CA ASN C 213 33.37 3.48 -16.65
C ASN C 213 33.07 2.00 -16.80
N PHE C 214 33.38 1.45 -17.97
CA PHE C 214 33.20 0.03 -18.24
C PHE C 214 34.52 -0.58 -18.67
N ALA C 215 34.80 -1.79 -18.19
CA ALA C 215 35.99 -2.51 -18.60
C ALA C 215 35.83 -4.00 -18.33
N LYS C 216 36.18 -4.82 -19.32
CA LYS C 216 36.07 -6.26 -19.16
C LYS C 216 36.99 -6.96 -20.17
N SER C 217 37.32 -8.21 -19.89
CA SER C 217 38.25 -8.97 -20.71
C SER C 217 37.57 -10.25 -21.14
N PRO C 218 38.00 -10.82 -22.28
CA PRO C 218 37.30 -12.01 -22.77
C PRO C 218 37.46 -13.22 -21.86
N GLU C 219 36.34 -13.91 -21.68
CA GLU C 219 36.24 -15.08 -20.82
C GLU C 219 36.09 -16.32 -21.71
N ILE C 220 37.20 -16.95 -22.03
CA ILE C 220 37.21 -17.95 -23.08
C ILE C 220 36.85 -19.34 -22.56
N ALA C 221 35.77 -19.89 -23.11
CA ALA C 221 35.26 -21.20 -22.72
C ALA C 221 34.14 -21.67 -23.65
N ALA C 222 34.05 -22.98 -23.87
CA ALA C 222 32.95 -23.55 -24.63
C ALA C 222 31.72 -23.76 -23.72
N ARG C 223 30.58 -23.23 -24.15
CA ARG C 223 29.33 -23.29 -23.37
C ARG C 223 28.23 -23.91 -24.23
N PRO C 224 27.11 -24.40 -23.66
CA PRO C 224 26.19 -25.16 -24.56
C PRO C 224 25.78 -24.47 -25.86
N ALA C 225 25.64 -25.25 -26.93
CA ALA C 225 25.41 -24.70 -28.26
C ALA C 225 24.03 -24.10 -28.41
N VAL C 226 23.99 -22.83 -28.83
CA VAL C 226 22.73 -22.13 -29.07
C VAL C 226 22.79 -21.47 -30.44
N ASN C 227 21.86 -21.81 -31.31
CA ASN C 227 21.94 -21.46 -32.73
C ASN C 227 23.30 -21.84 -33.29
N GLY C 228 23.74 -23.05 -32.93
CA GLY C 228 25.03 -23.57 -33.33
C GLY C 228 26.22 -22.76 -32.85
N GLN C 229 26.04 -22.00 -31.78
CA GLN C 229 27.17 -21.24 -31.24
C GLN C 229 27.57 -21.75 -29.87
N ARG C 230 28.84 -22.10 -29.71
CA ARG C 230 29.32 -22.50 -28.41
C ARG C 230 30.15 -21.39 -27.77
N SER C 231 30.27 -20.28 -28.50
CA SER C 231 30.78 -19.04 -27.94
C SER C 231 29.64 -18.16 -27.42
N ARG C 232 29.97 -16.99 -26.89
CA ARG C 232 28.95 -16.06 -26.41
C ARG C 232 29.34 -14.61 -26.65
N ILE C 233 28.34 -13.74 -26.61
CA ILE C 233 28.57 -12.30 -26.53
C ILE C 233 27.82 -11.74 -25.33
N ASP C 234 28.52 -11.03 -24.47
CA ASP C 234 27.83 -10.28 -23.42
C ASP C 234 27.45 -8.92 -23.98
N TYR C 235 26.16 -8.65 -24.03
CA TYR C 235 25.68 -7.38 -24.55
C TYR C 235 25.49 -6.38 -23.43
N TYR C 236 25.69 -5.10 -23.74
CA TYR C 236 25.54 -4.06 -22.75
C TYR C 236 24.81 -2.87 -23.37
N TRP C 237 24.17 -2.08 -22.52
CA TRP C 237 23.53 -0.86 -22.98
C TRP C 237 23.84 0.27 -22.03
N SER C 238 23.60 1.50 -22.47
CA SER C 238 23.74 2.66 -21.61
C SER C 238 23.05 3.86 -22.22
N VAL C 239 23.01 4.95 -21.46
CA VAL C 239 22.43 6.20 -21.93
C VAL C 239 23.44 7.33 -21.81
N LEU C 240 23.97 7.77 -22.94
CA LEU C 240 24.86 8.91 -22.97
C LEU C 240 24.03 10.18 -22.83
N ARG C 241 24.18 10.87 -21.69
CA ARG C 241 23.36 12.05 -21.43
C ARG C 241 23.84 13.26 -22.22
N PRO C 242 22.94 14.24 -22.43
CA PRO C 242 23.32 15.43 -23.19
C PRO C 242 24.49 16.17 -22.55
N GLY C 243 25.47 16.53 -23.35
CA GLY C 243 26.66 17.17 -22.84
C GLY C 243 27.80 16.20 -22.56
N GLU C 244 27.46 14.94 -22.32
CA GLU C 244 28.49 13.94 -22.02
C GLU C 244 29.18 13.43 -23.27
N THR C 245 30.36 12.85 -23.06
CA THR C 245 31.17 12.31 -24.14
C THR C 245 31.50 10.87 -23.82
N LEU C 246 31.60 10.02 -24.85
CA LEU C 246 31.91 8.62 -24.65
C LEU C 246 33.24 8.26 -25.31
N ASN C 247 34.11 7.61 -24.57
CA ASN C 247 35.37 7.12 -25.12
C ASN C 247 35.39 5.59 -25.17
N VAL C 248 35.70 5.07 -26.36
CA VAL C 248 35.84 3.63 -26.54
C VAL C 248 37.31 3.31 -26.73
N GLU C 249 37.75 2.16 -26.20
CA GLU C 249 39.12 1.73 -26.38
C GLU C 249 39.26 0.23 -26.13
N SER C 250 39.80 -0.47 -27.12
CA SER C 250 39.96 -1.91 -27.04
C SER C 250 41.17 -2.35 -27.86
N ASN C 251 41.63 -3.57 -27.59
CA ASN C 251 42.65 -4.19 -28.42
C ASN C 251 42.20 -5.57 -28.88
N GLY C 252 40.89 -5.79 -28.86
CA GLY C 252 40.31 -7.08 -29.22
C GLY C 252 38.99 -7.37 -28.55
N ASN C 253 38.20 -8.22 -29.20
CA ASN C 253 36.97 -8.78 -28.65
C ASN C 253 35.83 -7.77 -28.48
N LEU C 254 35.96 -6.63 -29.14
CA LEU C 254 34.94 -5.60 -29.04
C LEU C 254 33.87 -5.77 -30.12
N ILE C 255 32.61 -5.85 -29.68
CA ILE C 255 31.49 -5.65 -30.59
C ILE C 255 31.12 -4.19 -30.44
N ALA C 256 31.49 -3.38 -31.43
CA ALA C 256 31.46 -1.94 -31.28
C ALA C 256 30.07 -1.38 -31.57
N PRO C 257 29.74 -0.26 -30.93
CA PRO C 257 28.52 0.48 -31.32
C PRO C 257 28.67 1.02 -32.74
N TRP C 258 27.57 1.07 -33.47
CA TRP C 258 27.56 1.55 -34.84
C TRP C 258 26.45 2.57 -34.99
N TYR C 259 25.22 2.10 -34.81
CA TYR C 259 24.07 2.98 -34.74
C TYR C 259 23.52 3.04 -33.32
N ALA C 260 22.78 4.10 -33.01
CA ALA C 260 22.22 4.30 -31.68
C ALA C 260 20.96 5.13 -31.81
N TYR C 261 20.26 5.32 -30.70
CA TYR C 261 18.98 6.00 -30.75
C TYR C 261 18.99 7.30 -29.96
N LYS C 262 18.59 8.38 -30.61
CA LYS C 262 18.31 9.60 -29.88
C LYS C 262 16.98 9.36 -29.21
N PHE C 263 17.01 9.38 -27.89
CA PHE C 263 15.87 8.93 -27.13
C PHE C 263 15.20 10.13 -26.51
N VAL C 264 13.93 10.31 -26.82
CA VAL C 264 13.14 11.36 -26.22
C VAL C 264 12.04 10.69 -25.43
N SER C 265 12.04 10.90 -24.12
CA SER C 265 11.06 10.25 -23.29
C SER C 265 10.52 11.30 -22.35
N THR C 266 9.22 11.53 -22.50
CA THR C 266 8.44 12.59 -21.91
C THR C 266 8.04 12.07 -20.50
N ASN C 267 7.22 12.81 -19.77
CA ASN C 267 6.73 12.44 -18.45
C ASN C 267 5.37 11.75 -18.42
N LYS C 268 5.25 10.85 -19.38
CA LYS C 268 4.17 9.90 -19.53
C LYS C 268 3.66 9.20 -18.29
N LYS C 269 2.96 8.11 -18.55
CA LYS C 269 3.29 6.80 -17.98
C LYS C 269 3.48 5.86 -19.19
N GLY C 270 4.53 5.04 -19.20
CA GLY C 270 4.72 4.20 -20.36
C GLY C 270 4.13 2.82 -20.16
N ALA C 271 4.08 2.03 -21.23
CA ALA C 271 3.61 0.66 -21.11
C ALA C 271 4.24 -0.26 -22.15
N VAL C 272 4.39 -1.53 -21.77
CA VAL C 272 4.86 -2.58 -22.65
C VAL C 272 3.90 -3.75 -22.48
N PHE C 273 3.01 -3.93 -23.45
CA PHE C 273 1.97 -4.95 -23.34
C PHE C 273 2.37 -6.25 -23.99
N LYS C 274 2.34 -7.32 -23.21
CA LYS C 274 2.61 -8.65 -23.72
C LYS C 274 1.29 -9.31 -24.11
N SER C 275 0.89 -9.20 -25.37
CA SER C 275 -0.45 -9.65 -25.72
C SER C 275 -0.58 -10.06 -27.19
N ASP C 276 -1.61 -10.83 -27.50
CA ASP C 276 -1.84 -11.26 -28.87
C ASP C 276 -2.94 -10.46 -29.58
N LEU C 277 -3.52 -9.48 -28.88
CA LEU C 277 -4.72 -8.80 -29.39
C LEU C 277 -4.37 -7.94 -30.59
N PRO C 278 -5.30 -7.83 -31.56
CA PRO C 278 -5.04 -7.05 -32.77
C PRO C 278 -4.93 -5.55 -32.52
N ILE C 279 -4.11 -4.88 -33.31
CA ILE C 279 -4.07 -3.42 -33.33
C ILE C 279 -4.90 -2.94 -34.51
N GLU C 280 -5.84 -2.05 -34.24
CA GLU C 280 -6.77 -1.60 -35.28
C GLU C 280 -6.84 -0.07 -35.29
N ASN C 281 -7.43 0.48 -36.34
CA ASN C 281 -7.41 1.93 -36.55
C ASN C 281 -8.51 2.64 -35.78
N CYS C 282 -8.32 2.76 -34.47
CA CYS C 282 -9.29 3.41 -33.61
C CYS C 282 -8.59 4.30 -32.59
N ASP C 283 -9.31 5.29 -32.06
CA ASP C 283 -8.81 6.06 -30.93
C ASP C 283 -9.31 5.46 -29.64
N ALA C 284 -8.87 6.04 -28.52
CA ALA C 284 -9.21 5.56 -27.18
C ALA C 284 -8.64 6.51 -26.16
N THR C 285 -9.27 6.58 -24.99
CA THR C 285 -8.73 7.34 -23.88
C THR C 285 -8.26 6.39 -22.79
N CYS C 286 -8.75 5.16 -22.83
CA CYS C 286 -8.36 4.14 -21.86
C CYS C 286 -8.10 2.79 -22.53
N GLN C 287 -6.85 2.33 -22.46
CA GLN C 287 -6.43 1.08 -23.09
C GLN C 287 -5.79 0.13 -22.09
N THR C 288 -6.42 -1.01 -21.84
CA THR C 288 -5.90 -2.00 -20.91
C THR C 288 -5.26 -3.19 -21.65
N ILE C 289 -4.35 -3.88 -20.97
CA ILE C 289 -3.68 -5.07 -21.49
C ILE C 289 -4.65 -6.08 -22.14
N THR C 290 -5.90 -6.11 -21.69
CA THR C 290 -6.87 -7.04 -22.22
C THR C 290 -7.93 -6.36 -23.08
N GLY C 291 -7.82 -5.04 -23.24
CA GLY C 291 -8.69 -4.32 -24.14
C GLY C 291 -8.97 -2.88 -23.77
N VAL C 292 -9.44 -2.11 -24.76
CA VAL C 292 -9.85 -0.73 -24.53
C VAL C 292 -11.18 -0.67 -23.79
N LEU C 293 -11.32 0.32 -22.90
CA LEU C 293 -12.59 0.56 -22.22
C LEU C 293 -13.23 1.85 -22.71
N ARG C 294 -14.52 1.80 -23.02
CA ARG C 294 -15.28 3.01 -23.32
C ARG C 294 -16.42 3.18 -22.35
N THR C 295 -16.23 4.09 -21.39
CA THR C 295 -17.17 4.28 -20.32
C THR C 295 -16.90 5.55 -19.54
N ASN C 296 -17.93 5.98 -18.82
CA ASN C 296 -17.84 7.11 -17.90
C ASN C 296 -17.82 6.60 -16.47
N LYS C 297 -18.11 5.31 -16.34
CA LYS C 297 -18.16 4.62 -15.05
C LYS C 297 -16.83 4.76 -14.31
N THR C 298 -16.90 4.85 -12.99
CA THR C 298 -15.73 5.17 -12.20
C THR C 298 -14.99 3.92 -11.73
N PHE C 299 -15.65 2.77 -11.85
CA PHE C 299 -15.02 1.50 -11.49
C PHE C 299 -14.97 0.57 -12.69
N GLN C 300 -14.11 -0.45 -12.61
CA GLN C 300 -13.96 -1.42 -13.69
C GLN C 300 -13.22 -2.66 -13.18
N ASN C 301 -13.68 -3.84 -13.62
CA ASN C 301 -13.08 -5.09 -13.16
C ASN C 301 -12.36 -5.84 -14.27
N VAL C 302 -11.98 -5.12 -15.32
CA VAL C 302 -11.31 -5.73 -16.46
C VAL C 302 -9.85 -6.05 -16.16
N SER C 303 -9.04 -5.01 -15.93
CA SER C 303 -7.62 -5.20 -15.70
C SER C 303 -6.98 -4.01 -14.98
N PRO C 304 -5.96 -4.27 -14.15
CA PRO C 304 -5.21 -3.23 -13.44
C PRO C 304 -4.06 -2.63 -14.24
N LEU C 305 -3.83 -3.14 -15.46
CA LEU C 305 -2.76 -2.62 -16.31
C LEU C 305 -3.31 -1.81 -17.47
N TRP C 306 -2.91 -0.54 -17.56
CA TRP C 306 -3.38 0.30 -18.65
C TRP C 306 -2.49 1.53 -18.90
N ILE C 307 -2.84 2.27 -19.95
CA ILE C 307 -2.41 3.66 -20.09
C ILE C 307 -3.61 4.49 -20.52
N GLY C 308 -3.50 5.81 -20.35
CA GLY C 308 -4.63 6.69 -20.58
C GLY C 308 -5.37 6.77 -19.27
N GLU C 309 -6.48 7.50 -19.26
CA GLU C 309 -7.18 7.62 -18.00
C GLU C 309 -8.33 6.62 -17.95
N CYS C 310 -8.14 5.60 -17.12
CA CYS C 310 -9.10 4.52 -16.94
C CYS C 310 -9.78 4.64 -15.59
N PRO C 311 -10.91 3.94 -15.41
CA PRO C 311 -11.51 3.90 -14.07
C PRO C 311 -10.71 3.03 -13.10
N LYS C 312 -10.94 3.24 -11.81
CA LYS C 312 -10.33 2.44 -10.75
C LYS C 312 -10.62 0.96 -10.93
N TYR C 313 -9.61 0.12 -10.80
CA TYR C 313 -9.78 -1.32 -10.95
C TYR C 313 -10.13 -1.97 -9.61
N VAL C 314 -11.15 -2.82 -9.63
CA VAL C 314 -11.60 -3.54 -8.43
C VAL C 314 -12.01 -4.97 -8.76
N LYS C 315 -12.21 -5.78 -7.72
CA LYS C 315 -12.58 -7.18 -7.92
C LYS C 315 -14.08 -7.41 -7.84
N SER C 316 -14.86 -6.33 -7.83
CA SER C 316 -16.30 -6.46 -7.79
C SER C 316 -16.84 -6.85 -9.16
N GLU C 317 -17.93 -7.61 -9.15
CA GLU C 317 -18.62 -7.92 -10.39
C GLU C 317 -19.73 -6.93 -10.62
N SER C 318 -20.20 -6.32 -9.53
CA SER C 318 -21.15 -5.24 -9.60
C SER C 318 -21.01 -4.25 -8.44
N LEU C 319 -21.27 -2.99 -8.75
CA LEU C 319 -21.33 -1.94 -7.75
C LEU C 319 -22.50 -1.03 -8.07
N ARG C 320 -23.69 -1.44 -7.68
CA ARG C 320 -24.90 -0.70 -8.03
C ARG C 320 -25.46 0.09 -6.85
N LEU C 321 -25.46 1.40 -7.03
CA LEU C 321 -25.89 2.34 -6.01
C LEU C 321 -27.38 2.63 -6.17
N ALA C 322 -28.12 2.61 -5.07
CA ALA C 322 -29.55 2.90 -5.12
C ALA C 322 -29.80 4.41 -5.13
N THR C 323 -30.66 4.85 -6.03
CA THR C 323 -31.04 6.25 -6.11
C THR C 323 -32.52 6.42 -5.74
N GLY C 324 -33.34 5.48 -6.21
CA GLY C 324 -34.77 5.50 -5.96
C GLY C 324 -35.23 4.86 -4.66
N LEU C 325 -36.51 4.51 -4.60
CA LEU C 325 -37.13 3.97 -3.40
C LEU C 325 -37.21 2.46 -3.48
N ARG C 326 -37.60 1.81 -2.39
CA ARG C 326 -37.95 0.40 -2.44
C ARG C 326 -39.15 0.24 -3.36
N ASN C 327 -39.12 -0.77 -4.22
CA ASN C 327 -40.23 -0.93 -5.17
C ASN C 327 -41.26 -1.90 -4.64
N VAL C 328 -42.46 -1.40 -4.37
CA VAL C 328 -43.54 -2.22 -3.86
C VAL C 328 -44.82 -1.92 -4.65
N PRO C 329 -45.12 -2.76 -5.66
CA PRO C 329 -46.09 -2.42 -6.70
C PRO C 329 -47.37 -3.24 -6.54
N GLY D 1 -34.00 19.11 6.46
CA GLY D 1 -33.30 18.18 7.32
C GLY D 1 -34.13 16.96 7.58
N ILE D 2 -33.45 15.82 7.52
CA ILE D 2 -34.06 14.48 7.52
C ILE D 2 -35.17 14.19 8.58
N PHE D 3 -35.09 14.79 9.77
CA PHE D 3 -36.17 14.58 10.74
C PHE D 3 -37.26 15.64 10.60
N GLY D 4 -36.98 16.68 9.82
CA GLY D 4 -38.01 17.60 9.39
C GLY D 4 -38.12 18.83 10.25
N ALA D 5 -37.38 18.83 11.36
CA ALA D 5 -37.56 19.85 12.39
C ALA D 5 -36.72 21.09 12.11
N ILE D 6 -35.45 20.89 11.78
CA ILE D 6 -34.56 22.02 11.54
C ILE D 6 -34.59 22.44 10.08
N ALA D 7 -35.10 23.65 9.84
CA ALA D 7 -35.19 24.23 8.50
C ALA D 7 -35.93 23.41 7.42
N GLY D 8 -37.10 22.82 7.69
CA GLY D 8 -37.73 22.75 9.01
C GLY D 8 -39.21 23.08 9.00
N PHE D 9 -39.99 22.31 9.76
CA PHE D 9 -41.32 22.79 10.14
C PHE D 9 -41.09 23.83 11.24
N ILE D 10 -39.91 23.78 11.84
CA ILE D 10 -39.40 24.88 12.63
C ILE D 10 -38.34 25.59 11.78
N GLU D 11 -38.77 26.36 10.79
CA GLU D 11 -37.85 27.22 10.04
C GLU D 11 -37.06 28.13 11.00
N GLY D 12 -35.78 28.29 10.74
CA GLY D 12 -34.98 29.28 11.44
C GLY D 12 -34.70 28.97 12.90
N GLY D 13 -33.57 29.47 13.37
CA GLY D 13 -33.19 29.29 14.76
C GLY D 13 -33.22 30.58 15.55
N TRP D 14 -32.71 30.51 16.77
CA TRP D 14 -32.79 31.61 17.71
C TRP D 14 -31.41 32.12 18.08
N THR D 15 -31.04 33.28 17.55
CA THR D 15 -29.81 33.93 17.97
C THR D 15 -29.92 34.38 19.42
N GLY D 16 -31.14 34.61 19.87
CA GLY D 16 -31.42 34.98 21.24
C GLY D 16 -31.04 33.92 22.26
N MET D 17 -31.12 32.65 21.87
CA MET D 17 -30.78 31.56 22.77
C MET D 17 -29.29 31.25 22.75
N ILE D 18 -28.60 31.64 23.83
CA ILE D 18 -27.15 31.61 23.85
C ILE D 18 -26.58 30.51 24.75
N ASP D 19 -27.41 29.96 25.63
CA ASP D 19 -26.91 29.04 26.65
C ASP D 19 -27.02 27.56 26.26
N GLY D 20 -27.35 27.28 25.01
CA GLY D 20 -27.46 25.90 24.56
C GLY D 20 -27.71 25.71 23.08
N TRP D 21 -27.91 24.46 22.68
CA TRP D 21 -28.18 24.11 21.28
C TRP D 21 -29.67 23.99 21.01
N TYR D 22 -30.39 23.42 21.98
CA TYR D 22 -31.83 23.20 21.84
C TYR D 22 -32.53 23.80 23.05
N GLY D 23 -33.77 24.27 22.87
CA GLY D 23 -34.53 24.73 24.01
C GLY D 23 -35.88 25.35 23.72
N TYR D 24 -36.20 26.39 24.50
CA TYR D 24 -37.54 26.95 24.51
C TYR D 24 -37.59 28.47 24.34
N HIS D 25 -38.66 28.94 23.69
CA HIS D 25 -39.08 30.33 23.78
C HIS D 25 -40.36 30.32 24.59
N HIS D 26 -40.45 31.05 25.68
CA HIS D 26 -41.76 31.14 26.30
C HIS D 26 -42.29 32.58 26.22
N GLU D 27 -43.62 32.71 26.25
CA GLU D 27 -44.24 34.02 26.43
C GLU D 27 -45.47 33.89 27.32
N ASN D 28 -45.50 34.65 28.40
CA ASN D 28 -46.68 34.74 29.24
C ASN D 28 -46.88 36.15 29.78
N SER D 29 -47.89 36.32 30.65
CA SER D 29 -48.25 37.63 31.20
C SER D 29 -47.10 38.24 31.98
N GLN D 30 -46.27 37.38 32.55
CA GLN D 30 -45.12 37.79 33.32
C GLN D 30 -43.87 38.16 32.58
N GLY D 31 -43.82 37.88 31.29
CA GLY D 31 -42.65 38.24 30.51
C GLY D 31 -42.44 37.23 29.41
N SER D 32 -41.22 37.23 28.87
CA SER D 32 -40.86 36.31 27.80
C SER D 32 -39.35 36.14 27.72
N GLY D 33 -38.91 35.12 26.99
CA GLY D 33 -37.50 34.92 26.76
C GLY D 33 -37.10 33.56 26.24
N TYR D 34 -35.81 33.26 26.32
CA TYR D 34 -35.24 32.06 25.74
C TYR D 34 -34.50 31.25 26.80
N ALA D 35 -34.70 29.94 26.80
CA ALA D 35 -34.04 29.06 27.76
C ALA D 35 -33.69 27.71 27.15
N ALA D 36 -32.39 27.39 27.15
CA ALA D 36 -31.92 26.11 26.63
C ALA D 36 -32.36 24.92 27.48
N ASP D 37 -32.37 23.75 26.85
CA ASP D 37 -32.55 22.49 27.57
C ASP D 37 -31.16 21.85 27.67
N ARG D 38 -30.55 21.93 28.84
CA ARG D 38 -29.15 21.53 28.96
C ARG D 38 -28.96 20.01 28.95
N GLU D 39 -29.93 19.27 29.49
CA GLU D 39 -29.83 17.82 29.49
C GLU D 39 -29.70 17.27 28.06
N SER D 40 -30.57 17.71 27.16
CA SER D 40 -30.50 17.27 25.77
C SER D 40 -29.30 17.89 25.06
N THR D 41 -28.98 19.13 25.44
CA THR D 41 -27.81 19.82 24.90
C THR D 41 -26.52 19.13 25.35
N GLN D 42 -26.40 18.86 26.65
CA GLN D 42 -25.18 18.30 27.21
C GLN D 42 -24.86 16.91 26.66
N LYS D 43 -25.86 16.04 26.61
CA LYS D 43 -25.64 14.69 26.09
C LYS D 43 -25.39 14.70 24.58
N ALA D 44 -25.75 15.80 23.93
CA ALA D 44 -25.37 16.02 22.54
C ALA D 44 -23.91 16.43 22.45
N ILE D 45 -23.52 17.39 23.29
CA ILE D 45 -22.13 17.83 23.39
C ILE D 45 -21.20 16.66 23.66
N ASP D 46 -21.57 15.81 24.63
CA ASP D 46 -20.81 14.61 24.95
C ASP D 46 -20.72 13.67 23.75
N GLY D 47 -21.82 13.54 23.02
CA GLY D 47 -21.86 12.73 21.82
C GLY D 47 -20.90 13.20 20.74
N ILE D 48 -21.10 14.41 20.27
CA ILE D 48 -20.26 15.01 19.23
C ILE D 48 -18.78 15.05 19.63
N THR D 49 -18.52 15.39 20.89
CA THR D 49 -17.15 15.41 21.40
C THR D 49 -16.52 14.02 21.30
N ASN D 50 -17.28 13.01 21.72
CA ASN D 50 -16.80 11.64 21.64
C ASN D 50 -16.59 11.21 20.20
N LYS D 51 -17.44 11.70 19.31
CA LYS D 51 -17.31 11.40 17.88
C LYS D 51 -16.02 11.98 17.32
N VAL D 52 -15.81 13.26 17.57
CA VAL D 52 -14.62 13.97 17.11
C VAL D 52 -13.35 13.33 17.67
N ASN D 53 -13.32 13.14 18.98
CA ASN D 53 -12.16 12.53 19.64
C ASN D 53 -11.89 11.11 19.17
N SER D 54 -12.96 10.37 18.86
CA SER D 54 -12.82 9.02 18.32
C SER D 54 -12.14 9.07 16.96
N ILE D 55 -12.68 9.91 16.06
CA ILE D 55 -12.12 10.10 14.74
C ILE D 55 -10.65 10.49 14.80
N ILE D 56 -10.36 11.52 15.59
CA ILE D 56 -8.99 11.94 15.87
C ILE D 56 -8.11 10.76 16.32
N ASN D 57 -8.57 10.06 17.34
CA ASN D 57 -7.84 8.91 17.88
C ASN D 57 -7.60 7.81 16.84
N LYS D 58 -8.63 7.47 16.07
CA LYS D 58 -8.53 6.40 15.08
C LYS D 58 -7.70 6.82 13.88
N MET D 59 -7.58 8.13 13.68
CA MET D 59 -6.77 8.67 12.60
C MET D 59 -5.35 8.98 13.06
N ASN D 60 -4.99 8.53 14.25
CA ASN D 60 -3.75 8.98 14.87
C ASN D 60 -2.60 8.02 14.57
N THR D 61 -2.42 7.70 13.30
CA THR D 61 -1.21 7.08 12.78
C THR D 61 -0.74 7.89 11.58
N GLN D 62 0.48 7.65 11.12
CA GLN D 62 1.00 8.33 9.93
C GLN D 62 1.79 7.37 9.06
N PHE D 63 1.47 7.33 7.77
CA PHE D 63 2.34 6.67 6.81
C PHE D 63 3.54 7.57 6.60
N GLU D 64 4.73 6.99 6.51
CA GLU D 64 5.92 7.82 6.38
C GLU D 64 6.69 7.55 5.10
N ALA D 65 6.78 8.58 4.27
CA ALA D 65 7.51 8.53 3.01
C ALA D 65 8.98 8.80 3.30
N VAL D 66 9.85 8.63 2.31
CA VAL D 66 11.26 8.62 2.62
C VAL D 66 12.20 9.24 1.56
N ASP D 67 13.20 9.93 2.09
CA ASP D 67 14.34 10.51 1.37
C ASP D 67 14.89 9.73 0.17
N HIS D 68 15.17 8.45 0.42
CA HIS D 68 16.04 7.60 -0.40
C HIS D 68 16.07 7.85 -1.91
N GLU D 69 17.29 7.86 -2.45
CA GLU D 69 17.52 8.04 -3.87
C GLU D 69 17.71 6.70 -4.59
N PHE D 70 17.54 6.72 -5.91
CA PHE D 70 17.64 5.51 -6.71
C PHE D 70 18.43 5.81 -7.99
N SER D 71 19.36 4.93 -8.32
CA SER D 71 20.24 5.15 -9.47
C SER D 71 19.48 5.05 -10.79
N ASN D 72 20.15 5.40 -11.88
CA ASN D 72 19.58 5.28 -13.21
C ASN D 72 19.37 3.83 -13.62
N LEU D 73 19.98 2.91 -12.87
CA LEU D 73 19.72 1.48 -13.04
C LEU D 73 18.72 0.95 -12.01
N GLU D 74 17.97 1.86 -11.39
CA GLU D 74 16.99 1.47 -10.39
C GLU D 74 15.64 2.12 -10.63
N ARG D 75 15.30 2.30 -11.91
CA ARG D 75 14.02 2.87 -12.30
C ARG D 75 12.85 2.09 -11.73
N ARG D 76 12.98 0.77 -11.69
CA ARG D 76 11.89 -0.12 -11.29
C ARG D 76 11.52 -0.02 -9.80
N ILE D 77 12.49 -0.18 -8.89
CA ILE D 77 12.19 -0.05 -7.47
C ILE D 77 11.88 1.41 -7.12
N GLY D 78 12.60 2.33 -7.74
CA GLY D 78 12.30 3.75 -7.66
C GLY D 78 10.83 4.03 -7.88
N ASN D 79 10.34 3.64 -9.05
CA ASN D 79 8.94 3.80 -9.40
C ASN D 79 8.01 3.00 -8.50
N LEU D 80 8.48 1.86 -8.02
CA LEU D 80 7.73 1.07 -7.05
C LEU D 80 7.53 1.87 -5.77
N ASN D 81 8.60 2.50 -5.30
CA ASN D 81 8.53 3.34 -4.11
C ASN D 81 7.56 4.50 -4.30
N LYS D 82 7.59 5.09 -5.50
CA LYS D 82 6.73 6.21 -5.82
C LYS D 82 5.27 5.79 -5.83
N ARG D 83 4.99 4.68 -6.51
CA ARG D 83 3.65 4.14 -6.57
C ARG D 83 3.08 3.74 -5.20
N MET D 84 3.94 3.22 -4.33
CA MET D 84 3.50 2.86 -2.98
C MET D 84 3.12 4.09 -2.16
N GLU D 85 3.98 5.10 -2.18
CA GLU D 85 3.78 6.28 -1.36
C GLU D 85 2.56 7.07 -1.83
N ASP D 86 2.39 7.15 -3.15
CA ASP D 86 1.20 7.77 -3.71
C ASP D 86 -0.04 6.92 -3.41
N GLY D 87 0.16 5.62 -3.34
CA GLY D 87 -0.94 4.69 -3.11
C GLY D 87 -1.59 4.89 -1.75
N PHE D 88 -0.76 4.99 -0.71
CA PHE D 88 -1.28 5.20 0.64
C PHE D 88 -1.81 6.61 0.81
N LEU D 89 -1.15 7.58 0.18
CA LEU D 89 -1.61 8.96 0.17
C LEU D 89 -3.04 9.04 -0.36
N ASP D 90 -3.27 8.43 -1.51
CA ASP D 90 -4.59 8.44 -2.13
C ASP D 90 -5.63 7.71 -1.29
N VAL D 91 -5.20 6.68 -0.58
CA VAL D 91 -6.10 5.92 0.28
C VAL D 91 -6.53 6.73 1.49
N TRP D 92 -5.55 7.27 2.22
CA TRP D 92 -5.82 8.05 3.42
C TRP D 92 -6.57 9.35 3.10
N THR D 93 -6.26 9.93 1.95
CA THR D 93 -6.98 11.12 1.49
C THR D 93 -8.45 10.80 1.27
N TYR D 94 -8.73 9.65 0.67
CA TYR D 94 -10.09 9.18 0.49
C TYR D 94 -10.78 8.95 1.83
N ASN D 95 -10.14 8.18 2.70
CA ASN D 95 -10.70 7.84 4.01
C ASN D 95 -11.08 9.06 4.82
N ALA D 96 -10.25 10.10 4.75
CA ALA D 96 -10.49 11.31 5.51
C ALA D 96 -11.56 12.19 4.87
N GLU D 97 -11.43 12.44 3.57
CA GLU D 97 -12.37 13.31 2.86
C GLU D 97 -13.80 12.75 2.87
N LEU D 98 -13.94 11.44 2.75
CA LEU D 98 -15.26 10.82 2.76
C LEU D 98 -15.86 10.69 4.15
N LEU D 99 -15.02 10.37 5.13
CA LEU D 99 -15.47 10.30 6.53
C LEU D 99 -16.09 11.62 6.96
N VAL D 100 -15.43 12.72 6.62
CA VAL D 100 -15.93 14.05 6.92
C VAL D 100 -17.29 14.27 6.28
N LEU D 101 -17.39 13.96 4.99
CA LEU D 101 -18.64 14.10 4.25
C LEU D 101 -19.77 13.31 4.88
N LEU D 102 -19.47 12.08 5.30
CA LEU D 102 -20.47 11.20 5.86
C LEU D 102 -20.90 11.65 7.24
N GLU D 103 -19.94 11.79 8.15
CA GLU D 103 -20.22 12.16 9.53
C GLU D 103 -20.90 13.52 9.66
N ASN D 104 -20.53 14.46 8.80
CA ASN D 104 -21.21 15.76 8.78
C ASN D 104 -22.69 15.62 8.45
N GLU D 105 -23.00 14.72 7.52
CA GLU D 105 -24.39 14.47 7.16
C GLU D 105 -25.15 13.92 8.37
N ARG D 106 -24.49 13.02 9.10
CA ARG D 106 -25.12 12.33 10.22
C ARG D 106 -25.14 13.20 11.48
N THR D 107 -24.17 14.09 11.61
CA THR D 107 -24.15 15.05 12.70
C THR D 107 -25.36 15.96 12.67
N LEU D 108 -25.66 16.49 11.48
CA LEU D 108 -26.81 17.36 11.32
C LEU D 108 -28.10 16.61 11.66
N ASP D 109 -28.20 15.36 11.22
CA ASP D 109 -29.32 14.51 11.54
C ASP D 109 -29.59 14.40 13.05
N LEU D 110 -28.50 14.28 13.80
CA LEU D 110 -28.57 14.11 15.24
C LEU D 110 -29.20 15.35 15.86
N HIS D 111 -28.68 16.53 15.50
CA HIS D 111 -29.26 17.78 15.97
C HIS D 111 -30.73 17.90 15.59
N ASP D 112 -31.01 17.64 14.31
CA ASP D 112 -32.38 17.58 13.81
C ASP D 112 -33.23 16.65 14.67
N ALA D 113 -32.70 15.46 14.94
CA ALA D 113 -33.39 14.47 15.76
C ALA D 113 -33.67 14.94 17.19
N ASN D 114 -32.69 15.61 17.80
CA ASN D 114 -32.84 16.01 19.20
C ASN D 114 -33.86 17.12 19.37
N VAL D 115 -33.97 17.97 18.36
CA VAL D 115 -34.98 19.02 18.33
C VAL D 115 -36.37 18.41 18.25
N LYS D 116 -36.56 17.52 17.28
CA LYS D 116 -37.82 16.82 17.10
C LYS D 116 -38.31 16.15 18.38
N ASN D 117 -37.40 15.45 19.06
CA ASN D 117 -37.74 14.76 20.29
C ASN D 117 -38.10 15.71 21.43
N LEU D 118 -37.54 16.92 21.40
CA LEU D 118 -37.96 17.96 22.34
C LEU D 118 -39.37 18.42 22.02
N TYR D 119 -39.61 18.72 20.74
CA TYR D 119 -40.93 19.12 20.27
C TYR D 119 -42.02 18.13 20.68
N GLU D 120 -41.73 16.85 20.57
CA GLU D 120 -42.71 15.82 20.86
C GLU D 120 -42.81 15.54 22.35
N LYS D 121 -41.74 15.84 23.08
CA LYS D 121 -41.76 15.74 24.54
C LYS D 121 -42.80 16.67 25.13
N VAL D 122 -42.74 17.93 24.71
CA VAL D 122 -43.68 18.96 25.14
C VAL D 122 -45.09 18.64 24.66
N LYS D 123 -45.22 18.29 23.38
CA LYS D 123 -46.51 17.95 22.80
C LYS D 123 -47.16 16.78 23.54
N SER D 124 -46.34 15.88 24.08
CA SER D 124 -46.83 14.73 24.82
C SER D 124 -47.46 15.08 26.16
N GLN D 125 -47.08 16.24 26.70
CA GLN D 125 -47.60 16.68 27.99
C GLN D 125 -48.87 17.53 27.86
N LEU D 126 -48.84 18.45 26.91
CA LEU D 126 -49.89 19.47 26.81
C LEU D 126 -51.18 18.93 26.22
N ARG D 127 -51.08 18.27 25.07
CA ARG D 127 -52.25 17.68 24.41
C ARG D 127 -53.34 18.70 24.09
N ASP D 128 -54.57 18.37 24.48
CA ASP D 128 -55.71 19.29 24.48
C ASP D 128 -55.47 20.67 25.10
N ASN D 129 -54.57 20.74 26.06
CA ASN D 129 -54.33 22.00 26.77
C ASN D 129 -53.57 23.03 25.94
N ALA D 130 -53.21 22.66 24.71
CA ALA D 130 -52.57 23.60 23.81
C ALA D 130 -53.02 23.51 22.35
N ASN D 131 -52.91 24.64 21.66
CA ASN D 131 -53.03 24.70 20.20
C ASN D 131 -51.63 24.57 19.61
N ASP D 132 -51.48 23.71 18.62
CA ASP D 132 -50.15 23.47 18.06
C ASP D 132 -49.59 24.70 17.35
N LEU D 133 -50.13 25.00 16.17
CA LEU D 133 -49.62 26.00 15.21
C LEU D 133 -48.51 25.42 14.33
N GLY D 134 -48.16 24.15 14.58
CA GLY D 134 -47.32 23.36 13.69
C GLY D 134 -45.96 23.91 13.28
N ASN D 135 -45.37 24.73 14.14
CA ASN D 135 -44.07 25.32 13.85
C ASN D 135 -43.19 25.43 15.09
N GLY D 136 -43.34 24.45 15.97
CA GLY D 136 -42.57 24.40 17.20
C GLY D 136 -43.25 25.08 18.37
N CYS D 137 -44.19 25.96 18.06
CA CYS D 137 -44.84 26.78 19.08
C CYS D 137 -46.05 26.06 19.69
N PHE D 138 -46.51 26.54 20.85
CA PHE D 138 -47.72 26.03 21.48
C PHE D 138 -48.49 27.14 22.20
N GLU D 139 -49.69 27.45 21.72
CA GLU D 139 -50.57 28.35 22.47
C GLU D 139 -51.33 27.57 23.53
N PHE D 140 -51.21 28.00 24.78
CA PHE D 140 -51.96 27.39 25.88
C PHE D 140 -53.43 27.79 25.83
N TRP D 141 -54.31 26.80 26.00
CA TRP D 141 -55.74 27.08 26.13
C TRP D 141 -56.05 27.49 27.56
N HIS D 142 -55.01 27.58 28.38
CA HIS D 142 -55.13 28.02 29.77
C HIS D 142 -54.04 29.03 30.13
N LYS D 143 -54.03 29.46 31.38
CA LYS D 143 -53.11 30.48 31.84
C LYS D 143 -51.84 29.83 32.40
N CYS D 144 -50.71 30.04 31.74
CA CYS D 144 -49.47 29.39 32.14
C CYS D 144 -48.45 30.37 32.71
N ASP D 145 -48.36 30.45 34.04
CA ASP D 145 -47.35 31.27 34.68
C ASP D 145 -45.95 30.66 34.55
N ASN D 146 -44.97 31.23 35.26
CA ASN D 146 -43.60 30.77 35.14
C ASN D 146 -43.35 29.40 35.79
N GLU D 147 -44.03 29.15 36.91
CA GLU D 147 -43.92 27.83 37.54
C GLU D 147 -44.51 26.77 36.64
N CYS D 148 -45.47 27.18 35.84
CA CYS D 148 -46.06 26.35 34.80
C CYS D 148 -45.14 26.20 33.59
N MET D 149 -44.37 27.24 33.30
CA MET D 149 -43.41 27.17 32.21
C MET D 149 -42.27 26.20 32.54
N GLU D 150 -41.87 26.16 33.81
CA GLU D 150 -40.85 25.20 34.23
C GLU D 150 -41.44 23.79 34.28
N SER D 151 -42.69 23.71 34.74
CA SER D 151 -43.49 22.49 34.67
C SER D 151 -43.28 21.76 33.34
N VAL D 152 -43.39 22.50 32.24
CA VAL D 152 -43.26 21.94 30.90
C VAL D 152 -41.81 21.54 30.60
N LYS D 153 -40.87 22.33 31.09
CA LYS D 153 -39.46 22.13 30.75
C LYS D 153 -38.78 21.01 31.54
N ASN D 154 -39.20 20.78 32.77
CA ASN D 154 -38.64 19.69 33.56
C ASN D 154 -39.40 18.38 33.33
N GLY D 155 -40.41 18.43 32.48
CA GLY D 155 -41.16 17.26 32.07
C GLY D 155 -42.14 16.77 33.11
N THR D 156 -42.81 17.71 33.79
CA THR D 156 -43.79 17.40 34.83
C THR D 156 -44.89 18.45 34.82
N TYR D 157 -45.79 18.32 33.85
CA TYR D 157 -46.72 19.40 33.53
C TYR D 157 -47.98 19.36 34.39
N ASP D 158 -48.76 18.30 34.19
CA ASP D 158 -50.08 18.08 34.80
C ASP D 158 -51.15 18.64 33.90
N TYR D 159 -51.53 17.78 32.95
CA TYR D 159 -52.71 17.90 32.12
C TYR D 159 -53.99 18.01 32.98
N PRO D 160 -54.12 17.21 34.08
CA PRO D 160 -55.35 17.35 34.86
C PRO D 160 -55.66 18.80 35.33
N LYS D 161 -54.69 19.50 35.90
CA LYS D 161 -54.87 20.83 36.52
C LYS D 161 -55.23 22.00 35.58
N TYR D 162 -55.29 21.75 34.27
CA TYR D 162 -55.64 22.84 33.34
C TYR D 162 -56.55 22.36 32.23
N GLN D 163 -57.30 21.31 32.53
CA GLN D 163 -58.22 20.71 31.58
C GLN D 163 -59.49 21.52 31.62
N LYS D 164 -59.96 21.73 32.85
CA LYS D 164 -60.92 22.75 33.23
C LYS D 164 -61.04 24.00 32.30
N GLU D 165 -59.93 24.72 32.13
CA GLU D 165 -59.88 26.01 31.46
C GLU D 165 -59.70 25.92 29.96
N SER D 166 -59.10 24.81 29.54
CA SER D 166 -58.79 24.56 28.14
C SER D 166 -60.01 24.34 27.25
N LYS D 167 -60.96 23.55 27.73
CA LYS D 167 -62.28 23.45 27.11
C LYS D 167 -62.88 24.82 26.87
N LEU D 168 -62.61 25.74 27.79
CA LEU D 168 -63.17 27.09 27.73
C LEU D 168 -62.14 28.09 27.19
N GLY E 1 -31.10 7.85 23.37
CA GLY E 1 -31.05 7.24 22.04
C GLY E 1 -31.77 8.07 21.01
N ILE E 2 -31.18 8.16 19.82
CA ILE E 2 -31.57 9.12 18.78
C ILE E 2 -33.07 9.25 18.46
N PHE E 3 -33.82 8.15 18.52
CA PHE E 3 -35.25 8.22 18.24
C PHE E 3 -36.06 8.47 19.50
N GLY E 4 -35.39 8.39 20.65
CA GLY E 4 -35.97 8.88 21.89
C GLY E 4 -36.66 7.80 22.69
N ALA E 5 -36.81 6.62 22.10
CA ALA E 5 -37.66 5.60 22.67
C ALA E 5 -36.92 4.76 23.69
N ILE E 6 -35.72 4.30 23.35
CA ILE E 6 -34.97 3.44 24.24
C ILE E 6 -34.08 4.27 25.17
N ALA E 7 -34.40 4.20 26.46
CA ALA E 7 -33.66 4.91 27.51
C ALA E 7 -33.48 6.45 27.35
N GLY E 8 -34.50 7.21 26.98
CA GLY E 8 -35.81 6.74 26.57
C GLY E 8 -36.97 7.47 27.19
N PHE E 9 -38.01 7.76 26.40
CA PHE E 9 -39.30 8.08 26.99
C PHE E 9 -39.91 6.76 27.43
N ILE E 10 -39.39 5.67 26.87
CA ILE E 10 -39.60 4.35 27.44
C ILE E 10 -38.34 3.95 28.18
N GLU E 11 -38.18 4.53 29.38
CA GLU E 11 -37.17 4.14 30.33
C GLU E 11 -37.21 2.64 30.59
N GLY E 12 -36.03 2.01 30.61
CA GLY E 12 -35.92 0.62 31.03
C GLY E 12 -36.52 -0.42 30.09
N GLY E 13 -35.96 -1.63 30.12
CA GLY E 13 -36.48 -2.72 29.33
C GLY E 13 -37.12 -3.81 30.17
N TRP E 14 -37.50 -4.91 29.52
CA TRP E 14 -38.26 -5.97 30.17
C TRP E 14 -37.50 -7.29 30.18
N THR E 15 -36.99 -7.68 31.33
CA THR E 15 -36.38 -8.99 31.48
C THR E 15 -37.46 -10.07 31.35
N GLY E 16 -38.69 -9.71 31.68
CA GLY E 16 -39.83 -10.60 31.56
C GLY E 16 -40.13 -11.05 30.15
N MET E 17 -39.83 -10.19 29.17
CA MET E 17 -40.05 -10.52 27.77
C MET E 17 -38.88 -11.29 27.18
N ILE E 18 -39.08 -12.59 26.98
CA ILE E 18 -37.98 -13.49 26.63
C ILE E 18 -38.02 -13.96 25.18
N ASP E 19 -39.16 -13.81 24.52
CA ASP E 19 -39.34 -14.39 23.19
C ASP E 19 -39.04 -13.43 22.04
N GLY E 20 -38.47 -12.27 22.36
CA GLY E 20 -38.16 -11.31 21.32
C GLY E 20 -37.39 -10.07 21.76
N TRP E 21 -37.20 -9.16 20.83
CA TRP E 21 -36.49 -7.90 21.09
C TRP E 21 -37.46 -6.77 21.40
N TYR E 22 -38.57 -6.74 20.69
CA TYR E 22 -39.58 -5.70 20.87
C TYR E 22 -40.95 -6.33 21.09
N GLY E 23 -41.80 -5.66 21.86
CA GLY E 23 -43.18 -6.14 21.99
C GLY E 23 -44.10 -5.41 22.95
N TYR E 24 -44.97 -6.18 23.60
CA TYR E 24 -46.06 -5.61 24.39
C TYR E 24 -46.14 -6.20 25.79
N HIS E 25 -46.52 -5.37 26.75
CA HIS E 25 -47.00 -5.89 28.03
C HIS E 25 -48.42 -5.39 28.28
N HIS E 26 -49.36 -6.32 28.45
CA HIS E 26 -50.76 -5.97 28.65
C HIS E 26 -51.23 -6.29 30.06
N GLU E 27 -52.26 -5.59 30.50
CA GLU E 27 -52.96 -5.95 31.73
C GLU E 27 -54.45 -5.77 31.51
N ASN E 28 -55.24 -6.81 31.76
CA ASN E 28 -56.68 -6.67 31.75
C ASN E 28 -57.32 -7.57 32.81
N SER E 29 -58.65 -7.64 32.82
CA SER E 29 -59.37 -8.41 33.81
C SER E 29 -59.03 -9.90 33.76
N GLN E 30 -58.68 -10.37 32.57
CA GLN E 30 -58.42 -11.79 32.37
C GLN E 30 -57.01 -12.19 32.76
N GLY E 31 -56.14 -11.20 32.97
CA GLY E 31 -54.78 -11.48 33.35
C GLY E 31 -53.79 -10.44 32.83
N SER E 32 -52.52 -10.82 32.79
CA SER E 32 -51.47 -9.91 32.31
C SER E 32 -50.24 -10.69 31.85
N GLY E 33 -49.35 -10.02 31.12
CA GLY E 33 -48.10 -10.64 30.73
C GLY E 33 -47.33 -9.92 29.62
N TYR E 34 -46.37 -10.63 29.05
CA TYR E 34 -45.43 -10.06 28.09
C TYR E 34 -45.49 -10.84 26.78
N ALA E 35 -45.52 -10.14 25.66
CA ALA E 35 -45.56 -10.80 24.35
C ALA E 35 -44.78 -10.02 23.31
N ALA E 36 -43.77 -10.67 22.73
CA ALA E 36 -42.93 -10.07 21.70
C ALA E 36 -43.70 -9.84 20.40
N ASP E 37 -43.20 -8.91 19.58
CA ASP E 37 -43.69 -8.75 18.22
C ASP E 37 -42.71 -9.43 17.27
N ARG E 38 -43.09 -10.57 16.74
CA ARG E 38 -42.16 -11.40 15.99
C ARG E 38 -41.81 -10.82 14.62
N GLU E 39 -42.76 -10.16 13.98
CA GLU E 39 -42.53 -9.57 12.66
C GLU E 39 -41.43 -8.52 12.68
N SER E 40 -41.50 -7.60 13.64
CA SER E 40 -40.48 -6.55 13.77
C SER E 40 -39.18 -7.11 14.33
N THR E 41 -39.30 -8.10 15.23
CA THR E 41 -38.12 -8.75 15.79
C THR E 41 -37.36 -9.55 14.74
N GLN E 42 -38.09 -10.38 14.00
CA GLN E 42 -37.48 -11.25 12.99
C GLN E 42 -36.82 -10.41 11.89
N LYS E 43 -37.52 -9.37 11.47
CA LYS E 43 -37.05 -8.47 10.42
C LYS E 43 -35.81 -7.70 10.88
N ALA E 44 -35.66 -7.58 12.20
CA ALA E 44 -34.46 -7.02 12.79
C ALA E 44 -33.31 -8.01 12.84
N ILE E 45 -33.60 -9.23 13.30
CA ILE E 45 -32.63 -10.31 13.36
C ILE E 45 -31.99 -10.54 11.99
N ASP E 46 -32.83 -10.63 10.96
CA ASP E 46 -32.35 -10.80 9.58
C ASP E 46 -31.46 -9.63 9.17
N GLY E 47 -31.84 -8.43 9.56
CA GLY E 47 -31.04 -7.24 9.28
C GLY E 47 -29.66 -7.28 9.90
N ILE E 48 -29.62 -7.36 11.23
CA ILE E 48 -28.35 -7.41 11.97
C ILE E 48 -27.47 -8.58 11.57
N THR E 49 -28.08 -9.74 11.36
CA THR E 49 -27.33 -10.91 10.90
C THR E 49 -26.67 -10.63 9.56
N ASN E 50 -27.46 -10.07 8.65
CA ASN E 50 -26.95 -9.72 7.33
C ASN E 50 -25.85 -8.67 7.41
N LYS E 51 -25.98 -7.75 8.35
CA LYS E 51 -24.97 -6.71 8.56
C LYS E 51 -23.65 -7.34 9.00
N VAL E 52 -23.74 -8.18 10.02
CA VAL E 52 -22.57 -8.86 10.56
C VAL E 52 -21.89 -9.73 9.49
N ASN E 53 -22.69 -10.56 8.83
CA ASN E 53 -22.17 -11.43 7.77
C ASN E 53 -21.61 -10.66 6.58
N SER E 54 -22.19 -9.51 6.29
CA SER E 54 -21.69 -8.64 5.22
C SER E 54 -20.30 -8.13 5.58
N ILE E 55 -20.20 -7.54 6.76
CA ILE E 55 -18.92 -7.04 7.28
C ILE E 55 -17.85 -8.12 7.27
N ILE E 56 -18.19 -9.27 7.85
CA ILE E 56 -17.33 -10.46 7.81
C ILE E 56 -16.91 -10.79 6.39
N ASN E 57 -17.88 -10.91 5.49
CA ASN E 57 -17.62 -11.24 4.09
C ASN E 57 -16.72 -10.22 3.40
N LYS E 58 -17.00 -8.94 3.62
CA LYS E 58 -16.25 -7.88 2.97
C LYS E 58 -14.86 -7.72 3.58
N MET E 59 -14.68 -8.21 4.79
CA MET E 59 -13.38 -8.16 5.47
C MET E 59 -12.57 -9.44 5.23
N ASN E 60 -13.03 -10.26 4.29
CA ASN E 60 -12.45 -11.59 4.10
C ASN E 60 -11.33 -11.61 3.07
N THR E 61 -10.38 -10.70 3.25
CA THR E 61 -9.11 -10.80 2.56
C THR E 61 -8.03 -10.64 3.60
N GLN E 62 -6.79 -10.98 3.24
CA GLN E 62 -5.68 -10.77 4.15
C GLN E 62 -4.48 -10.25 3.38
N PHE E 63 -3.91 -9.16 3.86
CA PHE E 63 -2.61 -8.74 3.37
C PHE E 63 -1.60 -9.69 3.96
N GLU E 64 -0.62 -10.08 3.17
CA GLU E 64 0.32 -11.07 3.66
C GLU E 64 1.74 -10.52 3.69
N ALA E 65 2.30 -10.45 4.91
CA ALA E 65 3.65 -9.99 5.13
C ALA E 65 4.59 -11.16 4.88
N VAL E 66 5.90 -10.93 4.86
CA VAL E 66 6.78 -11.97 4.34
C VAL E 66 8.15 -12.11 5.03
N ASP E 67 8.53 -13.37 5.18
CA ASP E 67 9.82 -13.86 5.65
C ASP E 67 11.05 -13.04 5.27
N HIS E 68 11.18 -12.80 3.97
CA HIS E 68 12.41 -12.41 3.27
C HIS E 68 13.39 -11.52 4.05
N GLU E 69 14.67 -11.86 3.99
CA GLU E 69 15.72 -11.07 4.64
C GLU E 69 16.40 -10.16 3.62
N PHE E 70 17.12 -9.16 4.12
CA PHE E 70 17.77 -8.19 3.26
C PHE E 70 19.19 -7.90 3.75
N SER E 71 20.14 -7.86 2.82
CA SER E 71 21.54 -7.68 3.17
C SER E 71 21.82 -6.27 3.69
N ASN E 72 23.05 -6.05 4.16
CA ASN E 72 23.47 -4.74 4.64
C ASN E 72 23.57 -3.72 3.49
N LEU E 73 23.57 -4.22 2.26
CA LEU E 73 23.47 -3.37 1.08
C LEU E 73 22.05 -3.30 0.54
N GLU E 74 21.08 -3.65 1.38
CA GLU E 74 19.68 -3.62 0.96
C GLU E 74 18.81 -2.93 2.01
N ARG E 75 19.39 -1.92 2.65
CA ARG E 75 18.67 -1.12 3.63
C ARG E 75 17.42 -0.49 3.04
N ARG E 76 17.52 -0.06 1.79
CA ARG E 76 16.45 0.68 1.14
C ARG E 76 15.21 -0.16 0.81
N ILE E 77 15.37 -1.28 0.12
CA ILE E 77 14.21 -2.14 -0.15
C ILE E 77 13.69 -2.78 1.12
N GLY E 78 14.61 -3.18 2.00
CA GLY E 78 14.27 -3.64 3.33
C GLY E 78 13.31 -2.71 4.03
N ASN E 79 13.74 -1.45 4.19
CA ASN E 79 12.91 -0.43 4.84
C ASN E 79 11.65 -0.13 4.04
N LEU E 80 11.74 -0.27 2.72
CA LEU E 80 10.57 -0.13 1.86
C LEU E 80 9.55 -1.21 2.20
N ASN E 81 10.03 -2.43 2.36
CA ASN E 81 9.16 -3.55 2.70
C ASN E 81 8.44 -3.38 4.03
N LYS E 82 9.14 -2.92 5.06
CA LYS E 82 8.53 -2.72 6.36
C LYS E 82 7.50 -1.59 6.31
N ARG E 83 7.89 -0.48 5.69
CA ARG E 83 6.99 0.67 5.54
C ARG E 83 5.72 0.28 4.80
N MET E 84 5.82 -0.61 3.82
CA MET E 84 4.65 -1.09 3.11
C MET E 84 3.77 -1.92 4.02
N GLU E 85 4.39 -2.87 4.73
CA GLU E 85 3.65 -3.80 5.57
C GLU E 85 3.00 -3.07 6.76
N ASP E 86 3.72 -2.11 7.33
CA ASP E 86 3.15 -1.28 8.37
C ASP E 86 2.05 -0.39 7.79
N GLY E 87 2.21 -0.01 6.53
CA GLY E 87 1.27 0.87 5.87
C GLY E 87 -0.11 0.25 5.74
N PHE E 88 -0.15 -0.99 5.26
CA PHE E 88 -1.40 -1.71 5.12
C PHE E 88 -2.00 -2.09 6.47
N LEU E 89 -1.14 -2.46 7.41
CA LEU E 89 -1.57 -2.75 8.77
C LEU E 89 -2.33 -1.57 9.38
N ASP E 90 -1.76 -0.38 9.27
CA ASP E 90 -2.38 0.82 9.82
C ASP E 90 -3.68 1.16 9.12
N VAL E 91 -3.77 0.86 7.83
CA VAL E 91 -4.98 1.13 7.07
C VAL E 91 -6.12 0.21 7.49
N TRP E 92 -5.85 -1.09 7.47
CA TRP E 92 -6.87 -2.08 7.84
C TRP E 92 -7.28 -1.95 9.31
N THR E 93 -6.33 -1.59 10.15
CA THR E 93 -6.63 -1.35 11.56
C THR E 93 -7.62 -0.19 11.70
N TYR E 94 -7.40 0.87 10.94
CA TYR E 94 -8.32 1.99 10.93
C TYR E 94 -9.70 1.57 10.41
N ASN E 95 -9.72 0.93 9.24
CA ASN E 95 -10.97 0.51 8.61
C ASN E 95 -11.85 -0.34 9.50
N ALA E 96 -11.23 -1.25 10.25
CA ALA E 96 -11.96 -2.17 11.12
C ALA E 96 -12.42 -1.48 12.40
N GLU E 97 -11.50 -0.79 13.06
CA GLU E 97 -11.77 -0.12 14.33
C GLU E 97 -12.82 0.97 14.20
N LEU E 98 -12.80 1.70 13.09
CA LEU E 98 -13.80 2.74 12.86
C LEU E 98 -15.14 2.19 12.40
N LEU E 99 -15.11 1.16 11.54
CA LEU E 99 -16.34 0.52 11.08
C LEU E 99 -17.16 0.02 12.27
N VAL E 100 -16.48 -0.61 13.23
CA VAL E 100 -17.12 -1.09 14.44
C VAL E 100 -17.77 0.07 15.19
N LEU E 101 -17.01 1.14 15.38
CA LEU E 101 -17.50 2.33 16.07
C LEU E 101 -18.74 2.91 15.38
N LEU E 102 -18.70 2.96 14.06
CA LEU E 102 -19.80 3.53 13.28
C LEU E 102 -21.04 2.64 13.32
N GLU E 103 -20.88 1.39 12.90
CA GLU E 103 -21.99 0.46 12.82
C GLU E 103 -22.67 0.22 14.17
N ASN E 104 -21.88 0.20 15.24
CA ASN E 104 -22.44 0.07 16.58
C ASN E 104 -23.38 1.24 16.91
N GLU E 105 -22.99 2.44 16.48
CA GLU E 105 -23.83 3.62 16.67
C GLU E 105 -25.15 3.46 15.94
N ARG E 106 -25.07 2.93 14.72
CA ARG E 106 -26.22 2.83 13.84
C ARG E 106 -27.09 1.63 14.20
N THR E 107 -26.47 0.58 14.75
CA THR E 107 -27.22 -0.58 15.22
C THR E 107 -28.18 -0.21 16.35
N LEU E 108 -27.70 0.56 17.31
CA LEU E 108 -28.53 1.00 18.43
C LEU E 108 -29.67 1.89 17.93
N ASP E 109 -29.35 2.80 17.02
CA ASP E 109 -30.34 3.65 16.37
C ASP E 109 -31.47 2.83 15.76
N LEU E 110 -31.11 1.72 15.14
CA LEU E 110 -32.08 0.86 14.46
C LEU E 110 -33.08 0.26 15.44
N HIS E 111 -32.59 -0.34 16.52
CA HIS E 111 -33.46 -0.88 17.56
C HIS E 111 -34.37 0.21 18.13
N ASP E 112 -33.77 1.35 18.43
CA ASP E 112 -34.48 2.54 18.88
C ASP E 112 -35.61 2.91 17.94
N ALA E 113 -35.28 3.00 16.66
CA ALA E 113 -36.28 3.32 15.68
C ALA E 113 -37.36 2.27 15.62
N ASN E 114 -37.03 0.99 15.66
CA ASN E 114 -38.15 0.04 15.45
C ASN E 114 -39.03 -0.04 16.71
N VAL E 115 -38.49 0.27 17.89
CA VAL E 115 -39.35 0.37 19.09
C VAL E 115 -40.34 1.51 18.88
N LYS E 116 -39.82 2.68 18.51
CA LYS E 116 -40.63 3.86 18.24
C LYS E 116 -41.78 3.61 17.26
N ASN E 117 -41.47 2.92 16.16
CA ASN E 117 -42.48 2.63 15.15
C ASN E 117 -43.55 1.66 15.66
N LEU E 118 -43.19 0.83 16.63
CA LEU E 118 -44.18 0.00 17.31
C LEU E 118 -45.08 0.88 18.17
N TYR E 119 -44.46 1.74 18.97
CA TYR E 119 -45.17 2.68 19.83
C TYR E 119 -46.19 3.51 19.05
N GLU E 120 -45.80 3.96 17.86
CA GLU E 120 -46.66 4.83 17.07
C GLU E 120 -47.74 4.10 16.29
N LYS E 121 -47.48 2.85 15.94
CA LYS E 121 -48.52 2.02 15.30
C LYS E 121 -49.70 1.85 16.23
N VAL E 122 -49.41 1.48 17.48
CA VAL E 122 -50.44 1.30 18.49
C VAL E 122 -51.15 2.63 18.75
N LYS E 123 -50.37 3.69 18.93
CA LYS E 123 -50.93 5.02 19.17
C LYS E 123 -51.84 5.48 18.01
N SER E 124 -51.51 5.05 16.80
CA SER E 124 -52.29 5.41 15.61
C SER E 124 -53.67 4.74 15.58
N GLN E 125 -53.81 3.63 16.30
CA GLN E 125 -55.07 2.90 16.33
C GLN E 125 -56.00 3.39 17.43
N LEU E 126 -55.44 3.59 18.63
CA LEU E 126 -56.24 3.84 19.82
C LEU E 126 -56.80 5.27 19.89
N ARG E 127 -55.93 6.25 19.68
CA ARG E 127 -56.28 7.68 19.72
C ARG E 127 -56.85 8.09 21.09
N ASP E 128 -57.94 8.85 21.10
CA ASP E 128 -58.78 9.10 22.29
C ASP E 128 -59.23 7.85 23.09
N ASN E 129 -59.26 6.69 22.48
CA ASN E 129 -59.70 5.49 23.20
C ASN E 129 -58.68 5.06 24.24
N ALA E 130 -57.57 5.78 24.30
CA ALA E 130 -56.59 5.58 25.35
C ALA E 130 -55.99 6.89 25.83
N ASN E 131 -55.59 6.91 27.09
CA ASN E 131 -54.78 7.99 27.64
C ASN E 131 -53.33 7.53 27.54
N ASP E 132 -52.45 8.40 27.06
CA ASP E 132 -51.06 8.00 26.79
C ASP E 132 -50.28 7.58 28.03
N LEU E 133 -49.92 8.55 28.88
CA LEU E 133 -49.00 8.41 30.02
C LEU E 133 -47.54 8.54 29.58
N GLY E 134 -47.32 8.71 28.28
CA GLY E 134 -46.02 9.12 27.75
C GLY E 134 -44.81 8.28 28.11
N ASN E 135 -45.00 6.99 28.36
CA ASN E 135 -43.89 6.12 28.72
C ASN E 135 -44.03 4.74 28.08
N GLY E 136 -44.61 4.72 26.89
CA GLY E 136 -44.81 3.48 26.17
C GLY E 136 -46.15 2.82 26.46
N CYS E 137 -46.73 3.16 27.60
CA CYS E 137 -47.95 2.50 28.07
C CYS E 137 -49.20 3.18 27.52
N PHE E 138 -50.33 2.48 27.60
CA PHE E 138 -51.61 3.03 27.20
C PHE E 138 -52.73 2.56 28.11
N GLU E 139 -53.33 3.49 28.84
CA GLU E 139 -54.54 3.15 29.60
C GLU E 139 -55.76 3.21 28.69
N PHE E 140 -56.46 2.09 28.59
CA PHE E 140 -57.70 2.09 27.84
C PHE E 140 -58.74 2.79 28.65
N TRP E 141 -59.43 3.70 27.98
CA TRP E 141 -60.56 4.35 28.56
C TRP E 141 -61.81 3.46 28.43
N HIS E 142 -61.62 2.26 27.88
CA HIS E 142 -62.71 1.29 27.73
C HIS E 142 -62.24 -0.09 28.18
N LYS E 143 -63.11 -1.09 28.03
CA LYS E 143 -62.81 -2.45 28.46
C LYS E 143 -62.17 -3.29 27.35
N CYS E 144 -60.91 -3.64 27.53
CA CYS E 144 -60.16 -4.37 26.50
C CYS E 144 -59.82 -5.79 26.92
N ASP E 145 -60.61 -6.74 26.45
CA ASP E 145 -60.37 -8.16 26.70
C ASP E 145 -59.18 -8.68 25.87
N ASN E 146 -58.96 -9.99 25.90
CA ASN E 146 -57.80 -10.57 25.22
C ASN E 146 -57.96 -10.57 23.70
N GLU E 147 -59.18 -10.77 23.20
CA GLU E 147 -59.38 -10.64 21.76
C GLU E 147 -59.16 -9.20 21.32
N CYS E 148 -59.40 -8.25 22.23
CA CYS E 148 -59.08 -6.84 22.03
C CYS E 148 -57.57 -6.56 22.14
N MET E 149 -56.88 -7.30 22.99
CA MET E 149 -55.43 -7.15 23.09
C MET E 149 -54.72 -7.61 21.81
N GLU E 150 -55.25 -8.66 21.19
CA GLU E 150 -54.70 -9.12 19.92
C GLU E 150 -55.11 -8.15 18.81
N SER E 151 -56.34 -7.65 18.91
CA SER E 151 -56.82 -6.55 18.07
C SER E 151 -55.75 -5.50 17.84
N VAL E 152 -55.12 -5.05 18.93
CA VAL E 152 -54.11 -4.02 18.89
C VAL E 152 -52.78 -4.51 18.29
N LYS E 153 -52.43 -5.76 18.59
CA LYS E 153 -51.13 -6.30 18.20
C LYS E 153 -51.06 -6.73 16.75
N ASN E 154 -52.17 -7.19 16.19
CA ASN E 154 -52.20 -7.55 14.78
C ASN E 154 -52.55 -6.37 13.87
N GLY E 155 -52.76 -5.21 14.49
CA GLY E 155 -52.96 -3.98 13.76
C GLY E 155 -54.34 -3.85 13.14
N THR E 156 -55.35 -4.28 13.88
CA THR E 156 -56.74 -4.24 13.44
C THR E 156 -57.64 -4.02 14.65
N TYR E 157 -57.70 -2.79 15.14
CA TYR E 157 -58.24 -2.51 16.46
C TYR E 157 -59.77 -2.37 16.44
N ASP E 158 -60.25 -1.29 15.82
CA ASP E 158 -61.66 -0.88 15.68
C ASP E 158 -61.93 0.26 16.66
N TYR E 159 -61.43 1.44 16.32
CA TYR E 159 -61.77 2.64 17.05
C TYR E 159 -63.28 2.91 17.22
N PRO E 160 -64.11 2.74 16.16
CA PRO E 160 -65.57 2.84 16.33
C PRO E 160 -66.20 1.96 17.42
N LYS E 161 -65.89 0.67 17.46
CA LYS E 161 -66.57 -0.25 18.37
C LYS E 161 -66.28 0.13 19.83
N TYR E 162 -65.43 1.13 19.99
CA TYR E 162 -65.13 1.65 21.30
C TYR E 162 -65.07 3.17 21.18
N GLN E 163 -66.20 3.81 20.85
CA GLN E 163 -66.31 5.29 20.79
C GLN E 163 -67.42 5.73 21.74
N LYS E 164 -68.19 4.72 22.14
CA LYS E 164 -69.15 4.68 23.26
C LYS E 164 -68.52 5.00 24.64
N GLU E 165 -67.95 3.99 25.29
CA GLU E 165 -66.52 3.88 25.62
C GLU E 165 -65.83 4.78 26.70
N SER E 166 -65.12 5.81 26.27
CA SER E 166 -64.04 6.58 26.89
C SER E 166 -64.66 7.88 27.11
N LYS E 167 -65.88 7.98 26.55
CA LYS E 167 -66.90 8.96 26.88
C LYS E 167 -66.66 9.57 28.22
N LEU E 168 -66.23 8.71 29.12
CA LEU E 168 -65.95 8.85 30.51
C LEU E 168 -65.71 7.41 30.95
N GLY F 1 -39.21 -0.63 7.50
CA GLY F 1 -38.28 0.41 7.11
C GLY F 1 -38.10 1.40 8.25
N ILE F 2 -36.87 1.83 8.49
CA ILE F 2 -36.47 2.54 9.71
C ILE F 2 -37.40 3.66 10.21
N PHE F 3 -38.00 4.43 9.30
CA PHE F 3 -38.90 5.50 9.71
C PHE F 3 -40.34 5.00 9.77
N GLY F 4 -40.57 3.80 9.24
CA GLY F 4 -41.82 3.10 9.47
C GLY F 4 -42.83 3.32 8.37
N ALA F 5 -42.51 4.25 7.47
CA ALA F 5 -43.49 4.71 6.50
C ALA F 5 -43.52 3.83 5.25
N ILE F 6 -42.35 3.52 4.71
CA ILE F 6 -42.30 2.73 3.47
C ILE F 6 -42.22 1.25 3.78
N ALA F 7 -43.28 0.54 3.39
CA ALA F 7 -43.41 -0.90 3.57
C ALA F 7 -43.23 -1.46 5.00
N GLY F 8 -43.82 -0.86 6.05
CA GLY F 8 -44.54 0.40 6.01
C GLY F 8 -45.86 0.38 6.75
N PHE F 9 -46.16 1.47 7.47
CA PHE F 9 -47.54 1.72 7.87
C PHE F 9 -48.27 2.23 6.63
N ILE F 10 -47.48 2.69 5.66
CA ILE F 10 -47.96 2.88 4.31
C ILE F 10 -47.49 1.70 3.48
N GLU F 11 -48.19 0.59 3.61
CA GLU F 11 -47.98 -0.58 2.76
C GLU F 11 -48.02 -0.20 1.29
N GLY F 12 -47.07 -0.72 0.51
CA GLY F 12 -47.15 -0.60 -0.94
C GLY F 12 -46.96 0.80 -1.50
N GLY F 13 -46.50 0.88 -2.74
CA GLY F 13 -46.36 2.16 -3.41
C GLY F 13 -47.36 2.29 -4.53
N TRP F 14 -47.24 3.38 -5.29
CA TRP F 14 -48.24 3.70 -6.31
C TRP F 14 -47.61 3.70 -7.70
N THR F 15 -47.92 2.66 -8.48
CA THR F 15 -47.50 2.64 -9.88
C THR F 15 -48.23 3.72 -10.66
N GLY F 16 -49.42 4.09 -10.17
CA GLY F 16 -50.20 5.16 -10.77
C GLY F 16 -49.53 6.52 -10.73
N MET F 17 -48.73 6.77 -9.71
CA MET F 17 -48.04 8.04 -9.58
C MET F 17 -46.72 8.04 -10.35
N ILE F 18 -46.70 8.75 -11.47
CA ILE F 18 -45.60 8.64 -12.42
C ILE F 18 -44.69 9.87 -12.44
N ASP F 19 -45.17 10.98 -11.89
CA ASP F 19 -44.45 12.25 -12.03
C ASP F 19 -43.54 12.59 -10.85
N GLY F 20 -43.33 11.64 -9.94
CA GLY F 20 -42.47 11.89 -8.79
C GLY F 20 -42.20 10.69 -7.91
N TRP F 21 -41.49 10.92 -6.80
CA TRP F 21 -41.14 9.87 -5.85
C TRP F 21 -42.14 9.82 -4.69
N TYR F 22 -42.57 10.99 -4.24
CA TYR F 22 -43.51 11.10 -3.12
C TYR F 22 -44.69 11.97 -3.54
N GLY F 23 -45.87 11.69 -2.98
CA GLY F 23 -47.01 12.56 -3.22
C GLY F 23 -48.33 12.14 -2.63
N TYR F 24 -49.41 12.44 -3.36
CA TYR F 24 -50.76 12.29 -2.83
C TYR F 24 -51.68 11.50 -3.75
N HIS F 25 -52.57 10.72 -3.13
CA HIS F 25 -53.74 10.19 -3.83
C HIS F 25 -55.02 10.67 -3.14
N HIS F 26 -55.85 11.39 -3.87
CA HIS F 26 -57.09 11.94 -3.33
C HIS F 26 -58.30 11.26 -3.98
N GLU F 27 -59.42 11.25 -3.25
CA GLU F 27 -60.71 10.91 -3.84
C GLU F 27 -61.81 11.77 -3.24
N ASN F 28 -62.58 12.41 -4.12
CA ASN F 28 -63.75 13.18 -3.72
C ASN F 28 -64.87 13.03 -4.74
N SER F 29 -65.94 13.80 -4.56
CA SER F 29 -67.11 13.69 -5.43
C SER F 29 -66.78 13.99 -6.89
N GLN F 30 -65.78 14.84 -7.11
CA GLN F 30 -65.44 15.26 -8.47
C GLN F 30 -64.56 14.27 -9.20
N GLY F 31 -64.02 13.29 -8.47
CA GLY F 31 -63.15 12.29 -9.06
C GLY F 31 -62.09 11.79 -8.09
N SER F 32 -61.02 11.22 -8.65
CA SER F 32 -59.91 10.72 -7.85
C SER F 32 -58.64 10.65 -8.69
N GLY F 33 -57.49 10.49 -8.04
CA GLY F 33 -56.25 10.34 -8.77
C GLY F 33 -54.96 10.52 -7.98
N TYR F 34 -53.86 10.70 -8.72
CA TYR F 34 -52.51 10.73 -8.14
C TYR F 34 -51.76 12.01 -8.52
N ALA F 35 -51.07 12.61 -7.55
CA ALA F 35 -50.28 13.82 -7.81
C ALA F 35 -49.00 13.86 -6.95
N ALA F 36 -47.86 13.91 -7.62
CA ALA F 36 -46.57 13.98 -6.93
C ALA F 36 -46.35 15.30 -6.20
N ASP F 37 -45.48 15.26 -5.19
CA ASP F 37 -44.99 16.47 -4.54
C ASP F 37 -43.58 16.79 -5.01
N ARG F 38 -43.48 17.80 -5.86
CA ARG F 38 -42.23 18.12 -6.53
C ARG F 38 -41.16 18.73 -5.61
N GLU F 39 -41.58 19.56 -4.66
CA GLU F 39 -40.63 20.19 -3.76
C GLU F 39 -39.82 19.15 -2.98
N SER F 40 -40.53 18.18 -2.41
CA SER F 40 -39.89 17.13 -1.63
C SER F 40 -39.15 16.15 -2.53
N THR F 41 -39.71 15.88 -3.71
CA THR F 41 -39.07 15.02 -4.69
C THR F 41 -37.80 15.66 -5.22
N GLN F 42 -37.88 16.94 -5.62
CA GLN F 42 -36.75 17.63 -6.22
C GLN F 42 -35.57 17.73 -5.25
N LYS F 43 -35.85 18.07 -4.00
CA LYS F 43 -34.76 18.17 -3.02
C LYS F 43 -34.26 16.76 -2.70
N ALA F 44 -35.06 15.74 -2.97
CA ALA F 44 -34.55 14.39 -2.81
C ALA F 44 -33.59 14.09 -3.96
N ILE F 45 -34.01 14.42 -5.18
CA ILE F 45 -33.17 14.25 -6.36
C ILE F 45 -31.82 14.95 -6.24
N ASP F 46 -31.83 16.23 -5.85
CA ASP F 46 -30.59 16.98 -5.64
C ASP F 46 -29.71 16.35 -4.57
N GLY F 47 -30.34 15.86 -3.51
CA GLY F 47 -29.63 15.16 -2.46
C GLY F 47 -28.91 13.93 -2.98
N ILE F 48 -29.67 12.99 -3.52
CA ILE F 48 -29.11 11.75 -4.06
C ILE F 48 -28.09 12.01 -5.16
N THR F 49 -28.36 12.99 -6.03
CA THR F 49 -27.43 13.36 -7.09
C THR F 49 -26.11 13.83 -6.49
N ASN F 50 -26.19 14.70 -5.49
CA ASN F 50 -25.00 15.20 -4.82
C ASN F 50 -24.23 14.07 -4.13
N LYS F 51 -24.97 13.10 -3.59
CA LYS F 51 -24.35 11.95 -2.94
C LYS F 51 -23.57 11.12 -3.96
N VAL F 52 -24.24 10.77 -5.06
CA VAL F 52 -23.64 9.98 -6.11
C VAL F 52 -22.40 10.67 -6.69
N ASN F 53 -22.56 11.95 -7.05
CA ASN F 53 -21.45 12.72 -7.60
C ASN F 53 -20.31 12.88 -6.61
N SER F 54 -20.64 12.94 -5.32
CA SER F 54 -19.63 13.02 -4.28
C SER F 54 -18.79 11.74 -4.26
N ILE F 55 -19.49 10.61 -4.18
CA ILE F 55 -18.85 9.30 -4.20
C ILE F 55 -17.96 9.13 -5.44
N ILE F 56 -18.53 9.40 -6.60
CA ILE F 56 -17.79 9.41 -7.85
C ILE F 56 -16.54 10.28 -7.77
N ASN F 57 -16.72 11.53 -7.35
CA ASN F 57 -15.62 12.48 -7.22
C ASN F 57 -14.55 12.02 -6.24
N LYS F 58 -14.96 11.52 -5.09
CA LYS F 58 -13.99 11.11 -4.07
C LYS F 58 -13.27 9.83 -4.47
N MET F 59 -13.89 9.08 -5.38
CA MET F 59 -13.30 7.85 -5.89
C MET F 59 -12.50 8.07 -7.18
N ASN F 60 -12.23 9.33 -7.54
CA ASN F 60 -11.66 9.60 -8.87
C ASN F 60 -10.13 9.63 -8.88
N THR F 61 -9.53 8.61 -8.28
CA THR F 61 -8.11 8.36 -8.45
C THR F 61 -7.96 6.91 -8.85
N GLN F 62 -6.77 6.55 -9.32
CA GLN F 62 -6.51 5.16 -9.65
C GLN F 62 -5.12 4.76 -9.21
N PHE F 63 -5.04 3.68 -8.43
CA PHE F 63 -3.74 3.05 -8.22
C PHE F 63 -3.46 2.29 -9.50
N GLU F 64 -2.25 2.41 -10.05
CA GLU F 64 -1.97 1.70 -11.30
C GLU F 64 -0.75 0.80 -11.19
N ALA F 65 -0.97 -0.47 -11.49
CA ALA F 65 0.06 -1.50 -11.46
C ALA F 65 0.92 -1.38 -12.73
N VAL F 66 1.98 -2.18 -12.82
CA VAL F 66 2.98 -1.91 -13.83
C VAL F 66 3.59 -3.15 -14.51
N ASP F 67 3.81 -2.97 -15.81
CA ASP F 67 4.49 -3.87 -16.73
C ASP F 67 5.65 -4.69 -16.17
N HIS F 68 6.58 -3.97 -15.55
CA HIS F 68 7.96 -4.39 -15.27
C HIS F 68 8.23 -5.87 -14.97
N GLU F 69 9.30 -6.38 -15.56
CA GLU F 69 9.73 -7.76 -15.33
C GLU F 69 10.82 -7.82 -14.27
N PHE F 70 11.01 -9.00 -13.71
CA PHE F 70 11.98 -9.22 -12.65
C PHE F 70 12.72 -10.53 -12.91
N SER F 71 14.04 -10.50 -12.79
CA SER F 71 14.86 -11.66 -13.10
C SER F 71 14.68 -12.79 -12.08
N ASN F 72 15.30 -13.93 -12.36
CA ASN F 72 15.28 -15.06 -11.44
C ASN F 72 16.08 -14.77 -10.17
N LEU F 73 16.89 -13.71 -10.22
CA LEU F 73 17.58 -13.23 -9.03
C LEU F 73 16.85 -12.03 -8.39
N GLU F 74 15.59 -11.86 -8.74
CA GLU F 74 14.80 -10.74 -8.20
C GLU F 74 13.44 -11.22 -7.69
N ARG F 75 13.42 -12.43 -7.14
CA ARG F 75 12.21 -13.01 -6.56
C ARG F 75 11.62 -12.12 -5.47
N ARG F 76 12.50 -11.50 -4.68
CA ARG F 76 12.07 -10.73 -3.52
C ARG F 76 11.35 -9.42 -3.86
N ILE F 77 11.95 -8.57 -4.69
CA ILE F 77 11.27 -7.33 -5.08
C ILE F 77 10.07 -7.63 -5.97
N GLY F 78 10.22 -8.62 -6.86
CA GLY F 78 9.12 -9.14 -7.64
C GLY F 78 7.89 -9.43 -6.80
N ASN F 79 8.07 -10.30 -5.80
CA ASN F 79 6.99 -10.66 -4.89
C ASN F 79 6.52 -9.47 -4.04
N LEU F 80 7.43 -8.55 -3.75
CA LEU F 80 7.07 -7.33 -3.04
C LEU F 80 6.09 -6.50 -3.88
N ASN F 81 6.41 -6.37 -5.17
CA ASN F 81 5.56 -5.65 -6.11
C ASN F 81 4.18 -6.28 -6.21
N LYS F 82 4.15 -7.61 -6.23
CA LYS F 82 2.90 -8.33 -6.35
C LYS F 82 2.04 -8.12 -5.10
N ARG F 83 2.65 -8.28 -3.93
CA ARG F 83 1.96 -8.08 -2.67
C ARG F 83 1.42 -6.65 -2.48
N MET F 84 2.17 -5.67 -2.97
CA MET F 84 1.74 -4.29 -2.89
C MET F 84 0.52 -4.03 -3.76
N GLU F 85 0.58 -4.50 -5.01
CA GLU F 85 -0.48 -4.25 -5.98
C GLU F 85 -1.76 -4.98 -5.56
N ASP F 86 -1.61 -6.20 -5.06
CA ASP F 86 -2.74 -6.94 -4.51
C ASP F 86 -3.26 -6.26 -3.25
N GLY F 87 -2.34 -5.64 -2.51
CA GLY F 87 -2.68 -4.98 -1.26
C GLY F 87 -3.62 -3.82 -1.46
N PHE F 88 -3.31 -2.94 -2.41
CA PHE F 88 -4.15 -1.78 -2.71
C PHE F 88 -5.45 -2.20 -3.39
N LEU F 89 -5.35 -3.21 -4.25
CA LEU F 89 -6.53 -3.78 -4.89
C LEU F 89 -7.56 -4.23 -3.85
N ASP F 90 -7.10 -4.99 -2.85
CA ASP F 90 -7.98 -5.48 -1.81
C ASP F 90 -8.55 -4.36 -0.95
N VAL F 91 -7.78 -3.29 -0.77
CA VAL F 91 -8.24 -2.14 0.02
C VAL F 91 -9.34 -1.38 -0.70
N TRP F 92 -9.07 -0.99 -1.94
CA TRP F 92 -10.03 -0.22 -2.73
C TRP F 92 -11.29 -1.04 -3.02
N THR F 93 -11.13 -2.33 -3.20
CA THR F 93 -12.26 -3.24 -3.38
C THR F 93 -13.17 -3.21 -2.16
N TYR F 94 -12.56 -3.27 -0.97
CA TYR F 94 -13.31 -3.16 0.28
C TYR F 94 -14.02 -1.81 0.40
N ASN F 95 -13.27 -0.73 0.22
CA ASN F 95 -13.80 0.62 0.33
C ASN F 95 -15.01 0.85 -0.56
N ALA F 96 -14.97 0.31 -1.77
CA ALA F 96 -16.05 0.49 -2.74
C ALA F 96 -17.25 -0.41 -2.43
N GLU F 97 -16.97 -1.70 -2.22
CA GLU F 97 -18.04 -2.67 -1.97
C GLU F 97 -18.81 -2.37 -0.67
N LEU F 98 -18.11 -1.91 0.35
CA LEU F 98 -18.76 -1.58 1.61
C LEU F 98 -19.47 -0.23 1.58
N LEU F 99 -18.88 0.75 0.90
CA LEU F 99 -19.52 2.06 0.76
C LEU F 99 -20.89 1.92 0.11
N VAL F 100 -20.94 1.11 -0.94
CA VAL F 100 -22.20 0.82 -1.63
C VAL F 100 -23.21 0.21 -0.67
N LEU F 101 -22.79 -0.81 0.07
CA LEU F 101 -23.64 -1.48 1.03
C LEU F 101 -24.20 -0.52 2.08
N LEU F 102 -23.35 0.38 2.56
CA LEU F 102 -23.73 1.32 3.60
C LEU F 102 -24.67 2.39 3.07
N GLU F 103 -24.23 3.09 2.02
CA GLU F 103 -25.01 4.19 1.45
C GLU F 103 -26.36 3.74 0.91
N ASN F 104 -26.43 2.54 0.35
CA ASN F 104 -27.70 1.97 -0.09
C ASN F 104 -28.67 1.81 1.07
N GLU F 105 -28.16 1.39 2.22
CA GLU F 105 -28.98 1.26 3.42
C GLU F 105 -29.51 2.63 3.82
N ARG F 106 -28.65 3.63 3.73
CA ARG F 106 -29.00 4.97 4.20
C ARG F 106 -29.84 5.74 3.19
N THR F 107 -29.67 5.41 1.91
CA THR F 107 -30.48 6.00 0.85
C THR F 107 -31.96 5.64 1.03
N LEU F 108 -32.22 4.36 1.31
CA LEU F 108 -33.58 3.90 1.53
C LEU F 108 -34.19 4.59 2.74
N ASP F 109 -33.41 4.69 3.81
CA ASP F 109 -33.80 5.41 5.02
C ASP F 109 -34.27 6.83 4.71
N LEU F 110 -33.55 7.50 3.81
CA LEU F 110 -33.83 8.88 3.45
C LEU F 110 -35.21 9.01 2.81
N HIS F 111 -35.48 8.17 1.82
CA HIS F 111 -36.78 8.15 1.16
C HIS F 111 -37.88 7.86 2.18
N ASP F 112 -37.64 6.86 3.02
CA ASP F 112 -38.53 6.54 4.12
C ASP F 112 -38.82 7.79 4.95
N ALA F 113 -37.76 8.51 5.30
CA ALA F 113 -37.88 9.75 6.06
C ALA F 113 -38.67 10.82 5.30
N ASN F 114 -38.47 10.94 4.00
CA ASN F 114 -39.13 12.00 3.23
C ASN F 114 -40.62 11.75 3.10
N VAL F 115 -41.02 10.49 3.06
CA VAL F 115 -42.43 10.13 3.04
C VAL F 115 -43.08 10.50 4.36
N LYS F 116 -42.47 10.07 5.45
CA LYS F 116 -42.94 10.35 6.80
C LYS F 116 -43.18 11.85 7.03
N ASN F 117 -42.22 12.66 6.61
CA ASN F 117 -42.33 14.11 6.77
C ASN F 117 -43.44 14.73 5.93
N LEU F 118 -43.78 14.11 4.81
CA LEU F 118 -44.97 14.50 4.05
C LEU F 118 -46.22 14.15 4.83
N TYR F 119 -46.26 12.91 5.32
CA TYR F 119 -47.37 12.43 6.14
C TYR F 119 -47.68 13.36 7.31
N GLU F 120 -46.64 13.84 7.97
CA GLU F 120 -46.81 14.67 9.17
C GLU F 120 -47.10 16.11 8.82
N LYS F 121 -46.65 16.55 7.65
CA LYS F 121 -46.98 17.88 7.16
C LYS F 121 -48.48 18.04 6.97
N VAL F 122 -49.07 17.07 6.28
CA VAL F 122 -50.50 17.05 6.03
C VAL F 122 -51.30 16.91 7.34
N LYS F 123 -50.88 15.97 8.17
CA LYS F 123 -51.49 15.75 9.49
C LYS F 123 -51.48 17.00 10.34
N SER F 124 -50.45 17.82 10.18
CA SER F 124 -50.32 19.04 10.95
C SER F 124 -51.37 20.07 10.56
N GLN F 125 -51.89 19.95 9.33
CA GLN F 125 -52.92 20.84 8.80
C GLN F 125 -54.35 20.37 9.04
N LEU F 126 -54.59 19.08 8.84
CA LEU F 126 -55.95 18.52 8.85
C LEU F 126 -56.53 18.34 10.26
N ARG F 127 -55.71 17.99 11.24
CA ARG F 127 -56.11 17.88 12.67
C ARG F 127 -57.16 16.78 12.97
N ASP F 128 -58.14 17.23 13.74
CA ASP F 128 -59.45 16.62 13.93
C ASP F 128 -60.30 16.61 12.67
N ASN F 129 -60.05 17.53 11.75
CA ASN F 129 -60.88 17.65 10.54
C ASN F 129 -60.64 16.43 9.65
N ALA F 130 -59.79 15.53 10.11
CA ALA F 130 -59.62 14.25 9.45
C ALA F 130 -59.46 13.15 10.50
N ASN F 131 -59.93 11.96 10.13
CA ASN F 131 -59.65 10.76 10.90
C ASN F 131 -58.43 10.12 10.24
N ASP F 132 -57.44 9.70 11.02
CA ASP F 132 -56.20 9.21 10.44
C ASP F 132 -56.38 7.95 9.59
N LEU F 133 -56.63 6.81 10.25
CA LEU F 133 -56.66 5.46 9.68
C LEU F 133 -55.25 4.86 9.59
N GLY F 134 -54.26 5.63 10.01
CA GLY F 134 -52.91 5.12 10.25
C GLY F 134 -52.23 4.40 9.09
N ASN F 135 -52.59 4.76 7.86
CA ASN F 135 -52.00 4.10 6.70
C ASN F 135 -51.69 5.10 5.59
N GLY F 136 -51.35 6.31 5.98
CA GLY F 136 -51.03 7.37 5.03
C GLY F 136 -52.24 8.17 4.63
N CYS F 137 -53.42 7.57 4.81
CA CYS F 137 -54.66 8.15 4.34
C CYS F 137 -55.27 9.10 5.35
N PHE F 138 -56.20 9.93 4.90
CA PHE F 138 -56.94 10.83 5.76
C PHE F 138 -58.38 10.95 5.28
N GLU F 139 -59.33 10.46 6.07
CA GLU F 139 -60.73 10.71 5.78
C GLU F 139 -61.12 12.07 6.33
N PHE F 140 -61.64 12.95 5.47
CA PHE F 140 -62.11 14.25 5.92
C PHE F 140 -63.42 14.10 6.68
N TRP F 141 -63.52 14.76 7.83
CA TRP F 141 -64.78 14.82 8.55
C TRP F 141 -65.67 15.88 7.92
N HIS F 142 -65.18 16.49 6.85
CA HIS F 142 -65.93 17.50 6.11
C HIS F 142 -65.86 17.27 4.60
N LYS F 143 -66.45 18.20 3.85
CA LYS F 143 -66.50 18.08 2.39
C LYS F 143 -65.32 18.77 1.70
N CYS F 144 -64.47 17.97 1.08
CA CYS F 144 -63.25 18.52 0.46
C CYS F 144 -63.28 18.43 -1.07
N ASP F 145 -63.62 19.54 -1.72
CA ASP F 145 -63.60 19.63 -3.18
C ASP F 145 -62.16 19.73 -3.72
N ASN F 146 -61.99 20.01 -5.01
CA ASN F 146 -60.64 19.98 -5.59
C ASN F 146 -59.70 21.12 -5.21
N GLU F 147 -60.17 22.36 -5.13
CA GLU F 147 -59.31 23.43 -4.60
C GLU F 147 -59.07 23.19 -3.11
N CYS F 148 -59.97 22.45 -2.48
CA CYS F 148 -59.73 22.01 -1.10
C CYS F 148 -58.63 20.96 -1.09
N MET F 149 -58.58 20.16 -2.14
CA MET F 149 -57.50 19.18 -2.27
C MET F 149 -56.17 19.88 -2.51
N GLU F 150 -56.20 20.99 -3.24
CA GLU F 150 -54.98 21.76 -3.46
C GLU F 150 -54.52 22.53 -2.22
N SER F 151 -55.48 23.11 -1.49
CA SER F 151 -55.23 23.70 -0.17
C SER F 151 -54.26 22.84 0.65
N VAL F 152 -54.54 21.54 0.69
CA VAL F 152 -53.75 20.61 1.48
C VAL F 152 -52.36 20.43 0.87
N LYS F 153 -52.28 20.43 -0.45
CA LYS F 153 -51.01 20.13 -1.13
C LYS F 153 -50.03 21.30 -1.19
N ASN F 154 -50.56 22.53 -1.27
CA ASN F 154 -49.71 23.72 -1.25
C ASN F 154 -49.44 24.22 0.16
N GLY F 155 -50.01 23.52 1.13
CA GLY F 155 -49.72 23.77 2.53
C GLY F 155 -50.42 25.00 3.08
N THR F 156 -51.66 25.18 2.66
CA THR F 156 -52.49 26.30 3.10
C THR F 156 -53.89 25.79 3.16
N TYR F 157 -54.16 24.96 4.17
CA TYR F 157 -55.36 24.17 4.22
C TYR F 157 -56.44 25.04 4.71
N ASP F 158 -56.25 25.42 5.97
CA ASP F 158 -57.18 26.14 6.76
C ASP F 158 -57.80 25.08 7.73
N TYR F 159 -57.61 25.14 9.06
CA TYR F 159 -58.40 24.34 10.01
C TYR F 159 -59.88 24.78 10.47
N PRO F 160 -60.22 26.07 10.23
CA PRO F 160 -60.90 27.36 10.32
C PRO F 160 -62.46 27.48 10.01
N LYS F 161 -62.76 26.86 8.84
CA LYS F 161 -63.81 26.85 7.85
C LYS F 161 -64.32 25.42 7.78
N TYR F 162 -63.74 24.48 8.54
CA TYR F 162 -64.23 23.09 8.52
C TYR F 162 -64.30 22.41 9.92
N GLN F 163 -64.49 23.20 10.99
CA GLN F 163 -64.66 22.62 12.37
C GLN F 163 -66.13 22.28 12.63
N LYS F 164 -66.91 23.30 12.28
CA LYS F 164 -68.34 23.26 12.04
C LYS F 164 -68.75 21.86 11.67
N GLU F 165 -68.24 21.40 10.55
CA GLU F 165 -68.61 20.13 9.95
C GLU F 165 -67.82 18.95 10.52
N SER F 166 -66.71 19.26 11.19
CA SER F 166 -65.88 18.23 11.81
C SER F 166 -66.70 17.54 12.92
N LYS F 167 -67.38 18.38 13.71
CA LYS F 167 -68.48 18.06 14.61
C LYS F 167 -69.39 16.92 14.14
N LEU F 168 -69.69 16.93 12.84
CA LEU F 168 -70.77 16.16 12.25
C LEU F 168 -70.39 14.94 11.42
C1 NAG G . -21.25 37.48 16.87
C2 NAG G . -20.40 38.72 17.21
C3 NAG G . -19.77 38.58 18.60
C4 NAG G . -20.79 38.06 19.62
C5 NAG G . -21.35 36.78 19.03
C6 NAG G . -22.25 35.97 19.92
C7 NAG G . -19.56 39.46 14.99
C8 NAG G . -18.37 39.58 14.10
N2 NAG G . -19.36 38.92 16.21
O3 NAG G . -19.13 39.79 18.99
O4 NAG G . -20.15 37.78 20.85
O5 NAG G . -22.15 37.19 17.94
O6 NAG G . -21.38 35.05 20.57
O7 NAG G . -20.69 39.88 14.59
C1 NAG H . -18.40 27.35 -0.70
C2 NAG H . -17.13 26.61 -1.12
C3 NAG H . -16.10 27.61 -1.65
C4 NAG H . -16.71 28.51 -2.73
C5 NAG H . -18.03 29.11 -2.25
C6 NAG H . -18.76 29.87 -3.34
C7 NAG H . -15.56 24.96 -0.16
C8 NAG H . -15.09 24.28 1.09
N2 NAG H . -16.56 25.85 0.00
O3 NAG H . -14.96 26.93 -2.19
O4 NAG H . -15.81 29.56 -3.05
O5 NAG H . -18.90 28.07 -1.81
O6 NAG H . -20.15 29.96 -3.05
O7 NAG H . -15.05 24.72 -1.25
C1 NAG I . 40.75 -9.02 17.99
C2 NAG I . 41.25 -10.38 17.61
C3 NAG I . 40.59 -11.43 18.49
C4 NAG I . 40.67 -11.07 19.98
C5 NAG I . 40.60 -9.58 20.31
C6 NAG I . 41.38 -9.26 21.57
C7 NAG I . 42.02 -10.88 15.35
C8 NAG I . 41.62 -11.18 13.93
N2 NAG I . 41.03 -10.68 16.21
O3 NAG I . 41.26 -12.67 18.29
O4 NAG I . 39.59 -11.71 20.65
O5 NAG I . 41.15 -8.73 19.29
O6 NAG I . 41.37 -7.86 21.87
O7 NAG I . 43.20 -10.82 15.69
C1 SIA J . 47.62 15.96 -11.79
C2 SIA J . 48.99 15.45 -12.12
C3 SIA J . 49.94 15.68 -10.94
C4 SIA J . 49.60 14.86 -9.76
C5 SIA J . 49.49 13.43 -10.11
C6 SIA J . 48.49 13.22 -11.19
C7 SIA J . 48.28 11.75 -11.50
C8 SIA J . 47.15 11.64 -12.49
C9 SIA J . 46.98 10.15 -12.94
C10 SIA J . 50.14 11.70 -8.38
C11 SIA J . 51.51 11.61 -9.08
N5 SIA J . 49.13 12.62 -8.91
O1A SIA J . 47.48 16.78 -10.84
O1B SIA J . 46.64 15.59 -12.45
O4 SIA J . 50.59 15.04 -8.73
O6 SIA J . 48.89 13.94 -12.39
O7 SIA J . 49.44 11.20 -12.04
O8 SIA J . 45.98 12.07 -11.89
O9 SIA J . 46.21 10.10 -14.14
O10 SIA J . 49.90 11.02 -7.40
C1 NAG K . -28.21 -15.28 32.73
C2 NAG K . -28.28 -16.41 33.76
C3 NAG K . -28.22 -17.77 33.06
C4 NAG K . -29.33 -17.86 32.02
C5 NAG K . -29.24 -16.69 31.04
C6 NAG K . -30.38 -16.67 30.06
C7 NAG K . -27.47 -16.21 36.06
C8 NAG K . -26.27 -16.12 36.95
N2 NAG K . -27.23 -16.29 34.75
O3 NAG K . -28.37 -18.80 34.02
O4 NAG K . -29.24 -19.10 31.32
O5 NAG K . -29.27 -15.44 31.75
O6 NAG K . -30.25 -15.60 29.13
O7 NAG K . -28.61 -16.21 36.51
C1 NAG L . -15.03 -0.20 29.64
C2 NAG L . -14.01 -0.93 28.77
C3 NAG L . -12.98 -1.63 29.67
C4 NAG L . -12.42 -0.67 30.72
C5 NAG L . -13.53 0.11 31.42
C6 NAG L . -13.02 1.22 32.32
C7 NAG L . -14.18 -2.17 26.66
C8 NAG L . -14.94 -3.20 25.88
N2 NAG L . -14.64 -1.89 27.88
O3 NAG L . -11.91 -2.17 28.89
O4 NAG L . -11.71 -1.40 31.71
O5 NAG L . -14.38 0.74 30.44
O6 NAG L . -14.09 1.84 33.02
O7 NAG L . -13.18 -1.62 26.19
C1 NAG M . 19.89 -32.56 -23.92
C2 NAG M . 20.42 -31.97 -25.20
C3 NAG M . 19.27 -31.85 -26.19
C4 NAG M . 18.68 -33.22 -26.48
C5 NAG M . 18.30 -33.96 -25.19
C6 NAG M . 18.11 -35.44 -25.42
C7 NAG M . 22.41 -30.55 -25.21
C8 NAG M . 22.95 -29.17 -25.01
N2 NAG M . 21.08 -30.70 -25.02
O3 NAG M . 19.76 -31.27 -27.41
O4 NAG M . 17.51 -33.09 -27.28
O5 NAG M . 19.33 -33.85 -24.17
O6 NAG M . 16.83 -35.90 -25.03
O7 NAG M . 23.11 -31.50 -25.54
C1 NAG N . -41.68 -0.40 -18.00
C2 NAG N . -42.24 -0.93 -19.37
C3 NAG N . -42.37 0.17 -20.43
C4 NAG N . -42.91 1.47 -19.87
C5 NAG N . -42.05 1.86 -18.69
C6 NAG N . -42.43 3.19 -18.07
C7 NAG N . -41.03 -3.10 -19.22
C8 NAG N . -40.15 -4.06 -19.96
N2 NAG N . -41.39 -2.00 -19.88
O3 NAG N . -43.24 -0.29 -21.46
O4 NAG N . -42.86 2.49 -20.86
O5 NAG N . -42.26 0.86 -17.69
O6 NAG N . -41.51 3.57 -17.06
O7 NAG N . -41.42 -3.34 -18.07
C1 NAG O . -30.27 -11.31 -6.67
C2 NAG O . -28.84 -11.34 -7.26
C3 NAG O . -28.79 -12.34 -8.44
C4 NAG O . -29.48 -13.67 -8.10
C5 NAG O . -30.81 -13.45 -7.40
C6 NAG O . -31.44 -14.71 -6.86
C7 NAG O . -27.90 -9.09 -6.92
C8 NAG O . -27.51 -7.80 -7.58
N2 NAG O . -28.43 -10.02 -7.72
O3 NAG O . -27.45 -12.58 -8.82
O4 NAG O . -29.73 -14.39 -9.30
O5 NAG O . -30.60 -12.60 -6.27
O6 NAG O . -32.49 -14.40 -5.94
O7 NAG O . -27.74 -9.28 -5.71
C1 NAG P . 31.75 18.66 -26.47
C2 NAG P . 33.09 18.90 -25.79
C3 NAG P . 33.06 20.22 -25.00
C4 NAG P . 32.65 21.36 -25.92
C5 NAG P . 31.31 21.04 -26.59
C6 NAG P . 30.90 22.07 -27.62
C7 NAG P . 34.66 17.19 -24.98
C8 NAG P . 34.87 16.08 -24.01
N2 NAG P . 33.46 17.80 -24.92
O3 NAG P . 34.34 20.47 -24.44
O4 NAG P . 32.53 22.56 -25.18
O5 NAG P . 31.41 19.78 -27.29
O6 NAG P . 31.23 21.66 -28.94
O7 NAG P . 35.52 17.54 -25.78
C1 SIA Q . 28.80 -22.53 -36.36
C2 SIA Q . 30.10 -21.96 -36.88
C3 SIA Q . 29.94 -21.12 -38.16
C4 SIA Q . 30.02 -19.64 -38.04
C5 SIA Q . 30.91 -19.14 -36.97
C6 SIA Q . 30.58 -19.82 -35.69
C7 SIA Q . 31.29 -19.19 -34.49
C8 SIA Q . 31.98 -20.24 -33.65
C9 SIA Q . 31.85 -19.81 -32.16
C10 SIA Q . 31.81 -16.74 -37.27
C11 SIA Q . 33.14 -17.32 -37.83
N5 SIA Q . 30.75 -17.65 -36.85
O1A SIA Q . 27.88 -21.76 -35.96
O1B SIA Q . 28.63 -23.77 -36.34
O4 SIA Q . 30.48 -19.11 -39.31
O6 SIA Q . 30.90 -21.23 -35.78
O7 SIA Q . 32.24 -18.24 -34.86
O8 SIA Q . 31.36 -21.47 -33.79
O9 SIA Q . 31.03 -20.74 -31.45
O10 SIA Q . 31.67 -15.53 -37.17
#